data_6SPC
#
_entry.id   6SPC
#
_cell.length_a   1.00
_cell.length_b   1.00
_cell.length_c   1.00
_cell.angle_alpha   90.00
_cell.angle_beta   90.00
_cell.angle_gamma   90.00
#
_symmetry.space_group_name_H-M   'P 1'
#
loop_
_entity.id
_entity.type
_entity.pdbx_description
1 polymer '16S rRNA'
2 polymer '30S ribosomal protein S2'
3 polymer '30S ribosomal protein S3'
4 polymer '30S ribosomal protein S4'
5 polymer '30S ribosomal protein S5'
6 polymer '30S ribosomal protein S6'
7 polymer '30S ribosomal protein S7'
8 polymer '30S ribosomal protein S8'
9 polymer '30S ribosomal protein S9'
10 polymer '30S ribosomal protein S10'
11 polymer '30S ribosomal protein S11'
12 polymer '30S ribosomal protein S12'
13 polymer '30S ribosomal protein S13'
14 polymer '30S ribosomal protein S14'
15 polymer '30S ribosomal protein S15'
16 polymer '30S ribosomal protein S16'
17 polymer '30S ribosomal protein S17'
18 polymer '30S ribosomal protein S18'
19 polymer '30S ribosomal protein S19'
20 polymer '30S ribosomal protein S20'
21 polymer '30S ribosomal protein S21'
#
loop_
_entity_poly.entity_id
_entity_poly.type
_entity_poly.pdbx_seq_one_letter_code
_entity_poly.pdbx_strand_id
1 'polyribonucleotide'
;AAAGAGUUUGAUCAUGGCUCAGAUUGAACGCUGGCGGCAGGCCUAACAAUGCAAGUCAGCGGAUAAAGGGAGCUUGCUCC
UGGAUUCAGCGGCAGACGGGUGAGUAAUGCCUAGGAAUCUGCCUGGUAGUGGGGGAUAACGUCCGGAAACGGGCGCUAAU
ACCGCAUACGUCCUGAGGGAGAAAGUGGGGGAUCUUCGGACCUCACGCUAUCAGAUGAGCCUAGGUCGGAUUAGCUAGUU
GGUGGGGUAAAGGCCUACCAAGGCGACGAUCCGUAACUGGUCUGAGAGGAUGAUCAGUCACACUGGAACUGAGACACGGU
CCAGACUCCUACGGGAGGCAGCAGUGGGGAAUAUUGGACAAUGGGCGAAAGCCUGAUCCAGCCAUGCCGCGUGUGUGAAG
AAGGUCUUCGGAUUGUAAAGCACUUUAAGUUGGGAGGAAGGGCAGUAAGUUAAUACCUUGCUGUUUUGACGUUACCAACA
GAAUAAGCACCGGCUAACUUCGUGCCAGCAGCCGCGGUAAUACGAAGGGUGCAAGCGUUAAUCGGAAUUACUGGGCGUAA
AGCGCGCGUAGGUGGUUCAGCAAGUUGGAUGUGAAAUCCCCGGGCUCAACCUGGGAACUGCAUCCAAAACUACUGAGCUA
GAGUACGGUAGAGGGUGGUGGAAUUUCCUGUGUAGCGGUGAAAUGCGUAGAUAUAGGAAGGAACACCAGUGGCGAAGGCG
ACCACCUGGACUGAUACUGACACUGAGGUGCGAAAGCGUGGGGAGCAAACAGGAUUAGAUACCCUGGUAGUCCACGCCGU
AAACGAUGUCGACUAGCCGUUGGGAUCCUUGAGAUCUUAGUGGCGCAGCUAACGCGAUAAGUCGACCGCCUGGGGAGUAC
GGCCGCAAGGUUAAAACUCAAAUGAAUUGACGGGGGCCCGCACAAGCGGUGGAGCAUGUGGUUUAAUUCGAAGCAACGCG
AAGAACCUUACCUGGCCUUGACAUGCUGAGAACUUUCCAGAGAUGGAUUGGUGCCUUCGGGAACUCAGACACAGGUGCUG
CAUGGCUGUCGUCAGCUCGUGUCGUGAGAUGUUGGGUUAAGUCCCGUAACGAGCGCAACCCUUGUCCUUAGUUACCAGCA
CCUCGGGUGGGCACUCUAAGGAGACUGCCGGUGACAAACCGGAGGAAGGUGGGGAUGACGUCAAGUCAUCAUGGCCCUUA
CGGCCAGGGCUACACACGUGCUACAAUGGUCGGUACAAAGGGUUGCCAAGCCGCGAGGUGGAGCUAAUCCCAUAAAACCG
AUCGUAGUCCGGAUCGCAGUCUGCAACUCGACUGCGUGAAGUCGGAAUCGCUAGUAAUCGUGAAUCAGAAUGUCACGGUG
AAUACGUUCCCGGGCCUUGUACACACCGCCCGUCACACCAUGGGAGUGGGUUGCUCCAGAAGUAGCUAGUCUAACCGCAA
GGGGGACGGUUACCACGGAGUGAUUCAUGACUGGGGUGAAGUCGUAACAAGGUAGCCGUAGGGGAACCUGCGGCUGGAU
;
a
2 'polypeptide(L)'
;QVNMRDMLKAGVHFGHQTRYWNPKMGKFIFGARNKIHIINLEKTLPMFNEALTFVERLAAGKNKILFVGTKRSAGKIVRE
EAARCGMPYVDHRWLGGMLTNYKTIRQSIKRLRDLETQSQDGTKKEALMRSRDLEKLERSLGGIKDMGGLPDALFVIDVD
HERIAITEANKLGIPVIGVVDTNSSPEGVDYVIPGNDDAIRAVQLYLNSMAEAVIRGKQGA
;
b
3 'polypeptide(L)'
;VHPNGIRLGIVKEHTSVWYADRKNYADYLFADLKVREYLQDKLKSASVSRIDIHRPAQTARITIHTARPGIVIGKKGEDV
EKLRQDLTKQMGVPVHINIEEIRKPELDAMLVAQSVAQQLERRVMFRRAMKRAVQNAMRIGAKGIKIQVSGRLGGAEIAR
TEWYREGRVPLHTLRADIDYATYEAHTTYGVIGVKVWIFKGEV
;
c
4 'polypeptide(L)'
;ARYIGPKCKLSRREGTDLFLKSGARALDSKCKAENVPGQHGQRRGRLSDYGLQLREKQKVRRIYGVLERQFRGYYQEASR
RKGSTGENLLQLLECRLDNVVYRMGFGSTRSESRQLVSHKAITVNGQTVNIPSYQVKAGDVVAVREKSKNQLRIAQALEL
CGQRGRVEWVEVDLDKKAGTFKSAPARSDLSADINENLIVELYSK
;
d
5 'polypeptide(L)'
;GYIEKLVQVNRVAKTVKGGRIFAFTALTVVGDGKGRVGFGRGKAREVPAAIQKAMEAARRNMIQVDLNGTTLQYPTKSAH
GASKVYMQPASEGTGIIAGGAMRAVLEVAGVQNVLAKCYGSTNPVNVVYATFKGLKNMQPEAVAAKRGK
;
e
6 'polypeptide(L)'
;RHYEIVFLVHPDQSEQVGGMVERYTKAIEEDGGKIHRLEDWGRRQLAYAINNVHKAHYVLMNVECSAKALAELEDNFRAN
DAVIRNLVMRRDEAVTEQSE
;
f
7 'polypeptide(L)'
;RRRVAAKREVLADPKYGSQILAKFMNHVMESGKKAVAERIVYGALDKVKERGKADPLETFEKALDAIAPLVEVKSRRVGG
ATYQVPVEVRPSRRNALAMRWLVDFARKRGEKSMALRLAGELLDAAEGKGAAVKKREDVHRMAEANKAFSHYRF
;
g
8 'polypeptide(L)'
;SMQDPLADMLTRIRNAQMAEKTVVSMPSSKLKAAVAKVLKDEGYIADFQISSEVKPQLSIELKYFEGKPVIEEVKRISRP
GLRQYKSVEQLPAVRGGLGVSIVSTNKGVMTDRAARAAGVGGEVV
;
h
9 'polypeptide(L)'
;ATQNYGTGRRKTATARVFLRPGTGKISINNRGLDQFFGRETARMVVRQPLELTETVEKFDIFVTVVGGGVSGQAGAIRHG
ITRALIEYDETLRSSLRKAGYVTRDAREVERKKVGLRKARKRPQYS
;
i
10 'polypeptide(L)'
;IRLKAFDHRLIDQSTQEIVETAKRTGAQVRGPIPLPTRKERFTVLISPHVNKDARDQYEIRTHKRVLDIVQPTDKTVDAL
MKLDLAAGVEVQISLG
;
j
11 'polypeptide(L)'
;KTVVDGIAHIHASFNNTIVTITDRQGNALSWATSGGSGFRGSRKSTPFAAQVAAERAGQAALEYGLKNLDVNVKGPGPGR
ESAVRALNACGYKIASITDVTPIPHNGCRPPKKRR
;
k
12 'polypeptide(L)'
;ATINQLVRKPRKRMVDKSDVPALQNCPQRRGVCTRVYTTTPKKPNSALRKVCRVRLTNGFEVSSYIGGEGHNLQEHSVVL
IRGGRVKDLPGVRYHTVRGSLDTSGVKDRKQGRSKYGAKR
;
l
13 'polypeptide(L)'
;RIAGVNIPDNKHTVISLTIYGVGRTTAQSICAATGVNPAAKIKDLSDEQIDQLRNEVAKITTEGDLRREINMNIKRLMDL
GCYRGLRHRRGLPVRGQRTKTNARTRKGP
;
m
14 'polypeptide(L)'
;KESMKNRELKRQLTVAKYAKKRAELKAIIANPNSSAEERWNAQVALQKQPRDASASRLRNRCRLTGRPHGFYRKFGLSRN
KLREAAMRGDVPGLVKAS
;
n
15 'polypeptide(L)'
;ALSVEEKAQIVNEYKQAEGDTGSPEVQVALLSANINKLQDHFKANGKDHHSRRGLIRMVNQRRKLLDYLKGKDVSRYTAL
IGRLGLR
;
o
16 'polypeptide(L)' MVTIRLARGGSKKRPFYHLTVTNSRNARDGRFVERIGFFNPVATGGEVRLSVDQERATYWLGQGAQPSERVAQLLKDA p
17 'polypeptide(L)' RTLTGRVVSDKMDKTVTVLIERRVKHPIYGKYVKRSTKLHAHDESNQCRIGDLVTIRETRPLAKTKAWTLVDIVER q
18 'polypeptide(L)' KEIDYKDLNTLKAYVSETGKIVPSRITGTKAKYQRQLATAIKRARYLALLPYTDSH r
19 'polypeptide(L)' PRSLKKGPFIDLHLLKKVEVAVEKNDRKPIKTWSRRSMILPHMVGLTIAVHNGRQHVPVLVNEDMVGHKLGEFAATRTYR s
20 'polypeptide(L)'
;ANTPSAKKRAKQAEKRRSHNASLRSMVRTYIKNVVKAIDAKDLEKAQAAFTAAVPVIDRMADKGIIHKNKAARHKSRLSG
HIKALS
;
t
21 'polypeptide(L)' SREFYEKPTAERRRKAAAAVKRHAKKVQREQRRR u
#
# COMPACT_ATOMS: atom_id res chain seq x y z
N GLN B 1 19.30 -55.70 -7.00
CA GLN B 1 18.59 -54.88 -7.98
C GLN B 1 17.09 -55.16 -7.92
N VAL B 2 16.67 -56.21 -8.60
CA VAL B 2 15.28 -56.60 -8.66
C VAL B 2 14.96 -57.84 -7.83
N ASN B 3 15.35 -57.84 -6.55
CA ASN B 3 15.06 -58.98 -5.70
C ASN B 3 13.98 -58.63 -4.69
N MET B 4 12.87 -59.36 -4.77
CA MET B 4 11.74 -59.15 -3.88
C MET B 4 12.14 -59.12 -2.42
N ARG B 5 12.90 -60.13 -2.01
CA ARG B 5 13.32 -60.28 -0.61
C ARG B 5 13.81 -59.01 0.09
N ASP B 6 14.91 -58.44 -0.36
CA ASP B 6 15.45 -57.24 0.28
C ASP B 6 14.42 -56.13 0.28
N MET B 7 13.80 -55.91 -0.87
CA MET B 7 12.77 -54.88 -1.00
C MET B 7 11.66 -55.15 0.01
N LEU B 8 11.19 -56.40 0.05
CA LEU B 8 10.15 -56.77 0.99
C LEU B 8 10.63 -56.72 2.44
N LYS B 9 11.89 -57.06 2.69
CA LYS B 9 12.42 -57.06 4.05
C LYS B 9 12.78 -55.67 4.53
N ALA B 10 13.33 -54.87 3.63
CA ALA B 10 13.73 -53.51 3.94
C ALA B 10 12.71 -52.52 3.42
N GLY B 11 11.77 -52.13 4.28
CA GLY B 11 10.74 -51.17 3.94
C GLY B 11 10.07 -51.38 2.60
N VAL B 12 10.15 -50.37 1.74
CA VAL B 12 9.56 -50.37 0.40
C VAL B 12 8.05 -50.64 0.33
N HIS B 13 7.64 -51.88 0.48
CA HIS B 13 6.21 -52.20 0.38
C HIS B 13 5.32 -51.29 1.22
N PHE B 14 5.62 -51.15 2.51
CA PHE B 14 4.83 -50.28 3.36
C PHE B 14 4.61 -48.87 2.84
N GLY B 15 3.36 -48.44 2.86
CA GLY B 15 3.01 -47.10 2.45
C GLY B 15 2.50 -46.34 3.66
N HIS B 16 2.01 -45.14 3.43
CA HIS B 16 1.50 -44.34 4.53
C HIS B 16 0.10 -44.79 4.89
N GLN B 17 -0.34 -44.40 6.07
CA GLN B 17 -1.66 -44.77 6.54
C GLN B 17 -2.70 -44.29 5.54
N THR B 18 -3.67 -45.15 5.23
CA THR B 18 -4.74 -44.87 4.27
C THR B 18 -5.35 -43.46 4.24
N ARG B 19 -5.60 -42.87 5.41
CA ARG B 19 -6.16 -41.53 5.49
C ARG B 19 -5.29 -40.50 4.75
N TYR B 20 -3.98 -40.60 4.89
CA TYR B 20 -3.07 -39.68 4.20
C TYR B 20 -2.64 -40.40 2.95
N TRP B 21 -3.32 -40.15 1.85
CA TRP B 21 -2.99 -40.86 0.65
C TRP B 21 -3.42 -40.04 -0.54
N ASN B 22 -2.71 -40.17 -1.65
CA ASN B 22 -3.05 -39.42 -2.83
C ASN B 22 -3.83 -40.33 -3.74
N PRO B 23 -4.80 -39.77 -4.47
CA PRO B 23 -5.56 -40.56 -5.43
C PRO B 23 -4.85 -40.65 -6.78
N LYS B 24 -3.74 -39.93 -6.94
CA LYS B 24 -2.93 -39.99 -8.13
C LYS B 24 -2.04 -41.23 -8.03
N MET B 25 -1.76 -41.67 -6.80
CA MET B 25 -0.97 -42.84 -6.55
C MET B 25 -1.86 -44.05 -6.31
N GLY B 26 -2.90 -44.20 -7.11
CA GLY B 26 -3.82 -45.31 -6.96
C GLY B 26 -3.26 -46.48 -7.73
N LYS B 27 -2.70 -46.20 -8.90
CA LYS B 27 -2.12 -47.23 -9.76
C LYS B 27 -0.99 -48.01 -9.10
N PHE B 28 -0.18 -47.34 -8.29
CA PHE B 28 0.93 -47.99 -7.61
C PHE B 28 0.55 -48.52 -6.23
N ILE B 29 -0.62 -49.11 -6.09
CA ILE B 29 -1.06 -49.63 -4.80
C ILE B 29 -1.72 -50.99 -4.94
N PHE B 30 -1.20 -51.96 -4.19
CA PHE B 30 -1.71 -53.31 -4.24
C PHE B 30 -2.67 -53.56 -3.09
N GLY B 31 -3.64 -52.67 -2.93
CA GLY B 31 -4.63 -52.80 -1.88
C GLY B 31 -4.17 -52.22 -0.56
N ALA B 32 -4.68 -52.79 0.52
CA ALA B 32 -4.33 -52.32 1.86
C ALA B 32 -4.46 -53.44 2.88
N ARG B 33 -3.80 -53.26 4.03
CA ARG B 33 -3.86 -54.25 5.10
C ARG B 33 -3.57 -53.54 6.41
N ASN B 34 -4.33 -53.88 7.45
CA ASN B 34 -4.19 -53.27 8.77
C ASN B 34 -4.25 -51.75 8.72
N LYS B 35 -5.22 -51.22 7.99
CA LYS B 35 -5.40 -49.78 7.83
C LYS B 35 -4.12 -49.04 7.45
N ILE B 36 -3.50 -49.50 6.38
CA ILE B 36 -2.29 -48.91 5.82
C ILE B 36 -2.21 -49.38 4.38
N HIS B 37 -1.68 -48.56 3.48
CA HIS B 37 -1.62 -48.96 2.09
C HIS B 37 -0.34 -49.70 1.75
N ILE B 38 -0.46 -50.71 0.90
CA ILE B 38 0.70 -51.50 0.50
C ILE B 38 1.11 -51.16 -0.92
N ILE B 39 2.24 -50.49 -1.06
CA ILE B 39 2.72 -50.14 -2.38
C ILE B 39 2.92 -51.39 -3.20
N ASN B 40 2.59 -51.32 -4.48
CA ASN B 40 2.79 -52.45 -5.35
C ASN B 40 4.24 -52.56 -5.75
N LEU B 41 4.90 -53.63 -5.32
CA LEU B 41 6.31 -53.82 -5.64
C LEU B 41 6.51 -54.61 -6.92
N GLU B 42 5.41 -54.96 -7.57
CA GLU B 42 5.43 -55.66 -8.85
C GLU B 42 5.51 -54.66 -9.99
N LYS B 43 5.29 -53.39 -9.67
CA LYS B 43 5.37 -52.32 -10.65
C LYS B 43 6.48 -51.33 -10.30
N THR B 44 7.08 -51.52 -9.13
CA THR B 44 8.17 -50.70 -8.67
C THR B 44 9.40 -51.12 -9.44
N LEU B 45 9.64 -52.43 -9.42
CA LEU B 45 10.74 -53.11 -10.08
C LEU B 45 11.01 -52.55 -11.46
N PRO B 46 10.07 -52.78 -12.38
CA PRO B 46 10.14 -52.29 -13.76
C PRO B 46 10.56 -50.83 -13.82
N MET B 47 9.88 -49.96 -13.07
CA MET B 47 10.21 -48.54 -13.06
C MET B 47 11.57 -48.28 -12.44
N PHE B 48 11.88 -48.99 -11.36
CA PHE B 48 13.17 -48.81 -10.71
C PHE B 48 14.27 -48.78 -11.76
N ASN B 49 14.36 -49.87 -12.52
CA ASN B 49 15.36 -50.02 -13.57
C ASN B 49 15.41 -48.81 -14.49
N GLU B 50 14.26 -48.38 -14.99
CA GLU B 50 14.24 -47.21 -15.86
C GLU B 50 14.80 -46.02 -15.09
N ALA B 51 14.82 -46.13 -13.77
CA ALA B 51 15.37 -45.05 -12.98
C ALA B 51 16.86 -45.30 -12.89
N LEU B 52 17.23 -46.55 -12.78
CA LEU B 52 18.64 -46.93 -12.70
C LEU B 52 19.28 -46.84 -14.06
N THR B 53 18.57 -47.32 -15.08
CA THR B 53 19.06 -47.28 -16.44
C THR B 53 19.40 -45.85 -16.80
N PHE B 54 18.46 -44.94 -16.57
CA PHE B 54 18.67 -43.55 -16.87
C PHE B 54 19.91 -43.03 -16.15
N VAL B 55 19.92 -43.21 -14.83
CA VAL B 55 21.04 -42.74 -14.01
C VAL B 55 22.38 -43.30 -14.44
N GLU B 56 22.43 -44.58 -14.82
CA GLU B 56 23.68 -45.19 -15.24
C GLU B 56 24.06 -44.82 -16.67
N ARG B 57 23.09 -44.32 -17.44
CA ARG B 57 23.32 -43.90 -18.81
C ARG B 57 23.46 -42.39 -18.88
N LEU B 58 23.72 -41.78 -17.72
CA LEU B 58 23.89 -40.35 -17.58
C LEU B 58 25.34 -40.10 -17.22
N ALA B 59 25.92 -41.01 -16.44
CA ALA B 59 27.31 -40.91 -16.03
C ALA B 59 28.23 -41.53 -17.08
N ALA B 60 27.62 -42.26 -18.01
CA ALA B 60 28.34 -42.91 -19.10
C ALA B 60 28.65 -41.86 -20.15
N GLY B 61 27.78 -40.85 -20.22
CA GLY B 61 27.97 -39.72 -21.11
C GLY B 61 28.50 -38.52 -20.32
N LYS B 62 28.86 -38.76 -19.05
CA LYS B 62 29.38 -37.77 -18.11
C LYS B 62 28.44 -36.61 -17.77
N ASN B 63 27.64 -36.79 -16.73
CA ASN B 63 26.70 -35.76 -16.30
C ASN B 63 26.63 -35.69 -14.79
N LYS B 64 25.89 -34.71 -14.30
CA LYS B 64 25.75 -34.53 -12.85
C LYS B 64 24.34 -34.84 -12.37
N ILE B 65 24.25 -35.55 -11.25
CA ILE B 65 22.96 -35.89 -10.66
C ILE B 65 22.88 -35.47 -9.20
N LEU B 66 22.07 -34.45 -8.91
CA LEU B 66 21.92 -33.97 -7.54
C LEU B 66 21.22 -34.98 -6.66
N PHE B 67 21.73 -35.21 -5.46
CA PHE B 67 21.14 -36.17 -4.55
C PHE B 67 20.46 -35.48 -3.38
N VAL B 68 19.24 -35.02 -3.59
CA VAL B 68 18.50 -34.32 -2.53
C VAL B 68 17.90 -35.29 -1.54
N GLY B 69 17.89 -34.92 -0.26
CA GLY B 69 17.33 -35.76 0.77
C GLY B 69 17.56 -35.18 2.15
N THR B 70 17.05 -33.98 2.37
CA THR B 70 17.22 -33.31 3.66
C THR B 70 16.16 -33.69 4.67
N LYS B 71 16.25 -34.93 5.15
CA LYS B 71 15.27 -35.47 6.12
C LYS B 71 15.90 -36.29 7.24
N ARG B 72 15.44 -36.07 8.47
CA ARG B 72 16.01 -36.77 9.63
C ARG B 72 16.34 -38.23 9.34
N SER B 73 15.39 -38.93 8.75
CA SER B 73 15.57 -40.34 8.40
C SER B 73 16.73 -40.53 7.43
N ALA B 74 16.77 -39.74 6.36
CA ALA B 74 17.80 -39.84 5.34
C ALA B 74 18.96 -38.88 5.58
N GLY B 75 19.09 -38.39 6.80
CA GLY B 75 20.14 -37.45 7.15
C GLY B 75 21.47 -38.02 7.60
N LYS B 76 21.87 -39.13 7.00
CA LYS B 76 23.12 -39.81 7.33
C LYS B 76 23.42 -40.81 6.23
N ILE B 77 22.38 -41.28 5.56
CA ILE B 77 22.53 -42.24 4.47
C ILE B 77 22.81 -41.50 3.17
N VAL B 78 22.56 -40.21 3.16
CA VAL B 78 22.79 -39.38 1.97
C VAL B 78 24.10 -38.59 2.10
N ARG B 79 25.09 -39.27 2.68
CA ARG B 79 26.45 -38.83 2.89
C ARG B 79 27.32 -39.96 2.31
N GLU B 80 26.85 -41.20 2.49
CA GLU B 80 27.50 -42.38 1.95
C GLU B 80 26.61 -42.87 0.82
N GLU B 81 26.63 -42.12 -0.28
CA GLU B 81 25.81 -42.42 -1.45
C GLU B 81 26.66 -42.22 -2.68
N ALA B 82 26.04 -41.92 -3.82
CA ALA B 82 26.78 -41.65 -5.04
C ALA B 82 27.41 -40.26 -5.08
N ALA B 83 26.99 -39.37 -4.18
CA ALA B 83 27.55 -38.02 -4.10
C ALA B 83 28.94 -38.11 -3.50
N ARG B 84 29.16 -39.07 -2.61
CA ARG B 84 30.49 -39.28 -2.05
C ARG B 84 31.31 -40.07 -3.06
N CYS B 85 30.62 -40.82 -3.93
CA CYS B 85 31.20 -41.59 -5.02
C CYS B 85 31.33 -40.78 -6.32
N GLY B 86 31.14 -39.46 -6.24
CA GLY B 86 31.29 -38.58 -7.38
C GLY B 86 30.11 -37.73 -7.82
N MET B 87 29.22 -37.38 -6.90
CA MET B 87 28.04 -36.58 -7.27
C MET B 87 27.75 -35.36 -6.38
N PRO B 88 26.82 -34.50 -6.81
CA PRO B 88 26.51 -33.36 -5.95
C PRO B 88 25.35 -33.74 -5.06
N TYR B 89 25.26 -33.19 -3.86
CA TYR B 89 24.16 -33.53 -2.97
C TYR B 89 23.72 -32.43 -2.03
N VAL B 90 22.68 -32.72 -1.26
CA VAL B 90 22.15 -31.78 -0.30
C VAL B 90 21.49 -32.60 0.79
N ASP B 91 21.89 -32.36 2.03
CA ASP B 91 21.38 -33.15 3.15
C ASP B 91 20.68 -32.32 4.22
N HIS B 92 20.80 -31.00 4.16
CA HIS B 92 20.17 -30.18 5.18
C HIS B 92 19.56 -28.90 4.60
N ARG B 93 18.24 -28.90 4.53
CA ARG B 93 17.45 -27.77 4.06
C ARG B 93 17.67 -27.37 2.61
N TRP B 94 16.84 -27.85 1.70
CA TRP B 94 16.99 -27.42 0.33
C TRP B 94 16.63 -25.94 0.28
N LEU B 95 17.63 -25.06 0.30
CA LEU B 95 17.37 -23.63 0.28
C LEU B 95 16.57 -23.26 -0.94
N GLY B 96 15.42 -22.65 -0.74
CA GLY B 96 14.59 -22.27 -1.86
C GLY B 96 15.27 -21.22 -2.71
N GLY B 97 16.01 -21.66 -3.71
CA GLY B 97 16.71 -20.72 -4.53
C GLY B 97 17.66 -21.43 -5.45
N MET B 98 18.31 -22.47 -4.96
CA MET B 98 19.24 -23.26 -5.77
C MET B 98 18.56 -23.76 -7.03
N LEU B 99 19.28 -23.69 -8.13
CA LEU B 99 18.89 -24.05 -9.51
C LEU B 99 18.06 -22.99 -10.25
N THR B 100 17.11 -22.34 -9.59
CA THR B 100 16.35 -21.30 -10.28
C THR B 100 17.03 -19.97 -10.11
N ASN B 101 17.58 -19.78 -8.92
CA ASN B 101 18.29 -18.56 -8.55
C ASN B 101 19.67 -19.04 -8.22
N TYR B 102 20.25 -19.79 -9.14
CA TYR B 102 21.56 -20.36 -8.94
C TYR B 102 22.68 -19.32 -8.99
N LYS B 103 22.44 -18.23 -9.70
CA LYS B 103 23.43 -17.16 -9.82
C LYS B 103 23.71 -16.50 -8.48
N THR B 104 22.71 -16.39 -7.62
CA THR B 104 22.90 -15.78 -6.31
C THR B 104 23.41 -16.83 -5.33
N ILE B 105 23.13 -18.09 -5.63
CA ILE B 105 23.59 -19.19 -4.80
C ILE B 105 24.99 -19.63 -5.22
N ARG B 106 25.41 -19.12 -6.37
CA ARG B 106 26.72 -19.39 -6.90
C ARG B 106 27.70 -18.58 -6.10
N GLN B 107 27.34 -17.33 -5.83
CA GLN B 107 28.21 -16.43 -5.07
C GLN B 107 28.01 -16.49 -3.55
N SER B 108 28.09 -17.70 -3.01
CA SER B 108 27.98 -17.94 -1.59
C SER B 108 28.50 -19.33 -1.29
N ILE B 109 29.42 -19.78 -2.13
CA ILE B 109 30.16 -21.00 -1.87
C ILE B 109 31.49 -20.70 -1.19
N LYS B 110 31.72 -19.42 -0.88
CA LYS B 110 32.93 -18.95 -0.24
C LYS B 110 32.66 -18.46 1.17
N ARG B 111 33.05 -19.28 2.16
CA ARG B 111 32.88 -18.97 3.57
C ARG B 111 34.25 -18.95 4.21
N LEU B 112 35.07 -19.91 3.79
CA LEU B 112 36.45 -20.04 4.22
C LEU B 112 37.37 -19.85 3.01
N ARG B 113 36.78 -19.92 1.81
CA ARG B 113 37.55 -19.77 0.59
C ARG B 113 38.48 -18.56 0.62
N ASP B 114 37.95 -17.40 0.96
CA ASP B 114 38.77 -16.19 0.98
C ASP B 114 39.39 -15.93 2.36
N LEU B 115 39.79 -17.01 3.03
CA LEU B 115 40.41 -16.94 4.36
C LEU B 115 41.10 -18.25 4.64
N GLU B 116 41.80 -18.78 3.64
CA GLU B 116 42.50 -20.04 3.79
C GLU B 116 43.93 -19.84 4.30
N THR B 117 44.07 -18.98 5.30
CA THR B 117 45.36 -18.70 5.90
C THR B 117 45.15 -18.52 7.40
N GLN B 118 44.21 -17.65 7.74
CA GLN B 118 43.88 -17.37 9.12
C GLN B 118 42.81 -18.34 9.64
N SER B 119 42.27 -19.15 8.73
CA SER B 119 41.27 -20.17 9.10
C SER B 119 41.99 -21.38 9.69
N GLN B 120 43.26 -21.53 9.29
CA GLN B 120 44.13 -22.57 9.80
C GLN B 120 45.05 -21.99 10.88
N ASP B 121 44.99 -20.67 11.06
CA ASP B 121 45.77 -19.93 12.04
C ASP B 121 45.06 -19.96 13.39
N GLY B 122 43.75 -20.19 13.36
CA GLY B 122 42.96 -20.25 14.57
C GLY B 122 43.14 -19.03 15.45
N THR B 123 43.85 -13.68 14.87
CA THR B 123 42.87 -13.09 15.77
C THR B 123 42.33 -14.11 16.78
N LYS B 124 41.16 -13.84 17.35
CA LYS B 124 40.59 -14.75 18.34
C LYS B 124 39.06 -14.69 18.37
N LYS B 125 38.52 -13.56 18.80
CA LYS B 125 37.08 -13.38 18.87
C LYS B 125 36.52 -13.09 17.49
N GLU B 126 37.34 -12.45 16.65
CA GLU B 126 36.90 -12.09 15.30
C GLU B 126 36.96 -13.28 14.33
N ALA B 127 37.53 -14.38 14.80
CA ALA B 127 37.64 -15.59 14.00
C ALA B 127 36.68 -16.66 14.51
N LEU B 128 36.47 -16.70 15.82
CA LEU B 128 35.60 -17.70 16.44
C LEU B 128 34.16 -17.66 15.95
N MET B 129 33.65 -16.48 15.63
CA MET B 129 32.27 -16.34 15.14
C MET B 129 32.18 -16.70 13.67
N ARG B 130 33.32 -16.67 12.98
CA ARG B 130 33.39 -17.06 11.59
C ARG B 130 33.71 -18.56 11.57
N SER B 131 34.46 -19.01 12.58
CA SER B 131 34.79 -20.41 12.71
C SER B 131 33.49 -21.14 12.99
N ARG B 132 32.71 -20.58 13.92
CA ARG B 132 31.41 -21.14 14.27
C ARG B 132 30.51 -21.13 13.04
N ASP B 133 30.52 -20.03 12.31
CA ASP B 133 29.70 -19.90 11.11
C ASP B 133 30.37 -20.31 9.81
N LEU B 134 31.35 -21.19 9.92
CA LEU B 134 32.01 -21.76 8.75
C LEU B 134 31.21 -23.04 8.44
N GLU B 135 30.74 -23.71 9.50
CA GLU B 135 29.94 -24.92 9.39
C GLU B 135 28.56 -24.58 8.83
N LYS B 136 28.08 -23.38 9.12
CA LYS B 136 26.77 -22.97 8.63
C LYS B 136 26.73 -23.18 7.13
N LEU B 137 27.70 -22.60 6.43
CA LEU B 137 27.78 -22.71 4.98
C LEU B 137 28.27 -24.11 4.57
N GLU B 138 28.88 -24.81 5.53
CA GLU B 138 29.39 -26.16 5.34
C GLU B 138 28.28 -27.19 5.49
N ARG B 139 27.16 -26.76 6.06
CA ARG B 139 26.01 -27.65 6.26
C ARG B 139 24.99 -27.51 5.15
N SER B 140 24.57 -26.28 4.88
CA SER B 140 23.58 -26.02 3.84
C SER B 140 24.12 -26.25 2.43
N LEU B 141 25.13 -25.46 2.05
CA LEU B 141 25.69 -25.57 0.72
C LEU B 141 26.87 -26.55 0.66
N GLY B 142 27.24 -27.07 1.83
CA GLY B 142 28.37 -27.99 1.95
C GLY B 142 28.55 -29.07 0.91
N GLY B 143 27.46 -29.74 0.53
CA GLY B 143 27.53 -30.80 -0.45
C GLY B 143 27.35 -30.34 -1.89
N ILE B 144 27.34 -29.03 -2.10
CA ILE B 144 27.18 -28.50 -3.45
C ILE B 144 28.43 -27.73 -3.85
N LYS B 145 29.54 -28.05 -3.19
CA LYS B 145 30.81 -27.39 -3.47
C LYS B 145 31.14 -27.53 -4.95
N ASP B 146 31.22 -28.77 -5.41
CA ASP B 146 31.51 -29.06 -6.81
C ASP B 146 30.18 -29.24 -7.52
N MET B 147 29.99 -28.52 -8.62
CA MET B 147 28.76 -28.63 -9.41
C MET B 147 28.94 -28.14 -10.83
N GLY B 148 29.80 -27.14 -11.00
CA GLY B 148 30.07 -26.56 -12.31
C GLY B 148 28.79 -26.16 -13.02
N GLY B 149 28.01 -25.30 -12.37
CA GLY B 149 26.74 -24.86 -12.92
C GLY B 149 25.62 -25.74 -12.40
N LEU B 150 24.58 -25.93 -13.22
CA LEU B 150 23.45 -26.76 -12.83
C LEU B 150 23.74 -28.21 -13.09
N PRO B 151 22.85 -29.09 -12.63
CA PRO B 151 22.96 -30.52 -12.88
C PRO B 151 22.15 -30.87 -14.11
N ASP B 152 21.98 -32.16 -14.39
CA ASP B 152 21.20 -32.60 -15.53
C ASP B 152 20.13 -33.60 -15.11
N ALA B 153 20.12 -33.93 -13.82
CA ALA B 153 19.15 -34.85 -13.26
C ALA B 153 19.12 -34.66 -11.75
N LEU B 154 17.95 -34.77 -11.16
CA LEU B 154 17.79 -34.62 -9.73
C LEU B 154 17.28 -35.93 -9.19
N PHE B 155 17.70 -36.31 -8.00
CA PHE B 155 17.23 -37.56 -7.41
C PHE B 155 16.77 -37.40 -5.98
N VAL B 156 15.50 -37.07 -5.81
CA VAL B 156 14.92 -36.88 -4.49
C VAL B 156 14.43 -38.20 -3.93
N ILE B 157 14.59 -38.40 -2.63
CA ILE B 157 14.16 -39.65 -2.02
C ILE B 157 12.92 -39.51 -1.15
N ASP B 158 12.19 -38.41 -1.32
CA ASP B 158 10.94 -38.14 -0.59
C ASP B 158 10.27 -36.94 -1.24
N VAL B 159 9.63 -37.16 -2.38
CA VAL B 159 8.98 -36.09 -3.13
C VAL B 159 8.02 -35.17 -2.38
N ASP B 160 7.29 -35.69 -1.41
CA ASP B 160 6.36 -34.87 -0.65
C ASP B 160 7.10 -33.90 0.27
N HIS B 161 8.18 -34.37 0.88
CA HIS B 161 8.98 -33.56 1.78
C HIS B 161 9.83 -32.54 1.05
N GLU B 162 10.48 -32.97 -0.02
CA GLU B 162 11.31 -32.08 -0.81
C GLU B 162 10.55 -31.66 -2.03
N ARG B 163 9.36 -31.11 -1.83
CA ARG B 163 8.51 -30.68 -2.92
C ARG B 163 8.99 -29.40 -3.58
N ILE B 164 9.67 -28.55 -2.83
CA ILE B 164 10.18 -27.30 -3.40
C ILE B 164 11.23 -27.61 -4.43
N ALA B 165 12.09 -28.57 -4.10
CA ALA B 165 13.18 -29.00 -4.97
C ALA B 165 12.69 -29.29 -6.38
N ILE B 166 11.65 -30.10 -6.48
CA ILE B 166 11.08 -30.48 -7.77
C ILE B 166 10.41 -29.36 -8.55
N THR B 167 9.98 -28.30 -7.86
CA THR B 167 9.33 -27.20 -8.54
C THR B 167 10.33 -26.42 -9.36
N GLU B 168 11.56 -26.34 -8.87
CA GLU B 168 12.62 -25.61 -9.57
C GLU B 168 13.17 -26.46 -10.68
N ALA B 169 13.36 -27.75 -10.40
CA ALA B 169 13.87 -28.68 -11.39
C ALA B 169 12.98 -28.63 -12.62
N ASN B 170 11.67 -28.77 -12.40
CA ASN B 170 10.70 -28.72 -13.47
C ASN B 170 10.65 -27.35 -14.15
N LYS B 171 10.85 -26.30 -13.38
CA LYS B 171 10.83 -24.94 -13.92
C LYS B 171 11.92 -24.76 -14.96
N LEU B 172 13.10 -25.30 -14.69
CA LEU B 172 14.22 -25.19 -15.61
C LEU B 172 14.11 -26.26 -16.70
N GLY B 173 13.83 -27.48 -16.30
CA GLY B 173 13.68 -28.56 -17.26
C GLY B 173 14.43 -29.83 -16.93
N ILE B 174 15.34 -29.76 -15.95
CA ILE B 174 16.11 -30.93 -15.58
C ILE B 174 15.26 -32.04 -15.00
N PRO B 175 15.34 -33.24 -15.61
CA PRO B 175 14.60 -34.44 -15.19
C PRO B 175 14.77 -34.79 -13.71
N VAL B 176 13.73 -35.31 -13.09
CA VAL B 176 13.76 -35.66 -11.67
C VAL B 176 13.41 -37.10 -11.38
N ILE B 177 14.36 -37.86 -10.86
CA ILE B 177 14.12 -39.24 -10.48
C ILE B 177 13.66 -39.14 -9.03
N GLY B 178 12.61 -39.84 -8.65
CA GLY B 178 12.18 -39.71 -7.28
C GLY B 178 11.34 -40.80 -6.68
N VAL B 179 11.57 -41.05 -5.40
CA VAL B 179 10.80 -42.05 -4.70
C VAL B 179 9.51 -41.36 -4.29
N VAL B 180 8.38 -41.95 -4.65
CA VAL B 180 7.10 -41.38 -4.29
C VAL B 180 6.37 -42.36 -3.41
N ASP B 181 6.08 -41.95 -2.18
CA ASP B 181 5.37 -42.79 -1.24
C ASP B 181 3.88 -42.62 -1.50
N THR B 182 3.05 -43.47 -0.91
CA THR B 182 1.60 -43.41 -1.10
C THR B 182 0.95 -42.06 -0.83
N ASN B 183 1.43 -41.34 0.19
CA ASN B 183 0.86 -40.04 0.54
C ASN B 183 1.41 -38.88 -0.27
N SER B 184 2.35 -39.15 -1.17
CA SER B 184 2.90 -38.09 -2.00
C SER B 184 2.25 -38.12 -3.36
N SER B 185 2.61 -37.19 -4.23
CA SER B 185 2.00 -37.16 -5.56
C SER B 185 3.04 -37.27 -6.65
N PRO B 186 2.86 -38.24 -7.56
CA PRO B 186 3.74 -38.52 -8.69
C PRO B 186 3.49 -37.60 -9.87
N GLU B 187 3.69 -36.30 -9.67
CA GLU B 187 3.45 -35.34 -10.73
C GLU B 187 4.59 -34.36 -10.76
N GLY B 188 5.39 -34.41 -11.80
CA GLY B 188 6.51 -33.51 -11.92
C GLY B 188 7.81 -34.28 -11.90
N VAL B 189 7.75 -35.51 -11.40
CA VAL B 189 8.93 -36.36 -11.33
C VAL B 189 9.01 -37.12 -12.64
N ASP B 190 10.02 -36.79 -13.45
CA ASP B 190 10.20 -37.43 -14.74
C ASP B 190 10.23 -38.95 -14.63
N TYR B 191 11.10 -39.48 -13.77
CA TYR B 191 11.18 -40.90 -13.57
C TYR B 191 10.76 -41.23 -12.15
N VAL B 192 9.62 -41.88 -12.01
CA VAL B 192 9.08 -42.20 -10.70
C VAL B 192 9.60 -43.51 -10.11
N ILE B 193 9.54 -43.60 -8.79
CA ILE B 193 9.98 -44.80 -8.07
C ILE B 193 9.03 -45.03 -6.92
N PRO B 194 7.86 -45.61 -7.21
CA PRO B 194 6.84 -45.84 -6.18
C PRO B 194 7.32 -46.71 -5.04
N GLY B 195 7.72 -46.13 -3.91
CA GLY B 195 8.17 -46.94 -2.79
C GLY B 195 8.25 -46.21 -1.47
N ASN B 196 8.36 -46.97 -0.39
CA ASN B 196 8.46 -46.39 0.94
C ASN B 196 9.61 -45.42 1.05
N ASP B 197 9.39 -44.30 1.72
CA ASP B 197 10.44 -43.30 1.90
C ASP B 197 10.51 -42.82 3.35
N ASP B 198 10.34 -43.73 4.29
CA ASP B 198 10.36 -43.37 5.69
C ASP B 198 11.31 -44.25 6.50
N ALA B 199 11.32 -45.53 6.19
CA ALA B 199 12.17 -46.47 6.90
C ALA B 199 13.61 -46.36 6.42
N ILE B 200 14.56 -46.38 7.34
CA ILE B 200 15.95 -46.30 6.94
C ILE B 200 16.27 -47.41 5.94
N ARG B 201 15.91 -48.64 6.30
CA ARG B 201 16.21 -49.79 5.46
C ARG B 201 15.96 -49.53 3.98
N ALA B 202 14.80 -48.97 3.67
CA ALA B 202 14.46 -48.66 2.29
C ALA B 202 15.29 -47.48 1.81
N VAL B 203 15.57 -46.54 2.70
CA VAL B 203 16.35 -45.36 2.33
C VAL B 203 17.70 -45.72 1.71
N GLN B 204 18.40 -46.68 2.29
CA GLN B 204 19.68 -47.12 1.74
C GLN B 204 19.47 -47.85 0.42
N LEU B 205 18.41 -48.62 0.34
CA LEU B 205 18.11 -49.42 -0.86
C LEU B 205 18.18 -48.67 -2.18
N TYR B 206 17.65 -47.46 -2.23
CA TYR B 206 17.69 -46.70 -3.47
C TYR B 206 19.04 -46.02 -3.56
N LEU B 207 19.47 -45.42 -2.45
CA LEU B 207 20.75 -44.72 -2.41
C LEU B 207 21.90 -45.64 -2.81
N ASN B 208 21.97 -46.82 -2.20
CA ASN B 208 23.03 -47.78 -2.50
C ASN B 208 22.93 -48.34 -3.91
N SER B 209 21.73 -48.43 -4.45
CA SER B 209 21.55 -48.91 -5.81
C SER B 209 21.79 -47.78 -6.80
N MET B 210 21.71 -46.54 -6.31
CA MET B 210 21.98 -45.40 -7.17
C MET B 210 23.47 -45.05 -7.05
N ALA B 211 24.06 -45.42 -5.91
CA ALA B 211 25.47 -45.19 -5.69
C ALA B 211 26.19 -46.13 -6.64
N GLU B 212 25.71 -47.37 -6.69
CA GLU B 212 26.27 -48.39 -7.56
C GLU B 212 25.91 -48.15 -9.03
N ALA B 213 24.84 -47.41 -9.29
CA ALA B 213 24.41 -47.13 -10.65
C ALA B 213 25.47 -46.28 -11.33
N VAL B 214 25.97 -45.29 -10.61
CA VAL B 214 27.01 -44.42 -11.16
C VAL B 214 28.37 -45.09 -10.97
N ILE B 215 28.43 -46.01 -10.02
CA ILE B 215 29.67 -46.74 -9.75
C ILE B 215 29.93 -47.76 -10.84
N ARG B 216 28.86 -48.25 -11.47
CA ARG B 216 28.99 -49.20 -12.55
C ARG B 216 28.56 -48.49 -13.83
N GLY B 217 28.81 -47.19 -13.87
CA GLY B 217 28.47 -46.39 -15.03
C GLY B 217 29.44 -45.27 -15.28
N LYS B 218 30.49 -45.21 -14.46
CA LYS B 218 31.53 -44.19 -14.60
C LYS B 218 32.84 -44.86 -15.00
N GLN B 219 32.92 -46.15 -14.66
CA GLN B 219 34.08 -46.97 -14.97
C GLN B 219 33.96 -47.49 -16.38
N GLY B 220 32.72 -47.64 -16.84
CA GLY B 220 32.43 -48.09 -18.18
C GLY B 220 32.93 -47.13 -19.23
N ALA B 221 32.76 -45.83 -18.96
CA ALA B 221 33.21 -44.80 -19.89
C ALA B 221 34.57 -44.24 -19.47
N VAL C 1 31.32 13.27 13.65
CA VAL C 1 32.23 14.39 13.49
C VAL C 1 33.28 14.09 12.43
N HIS C 2 33.70 15.14 11.74
CA HIS C 2 34.71 15.04 10.68
C HIS C 2 35.94 14.27 11.13
N PRO C 3 36.35 13.26 10.36
CA PRO C 3 37.52 12.42 10.65
C PRO C 3 38.86 12.97 10.13
N ASN C 4 39.02 13.08 8.82
CA ASN C 4 40.29 13.57 8.27
C ASN C 4 41.02 14.51 9.22
N GLY C 5 40.32 15.12 10.17
CA GLY C 5 40.96 15.90 11.20
C GLY C 5 41.33 15.03 12.37
N ILE C 6 40.77 13.82 12.40
CA ILE C 6 41.19 12.84 13.40
C ILE C 6 42.48 12.17 12.97
N ARG C 7 42.60 11.83 11.69
CA ARG C 7 43.82 11.20 11.16
C ARG C 7 44.88 12.22 10.73
N LEU C 8 45.09 13.23 11.58
CA LEU C 8 46.24 14.13 11.48
C LEU C 8 47.23 13.56 12.47
N GLY C 9 47.96 12.55 12.05
CA GLY C 9 48.40 11.51 12.96
C GLY C 9 48.55 10.18 12.25
N ILE C 10 47.76 9.18 12.66
CA ILE C 10 47.98 7.77 12.34
C ILE C 10 47.85 7.42 10.85
N VAL C 11 47.36 8.34 10.02
CA VAL C 11 47.23 8.04 8.60
C VAL C 11 48.00 9.03 7.73
N LYS C 12 47.63 10.31 7.78
CA LYS C 12 48.11 11.32 6.85
C LYS C 12 48.91 12.40 7.57
N GLU C 13 49.36 13.40 6.81
CA GLU C 13 50.14 14.51 7.35
C GLU C 13 49.55 15.85 6.95
N HIS C 14 50.25 16.94 7.28
CA HIS C 14 49.72 18.29 7.12
C HIS C 14 50.23 18.95 5.83
N THR C 15 49.76 20.18 5.60
CA THR C 15 50.15 20.95 4.43
C THR C 15 50.92 22.21 4.79
N SER C 16 50.61 22.83 5.92
CA SER C 16 51.28 24.05 6.38
C SER C 16 52.09 23.63 7.60
N VAL C 17 53.29 23.11 7.35
CA VAL C 17 54.20 22.73 8.43
C VAL C 17 55.31 23.77 8.44
N TRP C 18 55.11 24.81 9.25
CA TRP C 18 56.10 25.86 9.47
C TRP C 18 56.01 26.26 10.93
N TYR C 19 57.14 26.47 11.58
CA TYR C 19 57.10 26.92 12.96
C TYR C 19 57.38 28.42 13.04
N ALA C 20 56.58 29.10 13.86
CA ALA C 20 56.85 30.45 14.30
C ALA C 20 56.44 30.54 15.78
N ASP C 21 56.43 31.75 16.33
CA ASP C 21 55.98 31.93 17.70
C ASP C 21 54.46 31.77 17.80
N ARG C 22 53.95 31.87 19.04
CA ARG C 22 52.51 31.79 19.25
C ARG C 22 51.83 33.10 18.87
N LYS C 23 52.47 34.24 19.13
CA LYS C 23 52.00 35.49 18.54
C LYS C 23 52.24 35.54 17.04
N ASN C 24 53.30 34.88 16.56
CA ASN C 24 53.63 34.81 15.14
C ASN C 24 52.94 33.63 14.47
N TYR C 25 51.96 33.01 15.13
CA TYR C 25 51.21 31.91 14.55
C TYR C 25 50.27 32.41 13.46
N ALA C 26 49.99 33.71 13.44
CA ALA C 26 49.17 34.30 12.39
C ALA C 26 50.00 34.90 11.26
N ASP C 27 51.29 35.18 11.50
CA ASP C 27 52.10 35.94 10.54
C ASP C 27 52.45 35.16 9.28
N TYR C 28 52.58 33.84 9.35
CA TYR C 28 52.65 33.06 8.13
C TYR C 28 51.29 32.46 7.74
N LEU C 29 50.27 32.64 8.59
CA LEU C 29 48.88 32.42 8.17
C LEU C 29 48.24 33.66 7.57
N PHE C 30 49.05 34.58 7.05
CA PHE C 30 48.56 35.53 6.05
C PHE C 30 48.59 34.90 4.67
N ALA C 31 49.78 34.56 4.18
CA ALA C 31 49.99 34.31 2.77
C ALA C 31 49.81 32.85 2.37
N ASP C 32 49.02 32.10 3.15
CA ASP C 32 48.60 30.76 2.77
C ASP C 32 47.26 30.78 2.03
N LEU C 33 46.85 31.93 1.49
CA LEU C 33 45.52 32.15 0.97
C LEU C 33 45.46 32.78 -0.43
N LYS C 34 46.49 33.51 -0.85
CA LYS C 34 46.48 34.12 -2.18
C LYS C 34 47.01 33.17 -3.23
N VAL C 35 47.70 32.11 -2.82
CA VAL C 35 48.29 31.18 -3.79
C VAL C 35 47.37 29.97 -4.00
N ARG C 36 46.64 29.53 -2.96
CA ARG C 36 45.79 28.35 -3.10
C ARG C 36 44.55 28.60 -3.97
N GLU C 37 44.02 29.82 -4.00
CA GLU C 37 42.93 30.12 -4.92
C GLU C 37 43.40 30.36 -6.36
N TYR C 38 44.72 30.44 -6.59
CA TYR C 38 45.23 30.67 -7.93
C TYR C 38 45.31 29.39 -8.76
N LEU C 39 45.53 28.26 -8.11
CA LEU C 39 45.67 27.00 -8.84
C LEU C 39 44.32 26.44 -9.29
N GLN C 40 43.22 26.92 -8.71
CA GLN C 40 41.90 26.48 -9.13
C GLN C 40 41.35 27.30 -10.28
N ASP C 41 41.33 28.63 -10.17
CA ASP C 41 40.69 29.45 -11.19
C ASP C 41 41.59 29.74 -12.38
N LYS C 42 42.85 29.29 -12.33
CA LYS C 42 43.72 29.33 -13.51
C LYS C 42 44.11 27.94 -13.97
N LEU C 43 44.68 27.12 -13.09
CA LEU C 43 45.16 25.79 -13.48
C LEU C 43 44.09 24.72 -13.26
N LYS C 44 42.98 24.87 -14.00
CA LYS C 44 42.09 23.73 -14.19
C LYS C 44 42.77 22.65 -15.02
N SER C 45 43.61 23.06 -15.97
CA SER C 45 44.58 22.16 -16.57
C SER C 45 45.66 21.81 -15.55
N ALA C 46 46.22 20.60 -15.70
CA ALA C 46 47.25 20.04 -14.83
C ALA C 46 46.79 20.05 -13.36
N SER C 47 45.78 19.22 -13.11
CA SER C 47 44.95 19.32 -11.91
C SER C 47 45.73 19.03 -10.64
N VAL C 48 45.53 19.90 -9.65
CA VAL C 48 46.24 19.81 -8.37
C VAL C 48 45.52 18.79 -7.50
N SER C 49 46.30 17.90 -6.87
CA SER C 49 45.74 16.93 -5.93
C SER C 49 45.95 17.34 -4.48
N ARG C 50 47.00 18.10 -4.20
CA ARG C 50 47.27 18.58 -2.86
C ARG C 50 48.13 19.83 -2.96
N ILE C 51 47.88 20.79 -2.07
CA ILE C 51 48.72 21.97 -1.93
C ILE C 51 49.33 21.92 -0.54
N ASP C 52 50.65 21.75 -0.47
CA ASP C 52 51.40 21.81 0.78
C ASP C 52 52.17 23.13 0.79
N ILE C 53 51.85 24.02 1.72
CA ILE C 53 52.64 25.24 1.83
C ILE C 53 53.59 25.11 3.02
N HIS C 54 54.80 24.63 2.75
CA HIS C 54 55.86 24.55 3.73
C HIS C 54 56.70 25.82 3.69
N ARG C 55 57.30 26.16 4.83
CA ARG C 55 58.26 27.26 4.90
C ARG C 55 59.58 26.72 5.44
N PRO C 56 60.42 26.11 4.59
CA PRO C 56 61.75 25.68 5.02
C PRO C 56 62.72 26.84 5.18
N ALA C 57 64.01 26.52 5.24
CA ALA C 57 65.07 27.51 5.45
C ALA C 57 65.08 28.50 4.30
N GLN C 58 64.62 29.72 4.61
CA GLN C 58 64.80 31.01 3.97
C GLN C 58 63.92 31.31 2.75
N THR C 59 63.20 30.35 2.14
CA THR C 59 62.19 30.86 1.22
C THR C 59 60.74 30.39 1.46
N ALA C 60 60.43 29.17 1.00
CA ALA C 60 59.11 28.53 1.02
C ALA C 60 59.16 27.20 0.30
N ARG C 61 58.05 26.44 0.33
CA ARG C 61 57.95 25.21 -0.45
C ARG C 61 56.47 24.96 -0.75
N ILE C 62 56.08 25.20 -2.00
CA ILE C 62 54.73 24.89 -2.48
C ILE C 62 54.87 23.96 -3.68
N THR C 63 54.32 22.76 -3.57
CA THR C 63 54.42 21.74 -4.61
C THR C 63 53.06 21.61 -5.28
N ILE C 64 52.97 22.06 -6.53
CA ILE C 64 51.72 22.05 -7.29
C ILE C 64 51.59 20.65 -7.88
N HIS C 65 50.84 19.79 -7.19
CA HIS C 65 50.77 18.36 -7.50
C HIS C 65 49.90 18.13 -8.74
N THR C 66 50.47 18.37 -9.91
CA THR C 66 49.79 18.29 -11.18
C THR C 66 49.74 16.85 -11.68
N ALA C 67 48.93 16.62 -12.72
CA ALA C 67 48.95 15.35 -13.44
C ALA C 67 49.44 15.48 -14.88
N ARG C 68 49.83 16.68 -15.31
CA ARG C 68 50.27 16.92 -16.68
C ARG C 68 51.56 17.74 -16.67
N PRO C 69 52.72 17.09 -16.83
CA PRO C 69 53.98 17.84 -16.76
C PRO C 69 54.36 18.57 -18.03
N GLY C 70 53.82 18.17 -19.19
CA GLY C 70 54.21 18.78 -20.45
C GLY C 70 53.70 20.18 -20.65
N ILE C 71 52.62 20.56 -19.98
CA ILE C 71 52.05 21.89 -20.13
C ILE C 71 52.79 22.88 -19.23
N VAL C 72 53.08 22.47 -17.99
CA VAL C 72 53.78 23.35 -17.06
C VAL C 72 55.26 23.47 -17.44
N ILE C 73 55.93 22.33 -17.65
CA ILE C 73 57.32 22.33 -18.09
C ILE C 73 57.32 22.34 -19.61
N GLY C 74 57.65 23.50 -20.20
CA GLY C 74 57.70 23.63 -21.64
C GLY C 74 58.87 24.45 -22.13
N LYS C 75 59.66 23.86 -23.04
CA LYS C 75 60.87 24.45 -23.61
C LYS C 75 61.86 24.86 -22.52
N LYS C 76 62.31 23.84 -21.77
CA LYS C 76 63.25 23.98 -20.65
C LYS C 76 62.74 24.94 -19.58
N GLY C 77 61.46 24.81 -19.25
CA GLY C 77 60.87 25.57 -18.17
C GLY C 77 60.63 27.04 -18.46
N GLU C 78 59.73 27.32 -19.41
CA GLU C 78 59.32 28.70 -19.68
C GLU C 78 58.12 29.12 -18.85
N ASP C 79 57.21 28.20 -18.54
CA ASP C 79 56.06 28.48 -17.70
C ASP C 79 56.30 28.14 -16.24
N VAL C 80 57.46 27.55 -15.91
CA VAL C 80 57.79 27.28 -14.52
C VAL C 80 58.09 28.58 -13.78
N GLU C 81 58.83 29.49 -14.42
CA GLU C 81 59.12 30.80 -13.84
C GLU C 81 57.97 31.77 -13.97
N LYS C 82 56.90 31.42 -14.70
CA LYS C 82 55.72 32.27 -14.77
C LYS C 82 54.94 32.22 -13.46
N LEU C 83 54.84 31.03 -12.86
CA LEU C 83 54.23 30.88 -11.54
C LEU C 83 55.13 31.38 -10.43
N ARG C 84 56.40 31.64 -10.71
CA ARG C 84 57.30 32.25 -9.74
C ARG C 84 56.94 33.71 -9.46
N GLN C 85 56.47 34.43 -10.47
CA GLN C 85 56.22 35.87 -10.35
C GLN C 85 54.79 36.22 -9.97
N ASP C 86 53.80 35.51 -10.50
CA ASP C 86 52.41 35.82 -10.21
C ASP C 86 51.98 35.39 -8.82
N LEU C 87 52.81 34.61 -8.11
CA LEU C 87 52.44 34.08 -6.80
C LEU C 87 53.24 34.70 -5.66
N THR C 88 54.56 34.75 -5.79
CA THR C 88 55.46 35.11 -4.70
C THR C 88 55.46 36.60 -4.37
N LYS C 89 54.81 37.44 -5.17
CA LYS C 89 54.69 38.84 -4.84
C LYS C 89 53.51 39.07 -3.90
N GLN C 90 52.36 38.47 -4.22
CA GLN C 90 51.17 38.61 -3.40
C GLN C 90 51.29 37.78 -2.13
N MET C 91 51.88 36.59 -2.23
CA MET C 91 52.43 35.90 -1.07
C MET C 91 53.57 36.73 -0.49
N GLY C 92 53.75 36.66 0.82
CA GLY C 92 54.78 37.45 1.46
C GLY C 92 56.19 37.01 1.12
N VAL C 93 56.44 35.70 1.13
CA VAL C 93 57.80 35.18 0.97
C VAL C 93 57.95 34.54 -0.40
N PRO C 94 59.15 34.54 -0.99
CA PRO C 94 59.33 33.87 -2.29
C PRO C 94 59.41 32.35 -2.13
N VAL C 95 59.17 31.66 -3.24
CA VAL C 95 59.05 30.21 -3.28
C VAL C 95 60.08 29.67 -4.28
N HIS C 96 60.80 28.63 -3.88
CA HIS C 96 61.51 27.78 -4.84
C HIS C 96 60.59 26.66 -5.28
N ILE C 97 60.58 26.37 -6.57
CA ILE C 97 59.56 25.54 -7.20
C ILE C 97 60.17 24.23 -7.64
N ASN C 98 59.59 23.12 -7.20
CA ASN C 98 59.96 21.78 -7.63
C ASN C 98 58.70 21.00 -8.00
N ILE C 99 58.80 20.19 -9.06
CA ILE C 99 57.65 19.50 -9.64
C ILE C 99 57.91 18.00 -9.59
N GLU C 100 56.95 17.25 -9.04
CA GLU C 100 57.00 15.80 -8.94
C GLU C 100 56.03 15.16 -9.93
N GLU C 101 55.90 13.84 -9.86
CA GLU C 101 55.06 13.07 -10.78
C GLU C 101 54.05 12.22 -10.01
N ILE C 102 52.83 12.16 -10.54
CA ILE C 102 51.73 11.41 -9.96
C ILE C 102 51.28 10.40 -11.02
N ARG C 103 52.26 9.72 -11.62
CA ARG C 103 52.01 8.59 -12.53
C ARG C 103 50.98 7.61 -11.97
N LYS C 104 50.18 7.04 -12.89
CA LYS C 104 48.89 6.39 -12.65
C LYS C 104 47.97 7.33 -11.86
N PRO C 105 47.43 8.38 -12.49
CA PRO C 105 46.69 9.40 -11.75
C PRO C 105 45.21 9.08 -11.52
N GLU C 106 44.74 7.89 -11.85
CA GLU C 106 43.31 7.59 -11.84
C GLU C 106 42.82 7.04 -10.50
N LEU C 107 43.48 7.39 -9.39
CA LEU C 107 43.11 6.88 -8.08
C LEU C 107 42.96 7.97 -7.03
N ASP C 108 43.22 9.23 -7.37
CA ASP C 108 43.16 10.30 -6.38
C ASP C 108 41.86 11.09 -6.53
N ALA C 109 41.46 11.72 -5.42
CA ALA C 109 40.14 12.35 -5.36
C ALA C 109 40.10 13.65 -6.14
N MET C 110 41.06 14.55 -5.90
CA MET C 110 41.08 15.84 -6.61
C MET C 110 41.42 15.67 -8.09
N LEU C 111 42.21 14.66 -8.44
CA LEU C 111 42.57 14.43 -9.85
C LEU C 111 41.38 13.98 -10.69
N VAL C 112 40.34 13.43 -10.06
CA VAL C 112 39.14 13.04 -10.79
C VAL C 112 38.02 14.07 -10.62
N ALA C 113 37.99 14.78 -9.47
CA ALA C 113 36.88 15.69 -9.17
C ALA C 113 36.85 16.89 -10.10
N GLN C 114 38.02 17.33 -10.56
CA GLN C 114 38.05 18.38 -11.58
C GLN C 114 37.82 17.86 -12.99
N SER C 115 37.58 16.56 -13.15
CA SER C 115 37.31 15.96 -14.46
C SER C 115 35.91 15.37 -14.55
N VAL C 116 34.97 15.84 -13.73
CA VAL C 116 33.58 15.42 -13.78
C VAL C 116 32.67 16.61 -14.07
N ALA C 117 32.80 17.68 -13.28
CA ALA C 117 31.94 18.84 -13.43
C ALA C 117 32.21 19.61 -14.73
N GLN C 118 33.42 19.46 -15.29
CA GLN C 118 33.75 20.17 -16.53
C GLN C 118 33.06 19.55 -17.73
N GLN C 119 32.69 18.27 -17.65
CA GLN C 119 31.96 17.61 -18.72
C GLN C 119 30.46 17.87 -18.64
N LEU C 120 29.96 18.44 -17.54
CA LEU C 120 28.52 18.59 -17.35
C LEU C 120 27.97 19.90 -17.89
N GLU C 121 28.83 20.77 -18.43
CA GLU C 121 28.40 21.99 -19.07
C GLU C 121 28.02 21.79 -20.54
N ARG C 122 28.54 20.74 -21.18
CA ARG C 122 28.40 20.51 -22.61
C ARG C 122 27.16 19.68 -22.95
N ARG C 123 26.09 19.79 -22.13
CA ARG C 123 24.78 19.17 -22.37
C ARG C 123 24.85 17.65 -22.42
N VAL C 124 25.66 17.08 -21.51
CA VAL C 124 25.88 15.64 -21.40
C VAL C 124 24.94 15.09 -20.33
N MET C 125 24.48 13.85 -20.52
CA MET C 125 23.65 13.17 -19.53
C MET C 125 24.40 12.99 -18.21
N PHE C 126 23.71 13.25 -17.10
CA PHE C 126 24.29 13.27 -15.77
C PHE C 126 24.36 11.90 -15.12
N ARG C 127 24.11 10.83 -15.86
CA ARG C 127 24.10 9.48 -15.33
C ARG C 127 24.96 8.49 -16.11
N ARG C 128 25.63 8.93 -17.19
CA ARG C 128 26.35 7.96 -18.02
C ARG C 128 27.83 7.90 -17.69
N ALA C 129 28.51 9.05 -17.71
CA ALA C 129 29.92 9.09 -17.36
C ALA C 129 30.17 8.99 -15.86
N MET C 130 29.12 9.07 -15.04
CA MET C 130 29.28 8.88 -13.60
C MET C 130 29.33 7.41 -13.22
N LYS C 131 28.71 6.55 -14.04
CA LYS C 131 28.95 5.12 -13.92
C LYS C 131 30.38 4.80 -14.36
N ARG C 132 30.79 5.36 -15.51
CA ARG C 132 32.15 5.27 -16.00
C ARG C 132 33.12 6.24 -15.33
N ALA C 133 32.68 7.00 -14.34
CA ALA C 133 33.62 7.58 -13.38
C ALA C 133 34.26 6.48 -12.56
N VAL C 134 33.53 5.39 -12.34
CA VAL C 134 34.03 4.25 -11.59
C VAL C 134 34.44 3.12 -12.53
N GLN C 135 33.74 2.95 -13.65
CA GLN C 135 34.11 1.90 -14.59
C GLN C 135 35.43 2.18 -15.31
N ASN C 136 35.75 3.44 -15.56
CA ASN C 136 37.02 3.76 -16.22
C ASN C 136 38.15 4.07 -15.24
N ALA C 137 37.87 4.14 -13.94
CA ALA C 137 38.89 4.50 -12.96
C ALA C 137 39.00 3.48 -11.83
N MET C 138 38.76 2.20 -12.13
CA MET C 138 38.91 1.14 -11.14
C MET C 138 39.57 -0.11 -11.70
N ARG C 139 40.21 -0.04 -12.87
CA ARG C 139 40.77 -1.24 -13.48
C ARG C 139 42.03 -1.70 -12.75
N ILE C 140 42.91 -0.77 -12.37
CA ILE C 140 44.15 -1.07 -11.67
C ILE C 140 44.20 -0.19 -10.44
N GLY C 141 44.52 -0.78 -9.28
CA GLY C 141 44.67 0.00 -8.07
C GLY C 141 43.65 -0.27 -6.97
N ALA C 142 42.70 0.64 -6.80
CA ALA C 142 41.82 0.70 -5.64
C ALA C 142 40.82 -0.47 -5.63
N LYS C 143 39.95 -0.47 -4.60
CA LYS C 143 39.04 -1.58 -4.36
C LYS C 143 37.55 -1.22 -4.45
N GLY C 144 37.17 0.05 -4.34
CA GLY C 144 35.78 0.40 -4.54
C GLY C 144 35.45 1.87 -4.46
N ILE C 145 34.33 2.28 -5.06
CA ILE C 145 33.88 3.68 -5.06
C ILE C 145 32.38 3.72 -4.83
N LYS C 146 31.97 4.19 -3.64
CA LYS C 146 30.64 4.71 -3.38
C LYS C 146 30.58 6.13 -3.92
N ILE C 147 29.42 6.54 -4.43
CA ILE C 147 29.19 7.94 -4.76
C ILE C 147 27.77 8.31 -4.34
N GLN C 148 27.64 9.12 -3.29
CA GLN C 148 26.45 9.92 -3.07
C GLN C 148 26.42 11.04 -4.11
N VAL C 149 25.31 11.13 -4.85
CA VAL C 149 24.99 12.33 -5.60
C VAL C 149 23.59 12.75 -5.17
N SER C 150 23.51 13.65 -4.19
CA SER C 150 22.32 14.45 -4.02
C SER C 150 22.60 15.82 -4.62
N GLY C 151 21.54 16.52 -5.04
CA GLY C 151 21.78 17.79 -5.69
C GLY C 151 20.71 18.29 -6.64
N ARG C 152 21.10 18.61 -7.87
CA ARG C 152 20.27 19.39 -8.78
C ARG C 152 19.76 18.58 -9.96
N LEU C 153 20.67 18.03 -10.78
CA LEU C 153 20.42 16.95 -11.75
C LEU C 153 19.34 17.30 -12.79
N GLY C 154 19.51 18.42 -13.49
CA GLY C 154 18.65 18.76 -14.61
C GLY C 154 17.31 19.37 -14.26
N GLY C 155 16.80 19.16 -13.05
CA GLY C 155 15.52 19.71 -12.65
C GLY C 155 15.64 20.55 -11.38
N ALA C 156 14.52 21.16 -11.02
CA ALA C 156 14.52 22.21 -10.00
C ALA C 156 14.56 21.66 -8.58
N GLU C 157 13.50 20.99 -8.14
CA GLU C 157 13.42 20.49 -6.77
C GLU C 157 13.60 18.97 -6.82
N ILE C 158 14.86 18.57 -6.86
CA ILE C 158 15.25 17.17 -6.90
C ILE C 158 16.03 16.90 -5.62
N ALA C 159 15.59 15.91 -4.84
CA ALA C 159 16.35 15.43 -3.71
C ALA C 159 16.85 14.01 -3.94
N ARG C 160 17.08 13.65 -5.19
CA ARG C 160 17.43 12.28 -5.54
C ARG C 160 18.84 11.96 -5.08
N THR C 161 18.95 10.85 -4.34
CA THR C 161 20.20 10.41 -3.75
C THR C 161 20.70 9.24 -4.60
N GLU C 162 21.45 9.56 -5.65
CA GLU C 162 22.05 8.54 -6.51
C GLU C 162 23.09 7.74 -5.72
N TRP C 163 23.29 6.51 -6.16
CA TRP C 163 23.91 5.49 -5.31
C TRP C 163 24.93 4.68 -6.12
N TYR C 164 25.89 5.37 -6.74
CA TYR C 164 26.85 4.75 -7.65
C TYR C 164 27.82 3.86 -6.87
N ARG C 165 27.32 2.69 -6.44
CA ARG C 165 28.16 1.74 -5.73
C ARG C 165 28.64 0.66 -6.69
N GLU C 166 29.96 0.58 -6.85
CA GLU C 166 30.65 -0.50 -7.57
C GLU C 166 31.92 -0.77 -6.76
N GLY C 167 31.84 -1.68 -5.78
CA GLY C 167 32.94 -1.99 -4.91
C GLY C 167 32.59 -1.74 -3.45
N ARG C 168 33.60 -1.29 -2.69
CA ARG C 168 33.49 -1.10 -1.24
C ARG C 168 34.14 0.21 -0.84
N VAL C 169 33.39 1.05 -0.13
CA VAL C 169 33.92 2.17 0.63
C VAL C 169 33.30 2.15 2.02
N PRO C 170 34.11 2.02 3.07
CA PRO C 170 33.60 2.33 4.41
C PRO C 170 33.92 3.77 4.79
N LEU C 171 32.97 4.39 5.51
CA LEU C 171 33.08 5.82 5.83
C LEU C 171 33.04 6.18 7.32
N HIS C 172 33.28 5.25 8.23
CA HIS C 172 33.44 5.54 9.65
C HIS C 172 34.88 5.44 10.11
N THR C 173 35.84 5.59 9.21
CA THR C 173 37.10 4.88 9.32
C THR C 173 38.23 5.84 9.66
N LEU C 174 39.37 5.23 10.04
CA LEU C 174 40.69 5.84 10.12
C LEU C 174 41.77 5.01 9.45
N ARG C 175 41.69 3.68 9.54
CA ARG C 175 42.64 2.84 8.81
C ARG C 175 42.24 2.71 7.35
N ALA C 176 40.95 2.61 7.08
CA ALA C 176 40.47 2.59 5.71
C ALA C 176 40.33 4.02 5.20
N ASP C 177 41.39 4.53 4.58
CA ASP C 177 41.62 5.96 4.38
C ASP C 177 40.64 6.55 3.39
N ILE C 178 39.83 7.50 3.88
CA ILE C 178 38.82 8.21 3.10
C ILE C 178 39.46 9.43 2.44
N ASP C 179 39.13 9.66 1.18
CA ASP C 179 39.37 10.94 0.52
C ASP C 179 38.04 11.57 0.13
N TYR C 180 38.03 12.89 -0.04
CA TYR C 180 36.78 13.63 -0.15
C TYR C 180 37.06 14.95 -0.86
N ALA C 181 36.61 15.07 -2.12
CA ALA C 181 36.93 16.22 -2.97
C ALA C 181 35.67 16.77 -3.61
N THR C 182 35.07 17.78 -2.98
CA THR C 182 33.84 18.41 -3.49
C THR C 182 34.18 19.77 -4.10
N TYR C 183 34.69 19.72 -5.34
CA TYR C 183 34.92 20.91 -6.15
C TYR C 183 33.60 21.34 -6.80
N GLU C 184 33.36 22.64 -6.88
CA GLU C 184 32.11 23.15 -7.40
C GLU C 184 32.26 23.75 -8.80
N ALA C 185 31.12 23.82 -9.51
CA ALA C 185 31.05 24.42 -10.84
C ALA C 185 29.62 24.86 -11.11
N HIS C 186 29.46 25.63 -12.19
CA HIS C 186 28.17 26.18 -12.60
C HIS C 186 27.90 25.76 -14.04
N THR C 187 26.92 24.88 -14.23
CA THR C 187 26.53 24.44 -15.56
C THR C 187 25.44 25.34 -16.14
N THR C 188 24.75 24.87 -17.18
CA THR C 188 23.93 25.74 -18.03
C THR C 188 22.77 26.39 -17.27
N TYR C 189 22.33 25.77 -16.16
CA TYR C 189 21.61 26.46 -15.09
C TYR C 189 21.83 25.65 -13.82
N GLY C 190 22.37 26.28 -12.80
CA GLY C 190 22.55 25.63 -11.52
C GLY C 190 24.00 25.34 -11.18
N VAL C 191 24.19 25.04 -9.90
CA VAL C 191 25.51 24.88 -9.28
C VAL C 191 25.76 23.39 -9.13
N ILE C 192 26.94 22.93 -9.56
CA ILE C 192 27.31 21.53 -9.42
C ILE C 192 28.62 21.44 -8.63
N GLY C 193 28.52 20.93 -7.40
CA GLY C 193 29.66 20.48 -6.63
C GLY C 193 29.77 18.96 -6.63
N VAL C 194 30.79 18.42 -7.29
CA VAL C 194 30.86 16.98 -7.55
C VAL C 194 31.37 16.26 -6.31
N LYS C 195 30.56 15.34 -5.79
CA LYS C 195 30.82 14.65 -4.54
C LYS C 195 31.52 13.32 -4.80
N VAL C 196 32.69 13.13 -4.16
CA VAL C 196 33.72 12.17 -4.57
C VAL C 196 34.14 11.33 -3.37
N TRP C 197 34.08 9.99 -3.52
CA TRP C 197 34.56 9.08 -2.48
C TRP C 197 35.48 7.98 -3.01
N ILE C 198 36.54 8.37 -3.74
CA ILE C 198 37.52 7.40 -4.21
C ILE C 198 38.31 6.85 -3.02
N PHE C 199 38.50 5.54 -2.99
CA PHE C 199 38.98 4.82 -1.81
C PHE C 199 39.96 3.72 -2.23
N LYS C 200 41.24 3.92 -1.91
CA LYS C 200 42.28 2.94 -2.22
C LYS C 200 42.30 1.87 -1.13
N GLY C 201 43.35 1.04 -1.13
CA GLY C 201 43.44 -0.04 -0.18
C GLY C 201 43.91 0.42 1.19
N GLU C 202 43.71 -0.45 2.18
CA GLU C 202 44.17 -0.19 3.53
C GLU C 202 45.60 -0.68 3.72
N VAL C 203 46.34 0.00 4.59
CA VAL C 203 47.79 -0.10 4.78
C VAL C 203 48.56 0.11 3.47
CA ALA D 1 -5.16 22.67 -56.06
C ALA D 1 -3.91 21.88 -56.37
N ARG D 2 -2.88 22.59 -56.81
CA ARG D 2 -1.53 22.05 -56.73
C ARG D 2 -0.84 22.70 -55.56
N TYR D 3 0.11 21.99 -54.95
CA TYR D 3 1.05 22.66 -54.06
C TYR D 3 1.89 23.61 -54.89
N ILE D 4 1.93 24.88 -54.49
CA ILE D 4 2.83 25.85 -55.10
C ILE D 4 3.66 26.41 -53.96
N GLY D 5 4.51 27.39 -54.26
CA GLY D 5 5.24 28.09 -53.22
C GLY D 5 6.68 27.66 -53.07
N PRO D 6 7.15 27.54 -51.83
CA PRO D 6 8.57 27.26 -51.60
C PRO D 6 8.86 25.76 -51.68
N LYS D 7 9.79 25.41 -52.55
CA LYS D 7 10.18 24.01 -52.69
C LYS D 7 11.56 23.71 -52.10
N CYS D 8 12.34 24.73 -51.74
CA CYS D 8 13.43 24.50 -50.80
C CYS D 8 12.94 23.94 -49.47
N LYS D 9 11.97 24.59 -48.83
CA LYS D 9 11.48 24.13 -47.53
C LYS D 9 10.77 22.77 -47.47
N LEU D 10 10.66 22.07 -48.59
CA LEU D 10 9.98 20.78 -48.60
C LEU D 10 10.86 19.63 -48.15
N SER D 11 12.11 19.58 -48.61
CA SER D 11 12.88 18.35 -48.56
C SER D 11 13.58 18.12 -47.23
N ARG D 12 13.63 19.12 -46.34
CA ARG D 12 14.25 18.94 -45.03
C ARG D 12 13.50 17.92 -44.22
N ARG D 13 12.19 18.07 -44.23
CA ARG D 13 11.24 17.26 -43.47
C ARG D 13 11.50 15.77 -43.49
N GLU D 14 10.87 15.06 -44.43
CA GLU D 14 11.01 13.62 -44.54
C GLU D 14 12.46 13.13 -44.54
N GLY D 15 13.34 13.79 -45.30
CA GLY D 15 14.74 13.40 -45.29
C GLY D 15 15.53 13.36 -46.58
N THR D 16 14.97 12.76 -47.62
CA THR D 16 15.71 12.65 -48.88
C THR D 16 15.62 13.81 -49.87
N ASP D 17 15.80 13.44 -51.13
CA ASP D 17 15.80 14.34 -52.29
C ASP D 17 14.38 14.79 -52.61
N LEU D 18 13.51 13.84 -52.98
CA LEU D 18 12.13 13.96 -53.45
C LEU D 18 12.00 14.69 -54.79
N PHE D 19 13.12 15.06 -55.40
CA PHE D 19 13.15 15.71 -56.70
C PHE D 19 12.15 16.82 -56.93
N LEU D 20 12.39 17.94 -56.27
CA LEU D 20 11.55 19.14 -56.37
C LEU D 20 12.48 20.36 -56.37
N LYS D 21 13.03 20.73 -57.52
CA LYS D 21 14.16 21.68 -57.58
C LYS D 21 14.02 22.51 -58.86
N SER D 22 15.14 23.09 -59.39
CA SER D 22 15.02 24.10 -60.44
C SER D 22 15.98 24.00 -61.66
N GLY D 23 17.06 23.21 -61.64
CA GLY D 23 18.06 23.27 -62.73
C GLY D 23 18.94 22.06 -63.04
N ALA D 24 20.26 22.12 -62.92
CA ALA D 24 20.99 21.02 -63.56
C ALA D 24 21.86 20.22 -62.60
N ARG D 25 21.57 20.24 -61.29
CA ARG D 25 22.67 19.83 -60.40
C ARG D 25 22.44 18.54 -59.61
N ALA D 26 21.70 18.55 -58.51
CA ALA D 26 21.82 17.49 -57.48
C ALA D 26 20.81 17.79 -56.36
N LEU D 27 21.12 17.33 -55.14
CA LEU D 27 20.42 17.73 -53.93
C LEU D 27 21.31 18.41 -52.89
N ASP D 28 20.77 19.45 -52.25
CA ASP D 28 21.17 19.97 -50.94
C ASP D 28 22.60 20.56 -50.90
N SER D 29 22.81 21.69 -51.58
CA SER D 29 23.93 22.53 -51.14
C SER D 29 23.71 24.05 -50.99
N LYS D 30 22.99 24.74 -51.90
CA LYS D 30 22.99 26.21 -51.82
C LYS D 30 22.00 26.75 -50.81
N CYS D 31 21.04 25.95 -50.37
CA CYS D 31 20.15 26.35 -49.28
C CYS D 31 20.62 25.72 -47.97
N LYS D 32 21.88 25.98 -47.56
CA LYS D 32 22.45 25.80 -46.20
C LYS D 32 21.86 24.72 -45.29
N ALA D 33 21.57 23.53 -45.81
CA ALA D 33 20.63 22.61 -45.17
C ALA D 33 21.32 21.66 -44.21
N GLU D 34 20.89 21.69 -42.94
CA GLU D 34 21.15 20.58 -42.04
C GLU D 34 20.02 20.29 -41.07
N ASN D 35 18.86 20.94 -41.19
CA ASN D 35 17.93 20.97 -40.07
C ASN D 35 16.47 20.75 -40.46
N VAL D 36 15.58 21.11 -39.54
CA VAL D 36 14.20 20.62 -39.47
C VAL D 36 13.22 21.76 -39.79
N PRO D 37 12.10 21.49 -40.45
CA PRO D 37 11.01 22.46 -40.47
C PRO D 37 10.21 22.38 -39.18
N GLY D 38 9.83 23.55 -38.66
CA GLY D 38 9.05 23.63 -37.46
C GLY D 38 9.28 24.94 -36.74
N GLN D 39 8.69 25.04 -35.55
CA GLN D 39 8.79 26.27 -34.78
C GLN D 39 10.18 26.43 -34.19
N HIS D 40 10.71 25.38 -33.55
CA HIS D 40 12.14 25.23 -33.27
C HIS D 40 12.50 23.78 -33.57
N GLY D 41 13.34 23.58 -34.57
CA GLY D 41 13.76 22.27 -35.01
C GLY D 41 15.22 22.00 -34.68
N GLN D 42 15.69 22.56 -33.58
CA GLN D 42 17.09 22.40 -33.19
C GLN D 42 17.29 21.41 -32.05
N ARG D 43 16.23 20.76 -31.60
CA ARG D 43 16.30 19.60 -30.71
C ARG D 43 15.10 18.69 -31.01
N ARG D 44 15.38 17.38 -30.99
CA ARG D 44 14.42 16.40 -31.51
C ARG D 44 14.05 15.42 -30.41
N GLY D 45 13.35 14.37 -30.83
CA GLY D 45 12.93 13.28 -29.98
C GLY D 45 11.75 12.59 -30.64
N ARG D 46 11.64 11.28 -30.39
CA ARG D 46 10.45 10.45 -30.67
C ARG D 46 10.11 10.45 -32.17
N LEU D 47 10.98 9.80 -32.94
CA LEU D 47 10.69 9.49 -34.34
C LEU D 47 10.17 8.07 -34.47
N SER D 48 8.92 7.87 -34.05
CA SER D 48 8.23 6.58 -34.12
C SER D 48 6.90 6.70 -34.88
N ASP D 49 6.04 5.69 -34.73
CA ASP D 49 5.09 5.14 -35.71
C ASP D 49 4.10 6.08 -36.40
N TYR D 50 3.14 6.64 -35.67
CA TYR D 50 2.03 7.41 -36.26
C TYR D 50 2.53 8.63 -37.01
N GLY D 51 3.42 9.40 -36.39
CA GLY D 51 4.03 10.51 -37.07
C GLY D 51 4.98 10.09 -38.18
N LEU D 52 5.38 8.82 -38.22
CA LEU D 52 6.15 8.33 -39.35
C LEU D 52 5.25 7.63 -40.35
N GLN D 53 4.10 7.10 -39.91
CA GLN D 53 3.06 6.73 -40.87
C GLN D 53 2.61 7.95 -41.64
N LEU D 54 2.49 9.08 -40.95
CA LEU D 54 2.03 10.31 -41.56
C LEU D 54 3.19 11.06 -42.21
N ARG D 55 4.43 10.68 -41.93
CA ARG D 55 5.48 11.11 -42.86
C ARG D 55 5.43 10.31 -44.14
N GLU D 56 5.02 9.04 -44.05
CA GLU D 56 5.15 8.15 -45.19
C GLU D 56 4.06 8.41 -46.22
N LYS D 57 2.86 8.71 -45.76
CA LYS D 57 1.81 9.17 -46.66
C LYS D 57 2.17 10.53 -47.25
N GLN D 58 2.71 11.42 -46.45
CA GLN D 58 2.99 12.78 -46.90
C GLN D 58 4.35 12.93 -47.58
N LYS D 59 5.16 11.88 -47.65
CA LYS D 59 6.36 11.94 -48.48
C LYS D 59 6.03 11.58 -49.92
N VAL D 60 5.23 10.53 -50.09
CA VAL D 60 4.73 10.13 -51.39
C VAL D 60 3.89 11.23 -52.01
N ARG D 61 3.03 11.86 -51.21
CA ARG D 61 2.05 12.82 -51.68
C ARG D 61 2.69 14.15 -52.06
N ARG D 62 3.95 14.37 -51.72
CA ARG D 62 4.66 15.56 -52.15
C ARG D 62 5.62 15.30 -53.30
N ILE D 63 5.97 14.05 -53.55
CA ILE D 63 6.66 13.69 -54.78
C ILE D 63 5.72 13.87 -55.97
N TYR D 64 4.62 13.14 -55.96
CA TYR D 64 3.73 13.00 -57.10
C TYR D 64 2.80 14.17 -57.28
N GLY D 65 2.46 14.87 -56.21
CA GLY D 65 1.66 16.07 -56.33
C GLY D 65 0.17 15.87 -56.18
N VAL D 66 -0.27 14.72 -55.68
CA VAL D 66 -1.67 14.57 -55.33
C VAL D 66 -1.97 15.38 -54.09
N LEU D 67 -3.25 15.65 -53.90
CA LEU D 67 -3.76 16.05 -52.60
C LEU D 67 -4.42 14.82 -52.01
N GLU D 68 -4.99 14.93 -50.81
CA GLU D 68 -5.48 13.72 -50.17
C GLU D 68 -6.85 13.31 -50.70
N ARG D 69 -7.54 14.19 -51.43
CA ARG D 69 -8.76 13.78 -52.13
C ARG D 69 -8.47 12.72 -53.16
N GLN D 70 -7.55 12.99 -54.08
CA GLN D 70 -7.17 11.99 -55.07
C GLN D 70 -6.42 10.83 -54.42
N PHE D 71 -5.60 11.10 -53.41
CA PHE D 71 -4.74 10.06 -52.86
C PHE D 71 -5.54 9.03 -52.08
N ARG D 72 -6.59 9.45 -51.41
CA ARG D 72 -7.42 8.48 -50.71
C ARG D 72 -8.21 7.62 -51.68
N GLY D 73 -8.55 8.17 -52.85
CA GLY D 73 -9.16 7.36 -53.88
C GLY D 73 -8.19 6.39 -54.51
N TYR D 74 -6.89 6.69 -54.46
CA TYR D 74 -5.89 5.72 -54.87
C TYR D 74 -5.79 4.57 -53.88
N TYR D 75 -6.13 4.81 -52.62
CA TYR D 75 -6.28 3.71 -51.68
C TYR D 75 -7.50 2.86 -52.03
N GLN D 76 -8.52 3.46 -52.64
CA GLN D 76 -9.71 2.70 -52.99
C GLN D 76 -9.42 1.76 -54.15
N GLU D 77 -8.76 2.26 -55.21
CA GLU D 77 -8.43 1.41 -56.35
C GLU D 77 -7.20 0.56 -56.08
N ALA D 78 -6.63 0.61 -54.87
CA ALA D 78 -5.73 -0.43 -54.44
C ALA D 78 -6.49 -1.57 -53.78
N SER D 79 -7.34 -1.24 -52.81
CA SER D 79 -8.09 -2.25 -52.08
C SER D 79 -9.24 -2.83 -52.90
N ARG D 80 -9.51 -2.29 -54.09
CA ARG D 80 -10.49 -2.91 -54.96
C ARG D 80 -9.82 -3.97 -55.85
N ARG D 81 -8.67 -3.62 -56.41
CA ARG D 81 -7.91 -4.57 -57.21
C ARG D 81 -7.29 -5.63 -56.32
N LYS D 82 -7.00 -6.79 -56.90
CA LYS D 82 -6.61 -7.94 -56.09
C LYS D 82 -5.11 -7.95 -55.86
N GLY D 83 -4.72 -8.19 -54.62
CA GLY D 83 -3.36 -8.52 -54.25
C GLY D 83 -2.44 -7.33 -54.09
N SER D 84 -1.81 -7.22 -52.92
CA SER D 84 -0.69 -6.32 -52.65
C SER D 84 -1.04 -4.85 -52.90
N THR D 85 -1.93 -4.35 -52.03
CA THR D 85 -2.42 -2.98 -52.15
C THR D 85 -1.35 -1.93 -51.94
N GLY D 86 -0.27 -2.26 -51.23
CA GLY D 86 0.81 -1.30 -51.08
C GLY D 86 1.56 -1.05 -52.37
N GLU D 87 1.66 -2.08 -53.21
CA GLU D 87 2.27 -1.90 -54.52
C GLU D 87 1.25 -1.37 -55.51
N ASN D 88 -0.03 -1.74 -55.34
CA ASN D 88 -1.10 -1.19 -56.17
C ASN D 88 -1.19 0.32 -56.01
N LEU D 89 -0.88 0.81 -54.82
CA LEU D 89 -0.88 2.25 -54.60
C LEU D 89 0.22 2.94 -55.40
N LEU D 90 1.32 2.24 -55.64
CA LEU D 90 2.47 2.88 -56.29
C LEU D 90 2.43 2.71 -57.80
N GLN D 91 1.79 1.63 -58.28
CA GLN D 91 1.62 1.48 -59.72
C GLN D 91 0.63 2.50 -60.25
N LEU D 92 -0.37 2.84 -59.44
CA LEU D 92 -1.36 3.85 -59.81
C LEU D 92 -0.74 5.23 -59.84
N LEU D 93 0.23 5.47 -58.97
CA LEU D 93 0.90 6.75 -58.99
C LEU D 93 1.96 6.81 -60.08
N GLU D 94 2.33 5.66 -60.65
CA GLU D 94 3.32 5.65 -61.71
C GLU D 94 2.72 5.59 -63.10
N CYS D 95 1.48 5.13 -63.23
CA CYS D 95 0.76 5.24 -64.49
C CYS D 95 0.22 6.64 -64.74
N ARG D 96 0.50 7.60 -63.88
CA ARG D 96 -0.11 8.92 -63.96
C ARG D 96 0.57 9.71 -65.06
N LEU D 97 -0.19 10.53 -65.78
CA LEU D 97 0.32 11.08 -67.04
C LEU D 97 1.37 12.15 -66.82
N ASP D 98 1.23 12.97 -65.78
CA ASP D 98 2.32 13.91 -65.52
C ASP D 98 3.50 13.22 -64.85
N ASN D 99 3.29 12.04 -64.28
CA ASN D 99 4.42 11.27 -63.77
C ASN D 99 5.18 10.62 -64.92
N VAL D 100 4.47 10.23 -65.97
CA VAL D 100 5.13 9.52 -67.06
C VAL D 100 5.90 10.50 -67.93
N VAL D 101 5.40 11.73 -68.09
CA VAL D 101 6.16 12.79 -68.77
C VAL D 101 7.48 13.06 -68.06
N TYR D 102 7.51 12.90 -66.72
CA TYR D 102 8.76 12.86 -65.99
C TYR D 102 9.54 11.58 -66.27
N ARG D 103 8.89 10.42 -66.19
CA ARG D 103 9.57 9.14 -66.39
C ARG D 103 9.99 8.92 -67.83
N MET D 104 9.28 9.50 -68.80
CA MET D 104 9.83 9.57 -70.15
C MET D 104 11.02 10.50 -70.18
N GLY D 105 10.90 11.63 -69.50
CA GLY D 105 11.94 12.61 -69.48
C GLY D 105 11.69 13.85 -70.29
N PHE D 106 10.51 13.99 -70.89
CA PHE D 106 10.22 15.19 -71.68
C PHE D 106 10.01 16.40 -70.80
N GLY D 107 9.84 16.17 -69.51
CA GLY D 107 9.59 17.24 -68.58
C GLY D 107 10.67 17.28 -67.54
N SER D 108 10.79 18.44 -66.94
CA SER D 108 11.96 18.79 -66.14
C SER D 108 11.89 18.12 -64.78
N THR D 109 10.90 18.48 -63.99
CA THR D 109 10.42 17.63 -62.90
C THR D 109 8.91 17.54 -63.04
N ARG D 110 8.30 16.83 -62.08
CA ARG D 110 6.88 16.54 -62.10
C ARG D 110 6.03 17.80 -62.06
N SER D 111 6.48 18.83 -61.37
CA SER D 111 5.70 20.05 -61.27
C SER D 111 5.96 20.97 -62.45
N GLU D 112 6.78 20.53 -63.40
CA GLU D 112 6.80 21.15 -64.72
C GLU D 112 6.55 20.08 -65.77
N SER D 113 6.23 18.89 -65.30
CA SER D 113 5.55 17.91 -66.12
C SER D 113 4.05 17.98 -65.94
N ARG D 114 3.60 18.38 -64.75
CA ARG D 114 2.22 18.76 -64.54
C ARG D 114 1.86 19.97 -65.39
N GLN D 115 2.71 20.98 -65.41
CA GLN D 115 2.37 22.20 -66.11
C GLN D 115 2.67 22.09 -67.60
N LEU D 116 3.28 21.01 -68.02
CA LEU D 116 3.52 20.85 -69.44
C LEU D 116 2.44 20.02 -70.10
N VAL D 117 1.90 19.01 -69.40
CA VAL D 117 0.72 18.33 -69.91
C VAL D 117 -0.49 19.27 -69.88
N SER D 118 -0.57 20.18 -68.91
CA SER D 118 -1.76 21.00 -68.73
C SER D 118 -1.89 22.08 -69.79
N HIS D 119 -0.79 22.53 -70.38
CA HIS D 119 -0.88 23.53 -71.43
C HIS D 119 -1.01 22.90 -72.80
N LYS D 120 -1.48 21.65 -72.84
CA LYS D 120 -1.78 20.91 -74.07
C LYS D 120 -0.54 20.77 -74.95
N ALA D 121 0.49 20.14 -74.41
CA ALA D 121 1.69 19.85 -75.16
C ALA D 121 1.91 18.37 -75.34
N ILE D 122 1.29 17.54 -74.52
CA ILE D 122 1.47 16.10 -74.58
C ILE D 122 0.28 15.48 -75.28
N THR D 123 0.55 14.62 -76.25
CA THR D 123 -0.44 13.75 -76.85
C THR D 123 -0.18 12.33 -76.39
N VAL D 124 -1.24 11.53 -76.30
CA VAL D 124 -1.03 10.12 -75.97
C VAL D 124 -1.10 9.28 -77.25
N ASN D 125 -2.23 9.25 -77.92
CA ASN D 125 -2.31 8.43 -79.12
C ASN D 125 -2.81 9.27 -80.29
N GLY D 126 -2.25 10.46 -80.44
CA GLY D 126 -2.55 11.31 -81.58
C GLY D 126 -3.65 12.31 -81.32
N GLN D 127 -3.76 12.74 -80.08
CA GLN D 127 -4.90 13.50 -79.57
C GLN D 127 -4.34 14.59 -78.69
N THR D 128 -5.13 15.07 -77.75
CA THR D 128 -4.56 15.91 -76.70
C THR D 128 -5.19 15.50 -75.38
N VAL D 129 -4.36 15.05 -74.46
CA VAL D 129 -4.80 14.85 -73.10
C VAL D 129 -4.12 15.88 -72.23
N ASN D 130 -4.90 16.72 -71.56
CA ASN D 130 -4.29 17.65 -70.62
C ASN D 130 -4.70 17.43 -69.18
N ILE D 131 -5.05 16.21 -68.79
CA ILE D 131 -5.29 15.92 -67.39
C ILE D 131 -4.06 15.26 -66.81
N PRO D 132 -3.45 15.85 -65.80
CA PRO D 132 -2.34 15.18 -65.13
C PRO D 132 -2.75 14.13 -64.12
N SER D 133 -3.70 13.30 -64.48
CA SER D 133 -4.13 12.14 -63.70
C SER D 133 -4.54 11.02 -64.62
N TYR D 134 -4.38 11.23 -65.92
CA TYR D 134 -4.75 10.25 -66.93
C TYR D 134 -3.89 9.01 -66.78
N GLN D 135 -4.49 7.93 -66.30
CA GLN D 135 -3.76 6.68 -66.09
C GLN D 135 -3.40 6.10 -67.46
N VAL D 136 -2.12 5.82 -67.67
CA VAL D 136 -1.66 5.33 -68.96
C VAL D 136 -1.64 3.81 -68.94
N LYS D 137 -1.80 3.21 -70.11
CA LYS D 137 -1.99 1.78 -70.21
C LYS D 137 -0.77 1.14 -70.83
N ALA D 138 -0.66 -0.17 -70.64
CA ALA D 138 0.55 -0.90 -71.01
C ALA D 138 0.65 -0.98 -72.52
N GLY D 139 1.47 -0.10 -73.09
CA GLY D 139 1.64 -0.06 -74.53
C GLY D 139 1.01 1.16 -75.17
N ASP D 140 1.04 2.29 -74.49
CA ASP D 140 0.62 3.55 -75.07
C ASP D 140 1.83 4.38 -75.42
N VAL D 141 1.80 4.97 -76.61
CA VAL D 141 2.71 6.07 -76.92
C VAL D 141 2.40 7.22 -75.98
N VAL D 142 3.43 7.92 -75.53
CA VAL D 142 3.25 9.21 -74.89
C VAL D 142 4.14 10.16 -75.65
N ALA D 143 3.58 10.83 -76.64
CA ALA D 143 4.37 11.64 -77.55
C ALA D 143 4.26 13.08 -77.11
N VAL D 144 4.76 13.98 -77.95
CA VAL D 144 4.72 15.40 -77.70
C VAL D 144 4.10 16.06 -78.93
N ARG D 145 3.14 16.94 -78.69
CA ARG D 145 2.46 17.63 -79.77
C ARG D 145 3.41 18.59 -80.47
N GLU D 146 3.24 18.73 -81.78
CA GLU D 146 4.22 19.42 -82.64
C GLU D 146 3.94 20.91 -82.75
N LYS D 147 3.78 21.55 -81.60
CA LYS D 147 3.74 23.00 -81.51
C LYS D 147 4.65 23.36 -80.35
N SER D 148 4.84 22.40 -79.45
CA SER D 148 5.80 22.51 -78.36
C SER D 148 6.88 21.48 -78.62
N LYS D 149 7.80 21.82 -79.53
CA LYS D 149 9.00 21.03 -79.75
C LYS D 149 10.23 21.90 -79.79
N ASN D 150 10.11 23.12 -80.29
CA ASN D 150 11.23 24.02 -80.53
C ASN D 150 11.43 24.94 -79.34
N GLN D 151 10.55 24.83 -78.35
CA GLN D 151 10.68 25.52 -77.09
C GLN D 151 11.67 24.72 -76.26
N LEU D 152 12.79 25.35 -75.93
CA LEU D 152 14.01 24.59 -75.70
C LEU D 152 14.04 23.92 -74.34
N ARG D 153 13.25 24.37 -73.37
CA ARG D 153 13.30 23.70 -72.07
C ARG D 153 12.59 22.37 -72.05
N ILE D 154 11.94 21.99 -73.14
CA ILE D 154 11.55 20.59 -73.34
C ILE D 154 12.79 19.76 -73.65
N ALA D 155 13.57 20.21 -74.64
CA ALA D 155 14.79 19.49 -74.99
C ALA D 155 15.87 19.65 -73.93
N GLN D 156 15.89 20.81 -73.26
CA GLN D 156 16.87 21.05 -72.20
C GLN D 156 16.58 20.21 -70.97
N ALA D 157 15.38 19.67 -70.84
CA ALA D 157 15.01 18.75 -69.78
C ALA D 157 15.33 17.31 -70.11
N LEU D 158 15.75 17.02 -71.33
CA LEU D 158 15.93 15.63 -71.74
C LEU D 158 17.28 15.07 -71.29
N GLU D 159 18.16 15.89 -70.73
CA GLU D 159 19.51 15.42 -70.46
C GLU D 159 19.65 14.66 -69.15
N LEU D 160 18.82 14.93 -68.14
CA LEU D 160 18.95 14.11 -66.94
C LEU D 160 18.21 12.78 -67.05
N CYS D 161 17.76 12.40 -68.25
CA CYS D 161 17.42 11.00 -68.47
C CYS D 161 18.64 10.12 -68.27
N GLY D 162 19.80 10.56 -68.75
CA GLY D 162 21.01 9.78 -68.56
C GLY D 162 21.65 10.00 -67.20
N GLN D 163 21.38 11.15 -66.59
CA GLN D 163 22.11 11.49 -65.36
C GLN D 163 21.35 11.09 -64.11
N ARG D 164 20.02 11.00 -64.16
CA ARG D 164 19.26 10.45 -63.04
C ARG D 164 19.28 8.93 -63.04
N GLY D 165 19.83 8.31 -64.07
CA GLY D 165 19.70 6.89 -64.26
C GLY D 165 18.59 6.56 -65.24
N ARG D 166 18.77 5.44 -65.93
CA ARG D 166 17.74 4.99 -66.86
C ARG D 166 16.52 4.52 -66.08
N VAL D 167 15.34 4.81 -66.60
CA VAL D 167 14.13 4.35 -65.95
C VAL D 167 13.83 2.90 -66.27
N GLU D 168 14.05 2.50 -67.54
CA GLU D 168 14.07 1.11 -67.98
C GLU D 168 12.71 0.40 -67.82
N TRP D 169 11.62 1.15 -67.96
CA TRP D 169 10.37 0.55 -68.38
C TRP D 169 9.61 1.42 -69.37
N VAL D 170 10.29 2.34 -70.04
CA VAL D 170 9.79 3.03 -71.21
C VAL D 170 10.78 2.79 -72.35
N GLU D 171 10.46 3.33 -73.52
CA GLU D 171 11.45 3.63 -74.54
C GLU D 171 11.08 4.98 -75.12
N VAL D 172 12.08 5.72 -75.57
CA VAL D 172 11.84 7.11 -75.96
C VAL D 172 12.71 7.49 -77.15
N ASP D 173 12.06 7.76 -78.28
CA ASP D 173 12.70 8.25 -79.49
C ASP D 173 12.93 9.74 -79.34
N LEU D 174 14.18 10.15 -79.14
CA LEU D 174 14.49 11.55 -78.93
C LEU D 174 14.43 12.38 -80.20
N ASP D 175 14.33 11.74 -81.37
CA ASP D 175 14.25 12.47 -82.63
C ASP D 175 12.90 13.16 -82.83
N LYS D 176 11.81 12.47 -82.54
CA LYS D 176 10.46 13.02 -82.63
C LYS D 176 9.90 13.40 -81.27
N LYS D 177 10.65 13.11 -80.21
CA LYS D 177 10.25 13.28 -78.81
C LYS D 177 8.94 12.54 -78.54
N ALA D 178 9.03 11.22 -78.65
CA ALA D 178 7.86 10.36 -78.55
C ALA D 178 8.25 9.11 -77.76
N GLY D 179 7.70 8.99 -76.56
CA GLY D 179 7.95 7.83 -75.74
C GLY D 179 7.04 6.66 -76.08
N THR D 180 7.10 5.64 -75.23
CA THR D 180 6.21 4.49 -75.32
C THR D 180 6.13 3.88 -73.93
N PHE D 181 4.98 4.01 -73.28
CA PHE D 181 4.82 3.47 -71.94
C PHE D 181 4.75 1.96 -72.09
N LYS D 182 5.87 1.29 -71.85
CA LYS D 182 6.00 -0.10 -72.22
C LYS D 182 5.21 -1.00 -71.29
N SER D 183 5.37 -0.81 -69.98
CA SER D 183 4.60 -1.52 -68.98
C SER D 183 4.64 -0.72 -67.70
N ALA D 184 3.85 -1.13 -66.73
CA ALA D 184 3.88 -0.56 -65.40
C ALA D 184 5.10 -1.07 -64.63
N PRO D 185 5.67 -0.29 -63.71
CA PRO D 185 6.73 -0.84 -62.86
C PRO D 185 6.15 -1.78 -61.81
N ALA D 186 7.05 -2.53 -61.18
CA ALA D 186 6.74 -3.29 -59.98
C ALA D 186 7.73 -2.88 -58.90
N ARG D 187 7.49 -3.32 -57.66
CA ARG D 187 8.25 -2.76 -56.53
C ARG D 187 9.61 -3.47 -56.39
N SER D 188 10.39 -3.31 -57.45
CA SER D 188 11.86 -3.32 -57.42
C SER D 188 12.43 -2.24 -58.31
N ASP D 189 11.61 -1.58 -59.12
CA ASP D 189 12.02 -0.52 -60.02
C ASP D 189 11.83 0.85 -59.40
N LEU D 190 11.29 0.90 -58.19
CA LEU D 190 11.02 2.13 -57.47
C LEU D 190 12.06 2.28 -56.38
N SER D 191 12.32 3.53 -55.97
CA SER D 191 13.36 3.80 -54.99
C SER D 191 12.97 3.25 -53.63
N ALA D 192 13.97 2.91 -52.84
CA ALA D 192 13.78 2.16 -51.61
C ALA D 192 13.66 3.05 -50.39
N ASP D 193 13.68 4.37 -50.55
CA ASP D 193 13.55 5.25 -49.40
C ASP D 193 12.13 5.24 -48.86
N ILE D 194 11.17 4.81 -49.66
CA ILE D 194 9.78 4.80 -49.22
C ILE D 194 9.47 3.46 -48.57
N ASN D 195 8.52 3.48 -47.62
CA ASN D 195 8.02 2.27 -46.96
C ASN D 195 6.57 2.08 -47.36
N GLU D 196 6.35 1.35 -48.45
CA GLU D 196 5.07 1.19 -49.13
C GLU D 196 3.92 0.73 -48.22
N ASN D 197 4.18 -0.04 -47.18
CA ASN D 197 3.09 -0.64 -46.42
C ASN D 197 2.75 0.18 -45.18
N LEU D 198 3.50 1.25 -44.94
CA LEU D 198 3.19 2.15 -43.84
C LEU D 198 2.18 3.23 -44.21
N ILE D 199 1.60 3.16 -45.41
CA ILE D 199 0.41 3.94 -45.70
C ILE D 199 -0.82 3.11 -45.41
N VAL D 200 -0.74 1.80 -45.62
CA VAL D 200 -1.82 0.88 -45.22
C VAL D 200 -1.92 0.84 -43.69
N GLU D 201 -0.81 1.07 -43.00
CA GLU D 201 -0.84 1.19 -41.54
C GLU D 201 -1.55 2.46 -41.11
N LEU D 202 -1.55 3.48 -41.97
CA LEU D 202 -2.27 4.74 -41.69
C LEU D 202 -3.60 4.73 -42.42
N TYR D 203 -4.45 3.77 -42.06
CA TYR D 203 -5.78 3.88 -42.62
C TYR D 203 -6.89 3.76 -41.59
N SER D 204 -6.75 2.88 -40.61
CA SER D 204 -7.87 2.69 -39.70
C SER D 204 -7.63 3.33 -38.33
N LYS D 205 -6.46 3.90 -38.11
CA LYS D 205 -6.27 5.06 -37.24
C LYS D 205 -5.21 5.95 -37.86
N GLY E 1 15.19 -13.85 -29.09
CA GLY E 1 14.24 -13.11 -29.89
C GLY E 1 14.70 -11.67 -30.13
N TYR E 2 14.50 -11.17 -31.35
CA TYR E 2 15.25 -10.01 -31.79
C TYR E 2 14.40 -8.89 -32.40
N ILE E 3 13.07 -8.94 -32.29
CA ILE E 3 12.20 -7.89 -32.80
C ILE E 3 11.36 -7.37 -31.63
N GLU E 4 12.00 -7.33 -30.46
CA GLU E 4 11.34 -6.89 -29.24
C GLU E 4 10.38 -5.77 -29.52
N LYS E 5 9.45 -5.53 -28.58
CA LYS E 5 8.47 -4.48 -28.78
C LYS E 5 7.68 -4.19 -27.52
N LEU E 6 7.78 -2.97 -27.02
CA LEU E 6 7.06 -2.55 -25.83
C LEU E 6 5.60 -2.25 -26.12
N VAL E 7 4.73 -2.61 -25.19
CA VAL E 7 3.29 -2.40 -25.31
C VAL E 7 2.84 -1.27 -24.39
N GLN E 8 3.00 -1.49 -23.10
CA GLN E 8 2.51 -0.53 -22.13
C GLN E 8 3.45 -0.32 -20.97
N VAL E 9 3.47 0.92 -20.52
CA VAL E 9 4.28 1.33 -19.37
C VAL E 9 3.40 2.14 -18.42
N ASN E 10 3.40 1.75 -17.14
CA ASN E 10 2.43 2.27 -16.18
C ASN E 10 3.13 2.75 -14.92
N ARG E 11 2.76 3.94 -14.46
CA ARG E 11 3.31 4.50 -13.23
C ARG E 11 2.41 4.09 -12.08
N VAL E 12 2.85 3.10 -11.33
CA VAL E 12 2.11 2.55 -10.21
C VAL E 12 2.75 3.04 -8.93
N ALA E 13 2.03 2.96 -7.80
CA ALA E 13 2.45 3.69 -6.61
C ALA E 13 2.23 2.83 -5.37
N LYS E 14 2.78 3.30 -4.26
CA LYS E 14 2.70 2.61 -2.98
C LYS E 14 2.82 3.64 -1.88
N THR E 15 2.04 3.48 -0.82
CA THR E 15 2.06 4.43 0.28
C THR E 15 2.80 3.87 1.48
N VAL E 16 3.64 4.72 2.08
CA VAL E 16 4.42 4.42 3.29
C VAL E 16 4.10 5.60 4.21
N LYS E 17 4.79 5.70 5.36
CA LYS E 17 4.64 6.85 6.26
C LYS E 17 4.91 8.16 5.56
N GLY E 18 5.98 8.25 4.79
CA GLY E 18 6.30 9.45 4.05
C GLY E 18 5.35 9.82 2.94
N GLY E 19 4.84 8.85 2.20
CA GLY E 19 3.92 9.10 1.12
C GLY E 19 4.18 8.15 -0.02
N ARG E 20 3.66 8.51 -1.19
CA ARG E 20 3.66 7.66 -2.37
C ARG E 20 5.09 7.45 -2.86
N ILE E 21 5.59 6.22 -2.74
CA ILE E 21 6.79 5.78 -3.41
C ILE E 21 6.40 5.15 -4.74
N PHE E 22 7.04 5.57 -5.82
CA PHE E 22 6.61 5.21 -7.17
C PHE E 22 7.51 4.14 -7.77
N ALA E 23 6.94 3.45 -8.75
CA ALA E 23 7.64 2.41 -9.48
C ALA E 23 6.95 2.29 -10.83
N PHE E 24 7.72 2.02 -11.86
CA PHE E 24 7.17 1.92 -13.20
C PHE E 24 7.15 0.49 -13.63
N THR E 25 6.06 0.10 -14.27
CA THR E 25 5.87 -1.25 -14.75
C THR E 25 5.74 -1.23 -16.27
N ALA E 26 6.56 -2.02 -16.94
CA ALA E 26 6.49 -2.12 -18.39
C ALA E 26 6.12 -3.54 -18.78
N LEU E 27 5.19 -3.65 -19.72
CA LEU E 27 4.82 -4.91 -20.33
C LEU E 27 5.34 -4.92 -21.75
N THR E 28 6.10 -5.95 -22.10
CA THR E 28 6.86 -5.94 -23.34
C THR E 28 6.86 -7.34 -23.92
N VAL E 29 6.69 -7.40 -25.24
CA VAL E 29 6.66 -8.64 -26.02
C VAL E 29 7.97 -8.82 -26.76
N VAL E 30 8.41 -10.07 -26.91
CA VAL E 30 9.67 -10.36 -27.57
C VAL E 30 9.46 -11.53 -28.51
N GLY E 31 9.80 -11.35 -29.79
CA GLY E 31 9.62 -12.37 -30.78
C GLY E 31 10.77 -12.45 -31.78
N ASP E 32 10.59 -13.31 -32.78
CA ASP E 32 11.57 -13.45 -33.85
C ASP E 32 10.95 -13.47 -35.24
N GLY E 33 9.66 -13.23 -35.37
CA GLY E 33 9.02 -13.26 -36.66
C GLY E 33 8.83 -14.64 -37.25
N LYS E 34 9.13 -15.70 -36.51
CA LYS E 34 9.00 -17.04 -37.07
C LYS E 34 8.12 -17.99 -36.28
N GLY E 35 7.59 -17.57 -35.14
CA GLY E 35 6.76 -18.45 -34.35
C GLY E 35 7.33 -18.69 -32.98
N ARG E 36 8.08 -17.72 -32.49
CA ARG E 36 8.66 -17.77 -31.17
C ARG E 36 8.28 -16.46 -30.53
N VAL E 37 7.63 -16.55 -29.37
CA VAL E 37 7.17 -15.34 -28.67
C VAL E 37 7.19 -15.61 -27.18
N GLY E 38 7.76 -14.67 -26.41
CA GLY E 38 7.44 -14.56 -25.01
C GLY E 38 6.98 -13.15 -24.72
N PHE E 39 6.39 -12.98 -23.55
CA PHE E 39 6.03 -11.66 -23.04
C PHE E 39 6.57 -11.55 -21.64
N GLY E 40 6.88 -10.33 -21.23
CA GLY E 40 7.60 -10.10 -19.99
C GLY E 40 7.13 -8.85 -19.28
N ARG E 41 7.13 -8.94 -17.95
CA ARG E 41 6.73 -7.83 -17.10
C ARG E 41 7.89 -7.56 -16.17
N GLY E 42 8.16 -6.30 -15.91
CA GLY E 42 9.23 -5.92 -15.02
C GLY E 42 8.96 -4.59 -14.35
N LYS E 43 9.54 -4.42 -13.17
CA LYS E 43 9.37 -3.18 -12.43
C LYS E 43 10.69 -2.60 -11.94
N ALA E 44 10.74 -1.27 -11.94
CA ALA E 44 11.89 -0.52 -11.46
C ALA E 44 11.41 0.89 -11.15
N ARG E 45 12.26 1.66 -10.49
CA ARG E 45 11.93 3.04 -10.14
C ARG E 45 12.03 3.96 -11.36
N GLU E 46 12.86 3.61 -12.33
CA GLU E 46 13.04 4.41 -13.53
C GLU E 46 12.45 3.64 -14.70
N VAL E 47 12.05 4.37 -15.74
CA VAL E 47 11.44 3.78 -16.94
C VAL E 47 12.38 2.79 -17.62
N PRO E 48 13.61 3.14 -18.08
CA PRO E 48 14.34 2.17 -18.89
C PRO E 48 14.92 1.02 -18.09
N ALA E 49 15.04 1.17 -16.77
CA ALA E 49 15.48 0.04 -15.96
C ALA E 49 14.37 -0.98 -15.79
N ALA E 50 13.12 -0.58 -16.03
CA ALA E 50 12.01 -1.53 -15.98
C ALA E 50 11.72 -2.13 -17.34
N ILE E 51 11.99 -1.39 -18.43
CA ILE E 51 11.81 -1.94 -19.76
C ILE E 51 12.82 -3.05 -20.01
N GLN E 52 14.02 -2.87 -19.47
CA GLN E 52 15.07 -3.86 -19.59
C GLN E 52 14.64 -5.14 -18.88
N LYS E 53 14.09 -4.99 -17.69
CA LYS E 53 13.62 -6.15 -16.96
C LYS E 53 12.45 -6.79 -17.67
N ALA E 54 11.69 -5.99 -18.42
CA ALA E 54 10.61 -6.55 -19.24
C ALA E 54 11.16 -7.21 -20.49
N MET E 55 12.31 -6.75 -20.98
CA MET E 55 12.97 -7.45 -22.07
C MET E 55 13.56 -8.76 -21.59
N GLU E 56 14.18 -8.70 -20.42
CA GLU E 56 14.85 -9.84 -19.83
C GLU E 56 13.93 -11.02 -19.56
N ALA E 57 12.81 -10.75 -18.90
CA ALA E 57 11.87 -11.80 -18.54
C ALA E 57 11.06 -12.28 -19.73
N ALA E 58 11.10 -11.56 -20.85
CA ALA E 58 10.41 -12.00 -22.04
C ALA E 58 11.31 -12.79 -22.97
N ARG E 59 12.62 -12.81 -22.71
CA ARG E 59 13.50 -13.65 -23.52
C ARG E 59 13.57 -15.06 -22.94
N ARG E 60 13.34 -15.21 -21.66
CA ARG E 60 12.93 -16.50 -21.15
C ARG E 60 11.41 -16.55 -21.19
N ASN E 61 10.86 -17.74 -20.96
CA ASN E 61 9.42 -18.03 -21.11
C ASN E 61 8.92 -17.66 -22.50
N MET E 62 9.56 -18.23 -23.52
CA MET E 62 9.13 -18.08 -24.90
C MET E 62 8.56 -19.41 -25.37
N ILE E 63 7.75 -19.37 -26.43
CA ILE E 63 6.90 -20.49 -26.82
C ILE E 63 6.91 -20.66 -28.33
N GLN E 64 7.01 -21.91 -28.77
CA GLN E 64 6.91 -22.24 -30.18
C GLN E 64 5.45 -22.26 -30.61
N VAL E 65 5.09 -21.36 -31.51
CA VAL E 65 3.74 -21.22 -32.02
C VAL E 65 3.63 -22.02 -33.31
N ASP E 66 2.65 -22.92 -33.37
CA ASP E 66 2.52 -23.83 -34.50
C ASP E 66 1.62 -23.17 -35.55
N LEU E 67 2.20 -22.26 -36.31
CA LEU E 67 1.44 -21.55 -37.34
C LEU E 67 1.35 -22.30 -38.65
N ASN E 68 0.65 -21.69 -39.59
CA ASN E 68 0.42 -22.25 -40.93
C ASN E 68 1.36 -21.64 -41.96
N GLY E 69 2.01 -20.54 -41.63
CA GLY E 69 2.82 -19.76 -42.55
C GLY E 69 2.11 -18.47 -42.83
N THR E 70 2.48 -17.41 -42.09
CA THR E 70 2.01 -16.03 -42.17
C THR E 70 0.56 -15.81 -41.74
N THR E 71 -0.22 -16.87 -41.47
CA THR E 71 -1.56 -16.72 -40.95
C THR E 71 -1.67 -17.55 -39.68
N LEU E 72 -2.83 -17.48 -39.04
CA LEU E 72 -3.17 -18.43 -38.00
C LEU E 72 -3.50 -19.78 -38.62
N GLN E 73 -3.69 -20.78 -37.76
CA GLN E 73 -4.01 -22.10 -38.27
C GLN E 73 -5.51 -22.31 -38.42
N TYR E 74 -6.30 -21.92 -37.44
CA TYR E 74 -7.75 -21.98 -37.52
C TYR E 74 -8.33 -20.84 -36.70
N PRO E 75 -9.59 -20.46 -36.92
CA PRO E 75 -10.20 -19.44 -36.07
C PRO E 75 -10.33 -19.91 -34.64
N THR E 76 -9.80 -19.10 -33.74
CA THR E 76 -9.64 -19.55 -32.36
C THR E 76 -10.15 -18.50 -31.40
N LYS E 77 -10.36 -18.92 -30.17
CA LYS E 77 -10.88 -18.08 -29.12
C LYS E 77 -10.17 -18.42 -27.83
N SER E 78 -9.79 -17.40 -27.07
CA SER E 78 -9.12 -17.63 -25.80
C SER E 78 -9.38 -16.48 -24.86
N ALA E 79 -9.05 -16.73 -23.59
CA ALA E 79 -9.51 -15.87 -22.52
C ALA E 79 -8.72 -16.14 -21.26
N HIS E 80 -8.28 -15.05 -20.62
CA HIS E 80 -7.65 -15.13 -19.32
C HIS E 80 -8.19 -14.02 -18.45
N GLY E 81 -8.95 -14.39 -17.42
CA GLY E 81 -9.66 -13.42 -16.59
C GLY E 81 -10.92 -12.96 -17.28
N ALA E 82 -11.18 -11.66 -17.26
CA ALA E 82 -12.33 -11.09 -17.94
C ALA E 82 -12.00 -10.71 -19.37
N SER E 83 -10.77 -10.91 -19.80
CA SER E 83 -10.35 -10.57 -21.16
C SER E 83 -10.63 -11.76 -22.05
N LYS E 84 -11.23 -11.51 -23.21
CA LYS E 84 -11.58 -12.55 -24.15
C LYS E 84 -11.14 -12.16 -25.55
N VAL E 85 -10.50 -13.09 -26.25
CA VAL E 85 -9.79 -12.79 -27.50
C VAL E 85 -10.23 -13.79 -28.56
N TYR E 86 -10.77 -13.28 -29.66
CA TYR E 86 -11.03 -14.07 -30.85
C TYR E 86 -9.99 -13.75 -31.91
N MET E 87 -9.44 -14.78 -32.53
CA MET E 87 -8.45 -14.65 -33.59
C MET E 87 -8.84 -15.59 -34.71
N GLN E 88 -8.52 -15.22 -35.94
CA GLN E 88 -8.79 -16.15 -37.03
C GLN E 88 -7.68 -16.09 -38.09
N PRO E 89 -7.77 -16.84 -39.20
CA PRO E 89 -6.94 -16.51 -40.36
C PRO E 89 -7.50 -15.42 -41.25
N ALA E 90 -6.62 -14.84 -42.05
CA ALA E 90 -7.01 -13.98 -43.15
C ALA E 90 -6.37 -14.54 -44.43
N SER E 91 -6.56 -13.89 -45.58
CA SER E 91 -6.31 -14.59 -46.83
C SER E 91 -4.89 -14.39 -47.36
N GLU E 92 -4.53 -13.17 -47.72
CA GLU E 92 -3.17 -12.93 -48.17
C GLU E 92 -2.77 -11.47 -48.26
N GLY E 93 -3.74 -10.59 -48.46
CA GLY E 93 -3.43 -9.17 -48.61
C GLY E 93 -3.69 -8.39 -47.35
N THR E 94 -4.40 -9.00 -46.40
CA THR E 94 -4.77 -8.39 -45.13
C THR E 94 -3.52 -8.20 -44.29
N GLY E 95 -3.56 -7.37 -43.27
CA GLY E 95 -2.40 -7.32 -42.39
C GLY E 95 -2.71 -7.67 -40.96
N ILE E 96 -2.44 -6.78 -40.05
CA ILE E 96 -2.78 -7.09 -38.70
C ILE E 96 -3.95 -6.19 -38.47
N ILE E 97 -5.16 -6.74 -38.63
CA ILE E 97 -6.36 -5.95 -38.41
C ILE E 97 -6.96 -6.24 -37.04
N ALA E 98 -6.09 -6.44 -36.07
CA ALA E 98 -6.44 -6.67 -34.70
C ALA E 98 -6.25 -5.31 -34.07
N GLY E 99 -5.34 -5.20 -33.13
CA GLY E 99 -5.13 -3.90 -32.55
C GLY E 99 -4.78 -3.85 -31.09
N GLY E 100 -3.85 -2.98 -30.78
CA GLY E 100 -3.41 -2.75 -29.42
C GLY E 100 -2.40 -3.77 -28.91
N ALA E 101 -2.74 -4.39 -27.79
CA ALA E 101 -1.88 -5.39 -27.20
C ALA E 101 -1.88 -6.69 -27.98
N MET E 102 -2.94 -6.96 -28.74
CA MET E 102 -2.93 -8.11 -29.63
C MET E 102 -2.14 -7.82 -30.88
N ARG E 103 -1.89 -6.56 -31.18
CA ARG E 103 -1.16 -6.25 -32.40
C ARG E 103 0.32 -6.51 -32.25
N ALA E 104 0.83 -6.43 -31.02
CA ALA E 104 2.24 -6.66 -30.81
C ALA E 104 2.57 -8.14 -30.76
N VAL E 105 1.78 -8.91 -30.03
CA VAL E 105 1.98 -10.35 -29.93
C VAL E 105 1.76 -11.02 -31.27
N LEU E 106 0.75 -10.58 -32.01
CA LEU E 106 0.57 -11.04 -33.37
C LEU E 106 1.28 -10.12 -34.35
N GLU E 107 2.52 -9.76 -34.04
CA GLU E 107 3.42 -9.17 -35.01
C GLU E 107 4.76 -9.87 -34.88
N VAL E 108 5.13 -10.15 -33.63
CA VAL E 108 6.41 -10.74 -33.33
C VAL E 108 6.34 -12.26 -33.30
N ALA E 109 5.17 -12.83 -33.55
CA ALA E 109 5.10 -14.24 -33.91
C ALA E 109 5.24 -14.46 -35.39
N GLY E 110 5.35 -13.38 -36.16
CA GLY E 110 5.54 -13.51 -37.57
C GLY E 110 4.29 -13.80 -38.35
N VAL E 111 3.14 -13.71 -37.72
CA VAL E 111 1.89 -13.75 -38.44
C VAL E 111 1.62 -12.36 -39.02
N GLN E 112 1.10 -12.32 -40.24
CA GLN E 112 0.66 -11.03 -40.75
C GLN E 112 -0.67 -11.11 -41.47
N ASN E 113 -1.52 -12.07 -41.12
CA ASN E 113 -2.89 -12.12 -41.62
C ASN E 113 -3.75 -12.59 -40.46
N VAL E 114 -4.21 -11.65 -39.64
CA VAL E 114 -4.83 -12.08 -38.39
C VAL E 114 -6.34 -11.89 -38.36
N LEU E 115 -6.76 -10.64 -38.25
CA LEU E 115 -8.17 -10.35 -38.12
C LEU E 115 -8.59 -10.84 -36.73
N ALA E 116 -8.01 -10.25 -35.70
CA ALA E 116 -8.31 -10.59 -34.31
C ALA E 116 -9.12 -9.48 -33.67
N LYS E 117 -9.86 -9.86 -32.62
CA LYS E 117 -10.76 -8.93 -31.95
C LYS E 117 -10.87 -9.35 -30.49
N CYS E 118 -10.81 -8.38 -29.59
CA CYS E 118 -10.86 -8.67 -28.17
C CYS E 118 -12.11 -8.08 -27.53
N TYR E 119 -12.73 -8.85 -26.65
CA TYR E 119 -13.95 -8.46 -25.98
C TYR E 119 -13.71 -8.52 -24.49
N GLY E 120 -14.64 -8.00 -23.72
CA GLY E 120 -14.53 -8.12 -22.28
C GLY E 120 -13.66 -7.04 -21.70
N SER E 121 -12.47 -7.41 -21.27
CA SER E 121 -11.53 -6.43 -20.74
C SER E 121 -10.46 -6.12 -21.76
N THR E 122 -10.08 -4.85 -21.79
CA THR E 122 -9.09 -4.37 -22.73
C THR E 122 -7.79 -4.01 -22.04
N ASN E 123 -7.68 -4.34 -20.75
CA ASN E 123 -6.45 -4.21 -19.97
C ASN E 123 -5.39 -5.06 -20.61
N PRO E 124 -4.30 -4.45 -21.07
CA PRO E 124 -3.35 -5.16 -21.92
C PRO E 124 -2.53 -6.25 -21.24
N VAL E 125 -2.51 -6.37 -19.92
CA VAL E 125 -1.70 -7.43 -19.35
C VAL E 125 -2.44 -8.75 -19.38
N ASN E 126 -3.78 -8.70 -19.48
CA ASN E 126 -4.60 -9.90 -19.58
C ASN E 126 -4.98 -10.19 -21.02
N VAL E 127 -5.03 -9.14 -21.86
CA VAL E 127 -5.16 -9.35 -23.29
C VAL E 127 -3.93 -10.04 -23.82
N VAL E 128 -2.76 -9.74 -23.26
CA VAL E 128 -1.54 -10.41 -23.68
C VAL E 128 -1.51 -11.87 -23.24
N TYR E 129 -1.99 -12.20 -22.02
CA TYR E 129 -2.12 -13.63 -21.70
C TYR E 129 -3.16 -14.31 -22.57
N ALA E 130 -4.21 -13.59 -22.96
CA ALA E 130 -5.28 -14.23 -23.70
C ALA E 130 -4.92 -14.42 -25.16
N THR E 131 -3.99 -13.62 -25.67
CA THR E 131 -3.47 -13.91 -27.00
C THR E 131 -2.42 -15.01 -26.92
N PHE E 132 -1.68 -15.01 -25.83
CA PHE E 132 -0.64 -16.00 -25.61
C PHE E 132 -1.15 -17.41 -25.43
N LYS E 133 -2.37 -17.55 -24.94
CA LYS E 133 -2.92 -18.89 -24.78
C LYS E 133 -3.60 -19.37 -26.04
N GLY E 134 -4.06 -18.46 -26.88
CA GLY E 134 -4.57 -18.86 -28.18
C GLY E 134 -3.47 -19.37 -29.08
N LEU E 135 -2.28 -18.78 -28.96
CA LEU E 135 -1.18 -19.14 -29.84
C LEU E 135 -0.46 -20.38 -29.36
N LYS E 136 -0.43 -20.60 -28.05
CA LYS E 136 0.24 -21.77 -27.48
C LYS E 136 -0.55 -23.05 -27.71
N ASN E 137 -1.81 -22.94 -28.11
CA ASN E 137 -2.73 -24.07 -28.09
C ASN E 137 -3.28 -24.31 -29.49
N MET E 138 -2.40 -24.32 -30.48
CA MET E 138 -2.77 -24.69 -31.84
C MET E 138 -1.88 -25.84 -32.28
N GLN E 139 -2.35 -26.54 -33.31
CA GLN E 139 -1.63 -27.65 -33.89
C GLN E 139 -2.20 -27.97 -35.29
N PRO E 140 -1.35 -27.94 -36.34
CA PRO E 140 -1.86 -28.21 -37.69
C PRO E 140 -1.85 -29.67 -38.12
N GLU E 141 -0.95 -30.49 -37.58
CA GLU E 141 -0.75 -31.82 -38.10
C GLU E 141 -0.53 -32.73 -36.91
N ALA E 142 -0.44 -32.14 -35.73
CA ALA E 142 -0.17 -32.84 -34.49
C ALA E 142 -1.45 -33.30 -33.82
N VAL E 143 -2.51 -33.44 -34.60
CA VAL E 143 -3.63 -34.27 -34.18
C VAL E 143 -3.14 -35.70 -33.98
N ALA E 144 -3.51 -36.28 -32.84
CA ALA E 144 -3.09 -37.63 -32.51
C ALA E 144 -4.04 -38.65 -33.07
N ALA E 145 -5.22 -38.21 -33.50
CA ALA E 145 -6.16 -39.01 -34.27
C ALA E 145 -5.41 -39.48 -35.49
N LYS E 146 -5.27 -40.79 -35.61
CA LYS E 146 -4.27 -41.38 -36.50
C LYS E 146 -4.72 -41.39 -37.95
N ARG E 147 -4.79 -40.20 -38.54
CA ARG E 147 -5.32 -40.05 -39.90
C ARG E 147 -4.37 -39.13 -40.66
N GLY E 148 -4.72 -38.86 -41.92
CA GLY E 148 -4.06 -37.84 -42.70
C GLY E 148 -4.84 -36.55 -42.74
N LYS E 149 -6.12 -36.62 -42.36
CA LYS E 149 -6.99 -35.46 -42.18
C LYS E 149 -7.70 -35.50 -40.82
N ARG F 1 -54.67 -48.68 20.42
CA ARG F 1 -55.05 -49.90 21.13
C ARG F 1 -54.27 -50.10 22.40
N HIS F 2 -53.26 -50.96 22.36
CA HIS F 2 -52.46 -51.18 23.57
C HIS F 2 -51.98 -49.97 24.37
N TYR F 3 -52.29 -49.96 25.65
CA TYR F 3 -51.95 -48.86 26.53
C TYR F 3 -51.23 -49.38 27.75
N GLU F 4 -50.67 -48.47 28.53
CA GLU F 4 -49.93 -48.82 29.73
C GLU F 4 -50.31 -47.81 30.79
N ILE F 5 -51.29 -48.11 31.56
CA ILE F 5 -51.82 -47.15 32.50
C ILE F 5 -51.06 -47.34 33.80
N VAL F 6 -50.59 -46.24 34.38
CA VAL F 6 -50.03 -46.29 35.72
C VAL F 6 -50.47 -45.06 36.48
N PHE F 7 -51.11 -45.31 37.62
CA PHE F 7 -51.80 -44.30 38.38
C PHE F 7 -51.43 -44.47 39.84
N LEU F 8 -51.41 -43.35 40.55
CA LEU F 8 -51.23 -43.35 41.98
C LEU F 8 -52.59 -43.30 42.66
N VAL F 9 -52.66 -43.73 43.90
CA VAL F 9 -53.80 -43.40 44.75
C VAL F 9 -53.25 -42.77 46.01
N HIS F 10 -54.08 -41.98 46.68
CA HIS F 10 -53.68 -41.36 47.93
C HIS F 10 -53.51 -42.45 48.98
N PRO F 11 -52.44 -42.43 49.78
CA PRO F 11 -52.08 -43.62 50.58
C PRO F 11 -53.03 -43.92 51.71
N ASP F 12 -53.88 -42.97 52.09
CA ASP F 12 -54.84 -43.21 53.16
C ASP F 12 -55.99 -44.07 52.63
N GLN F 13 -56.12 -44.08 51.31
CA GLN F 13 -57.18 -44.82 50.62
C GLN F 13 -56.63 -46.10 49.98
N SER F 14 -55.62 -46.71 50.62
CA SER F 14 -54.89 -47.81 50.01
C SER F 14 -55.56 -49.15 50.17
N GLU F 15 -56.73 -49.19 50.79
CA GLU F 15 -57.36 -50.46 51.12
C GLU F 15 -58.49 -50.85 50.19
N GLN F 16 -59.01 -49.91 49.40
CA GLN F 16 -59.99 -50.24 48.37
C GLN F 16 -59.38 -50.26 46.99
N VAL F 17 -58.05 -50.20 46.88
CA VAL F 17 -57.41 -50.26 45.57
C VAL F 17 -57.58 -51.65 44.97
N GLY F 18 -57.73 -52.68 45.82
CA GLY F 18 -58.12 -53.98 45.34
C GLY F 18 -59.52 -54.00 44.76
N GLY F 19 -60.37 -53.06 45.16
CA GLY F 19 -61.64 -52.87 44.49
C GLY F 19 -61.56 -51.90 43.32
N MET F 20 -60.72 -50.89 43.45
CA MET F 20 -60.53 -49.90 42.39
C MET F 20 -60.12 -50.63 41.13
N VAL F 21 -58.97 -51.29 41.22
CA VAL F 21 -58.45 -52.08 40.10
C VAL F 21 -59.50 -53.04 39.57
N GLU F 22 -60.12 -53.79 40.47
CA GLU F 22 -61.14 -54.75 40.08
C GLU F 22 -62.23 -54.09 39.27
N ARG F 23 -62.65 -52.90 39.69
CA ARG F 23 -63.71 -52.21 38.98
C ARG F 23 -63.17 -51.82 37.60
N TYR F 24 -61.89 -51.46 37.54
CA TYR F 24 -61.30 -51.04 36.27
C TYR F 24 -61.13 -52.23 35.34
N THR F 25 -60.90 -53.43 35.90
CA THR F 25 -60.80 -54.61 35.06
C THR F 25 -62.13 -54.99 34.44
N LYS F 26 -63.19 -55.03 35.25
CA LYS F 26 -64.51 -55.40 34.76
C LYS F 26 -65.06 -54.36 33.78
N ALA F 27 -64.66 -53.12 33.94
CA ALA F 27 -65.08 -52.08 33.00
C ALA F 27 -64.35 -52.20 31.67
N ILE F 28 -63.16 -52.79 31.67
CA ILE F 28 -62.42 -52.98 30.42
C ILE F 28 -62.83 -54.27 29.73
N GLU F 29 -63.15 -55.31 30.51
CA GLU F 29 -63.62 -56.57 29.94
C GLU F 29 -65.02 -56.47 29.34
N GLU F 30 -65.76 -55.40 29.61
CA GLU F 30 -67.12 -55.28 29.11
C GLU F 30 -67.16 -54.95 27.63
N ASP F 31 -66.01 -54.56 27.05
CA ASP F 31 -65.85 -54.48 25.60
C ASP F 31 -64.87 -55.53 25.09
N GLY F 32 -64.65 -56.58 25.89
CA GLY F 32 -63.71 -57.60 25.52
C GLY F 32 -62.25 -57.21 25.60
N GLY F 33 -61.95 -56.03 26.16
CA GLY F 33 -60.59 -55.54 26.18
C GLY F 33 -59.72 -56.38 27.09
N LYS F 34 -58.66 -56.95 26.54
CA LYS F 34 -57.77 -57.81 27.28
C LYS F 34 -56.96 -57.00 28.28
N ILE F 35 -56.42 -57.67 29.27
CA ILE F 35 -55.55 -57.06 30.29
C ILE F 35 -54.30 -57.91 30.33
N HIS F 36 -53.20 -57.38 29.80
CA HIS F 36 -52.02 -58.21 29.62
C HIS F 36 -51.16 -58.25 30.86
N ARG F 37 -51.20 -57.20 31.69
CA ARG F 37 -50.38 -57.20 32.89
C ARG F 37 -51.08 -56.33 33.92
N LEU F 38 -50.87 -56.68 35.19
CA LEU F 38 -51.47 -55.97 36.30
C LEU F 38 -50.53 -56.12 37.47
N GLU F 39 -49.86 -55.04 37.83
CA GLU F 39 -48.94 -55.04 38.94
C GLU F 39 -49.31 -53.97 39.94
N ASP F 40 -49.28 -54.33 41.21
CA ASP F 40 -49.40 -53.37 42.30
C ASP F 40 -48.03 -53.26 42.93
N TRP F 41 -47.45 -52.07 42.85
CA TRP F 41 -46.18 -51.85 43.51
C TRP F 41 -46.46 -51.49 44.96
N GLY F 42 -45.40 -51.14 45.68
CA GLY F 42 -45.52 -50.85 47.09
C GLY F 42 -46.22 -49.54 47.35
N ARG F 43 -46.25 -49.18 48.63
CA ARG F 43 -46.62 -47.81 48.99
C ARG F 43 -45.31 -47.03 49.00
N ARG F 44 -44.92 -46.59 47.81
CA ARG F 44 -43.60 -45.99 47.63
C ARG F 44 -43.59 -44.56 48.13
N GLN F 45 -42.40 -44.06 48.42
CA GLN F 45 -42.25 -42.66 48.80
C GLN F 45 -41.94 -41.82 47.58
N LEU F 46 -42.77 -40.81 47.34
CA LEU F 46 -42.62 -39.90 46.22
C LEU F 46 -41.34 -39.10 46.34
N ALA F 47 -40.83 -38.63 45.20
CA ALA F 47 -39.62 -37.82 45.20
C ALA F 47 -39.89 -36.34 45.40
N TYR F 48 -41.16 -35.94 45.43
CA TYR F 48 -41.58 -34.58 45.76
C TYR F 48 -43.02 -34.66 46.22
N ALA F 49 -43.59 -33.51 46.58
CA ALA F 49 -44.94 -33.49 47.08
C ALA F 49 -45.95 -33.43 45.93
N ILE F 50 -47.01 -34.21 46.06
CA ILE F 50 -48.17 -34.11 45.16
C ILE F 50 -49.37 -33.84 46.06
N ASN F 51 -49.90 -32.61 45.97
CA ASN F 51 -51.00 -32.12 46.80
C ASN F 51 -50.65 -32.21 48.29
N ASN F 52 -49.39 -31.93 48.60
CA ASN F 52 -48.80 -32.08 49.94
C ASN F 52 -49.02 -33.47 50.54
N VAL F 53 -48.64 -34.51 49.80
CA VAL F 53 -48.42 -35.81 50.38
C VAL F 53 -46.97 -36.19 50.06
N HIS F 54 -46.47 -37.22 50.72
CA HIS F 54 -45.09 -37.63 50.52
C HIS F 54 -44.95 -39.11 50.31
N LYS F 55 -46.03 -39.85 50.32
CA LYS F 55 -46.07 -41.29 50.21
C LYS F 55 -47.28 -41.58 49.35
N ALA F 56 -47.21 -42.58 48.49
CA ALA F 56 -48.34 -42.86 47.60
C ALA F 56 -48.29 -44.31 47.19
N HIS F 57 -49.37 -44.79 46.58
CA HIS F 57 -49.54 -46.19 46.27
C HIS F 57 -49.63 -46.34 44.76
N TYR F 58 -48.66 -47.05 44.18
CA TYR F 58 -48.51 -47.19 42.74
C TYR F 58 -49.22 -48.43 42.25
N VAL F 59 -49.93 -48.31 41.13
CA VAL F 59 -50.51 -49.45 40.43
C VAL F 59 -50.21 -49.28 38.95
N LEU F 60 -49.66 -50.32 38.33
CA LEU F 60 -49.42 -50.33 36.90
C LEU F 60 -50.25 -51.42 36.24
N MET F 61 -50.76 -51.12 35.05
CA MET F 61 -51.49 -52.13 34.30
C MET F 61 -51.39 -51.93 32.79
N ASN F 62 -51.37 -53.03 32.04
CA ASN F 62 -51.29 -53.01 30.59
C ASN F 62 -52.58 -53.55 29.98
N VAL F 63 -53.18 -52.73 29.11
CA VAL F 63 -54.57 -52.84 28.74
C VAL F 63 -54.68 -52.82 27.22
N GLU F 64 -55.66 -53.56 26.65
CA GLU F 64 -55.94 -53.42 25.23
C GLU F 64 -57.38 -52.94 24.98
N CYS F 65 -57.84 -51.93 25.70
CA CYS F 65 -59.20 -51.43 25.60
C CYS F 65 -59.48 -50.72 24.27
N SER F 66 -60.74 -50.70 23.85
CA SER F 66 -61.06 -50.25 22.50
C SER F 66 -60.87 -48.75 22.25
N ALA F 67 -61.87 -47.93 22.58
CA ALA F 67 -61.67 -46.48 22.61
C ALA F 67 -62.45 -45.85 23.74
N LYS F 68 -63.71 -46.27 23.88
CA LYS F 68 -64.57 -45.66 24.90
C LYS F 68 -64.36 -46.34 26.23
N ALA F 69 -63.79 -47.54 26.21
CA ALA F 69 -63.39 -48.19 27.44
C ALA F 69 -62.27 -47.44 28.12
N LEU F 70 -61.30 -46.92 27.35
CA LEU F 70 -60.29 -46.05 27.91
C LEU F 70 -60.89 -44.75 28.42
N ALA F 71 -61.84 -44.19 27.68
CA ALA F 71 -62.34 -42.86 27.99
C ALA F 71 -63.16 -42.87 29.28
N GLU F 72 -63.92 -43.94 29.53
CA GLU F 72 -64.59 -44.07 30.81
C GLU F 72 -63.61 -44.44 31.92
N LEU F 73 -62.59 -45.25 31.63
CA LEU F 73 -61.50 -45.53 32.56
C LEU F 73 -60.70 -44.30 32.89
N GLU F 74 -60.45 -43.43 31.91
CA GLU F 74 -59.73 -42.20 32.21
C GLU F 74 -60.62 -41.24 32.98
N ASP F 75 -61.94 -41.27 32.71
CA ASP F 75 -62.87 -40.44 33.47
C ASP F 75 -63.18 -41.00 34.85
N ASN F 76 -62.69 -42.18 35.20
CA ASN F 76 -62.87 -42.65 36.57
C ASN F 76 -61.81 -42.09 37.49
N PHE F 77 -60.92 -41.27 36.95
CA PHE F 77 -60.16 -40.29 37.73
C PHE F 77 -60.07 -38.92 37.06
N ARG F 78 -60.77 -38.67 35.96
CA ARG F 78 -60.76 -37.33 35.37
C ARG F 78 -61.92 -36.50 35.89
N ALA F 79 -63.14 -37.06 35.84
CA ALA F 79 -64.32 -36.42 36.41
C ALA F 79 -64.13 -36.20 37.90
N ASN F 80 -63.91 -37.29 38.65
CA ASN F 80 -63.37 -37.23 40.00
C ASN F 80 -62.84 -38.60 40.40
N ASP F 81 -61.85 -38.60 41.31
CA ASP F 81 -61.50 -39.74 42.16
C ASP F 81 -60.58 -39.27 43.28
N ALA F 82 -60.08 -40.19 44.08
CA ALA F 82 -58.95 -39.92 44.96
C ALA F 82 -57.65 -40.52 44.42
N VAL F 83 -57.64 -40.89 43.14
CA VAL F 83 -56.44 -41.26 42.42
C VAL F 83 -55.80 -39.99 41.90
N ILE F 84 -54.48 -39.96 41.92
CA ILE F 84 -53.70 -38.81 41.49
C ILE F 84 -52.69 -39.25 40.45
N ARG F 85 -52.35 -38.30 39.58
CA ARG F 85 -51.38 -38.54 38.55
C ARG F 85 -51.50 -39.94 38.02
N ASN F 86 -51.37 -40.01 36.70
CA ASN F 86 -51.42 -41.23 35.93
C ASN F 86 -51.05 -40.86 34.51
N LEU F 87 -50.39 -41.76 33.81
CA LEU F 87 -50.08 -41.51 32.41
C LEU F 87 -50.65 -42.72 31.70
N VAL F 88 -51.30 -42.53 30.55
CA VAL F 88 -51.91 -43.68 29.91
C VAL F 88 -51.02 -44.34 28.87
N MET F 89 -50.14 -43.56 28.21
CA MET F 89 -48.97 -44.11 27.50
C MET F 89 -49.20 -45.20 26.48
N ARG F 90 -49.71 -44.87 25.31
CA ARG F 90 -49.98 -45.85 24.28
C ARG F 90 -48.76 -46.67 23.93
N ARG F 91 -48.88 -47.99 24.03
CA ARG F 91 -47.80 -48.91 23.72
C ARG F 91 -48.08 -49.58 22.39
N ASP F 92 -47.29 -50.60 22.06
CA ASP F 92 -47.48 -51.31 20.80
C ASP F 92 -47.68 -52.81 20.98
N GLU F 93 -47.47 -53.38 22.17
CA GLU F 93 -47.49 -54.83 22.34
C GLU F 93 -47.78 -55.15 23.81
N ALA F 94 -47.79 -56.44 24.13
CA ALA F 94 -47.96 -56.94 25.49
C ALA F 94 -46.59 -57.16 26.14
N VAL F 95 -46.59 -57.51 27.44
CA VAL F 95 -45.38 -57.46 28.26
C VAL F 95 -45.35 -58.60 29.27
N THR F 96 -44.29 -58.59 30.10
CA THR F 96 -44.05 -59.62 31.10
C THR F 96 -44.13 -59.13 32.55
N GLU F 97 -43.20 -58.28 33.01
CA GLU F 97 -43.05 -58.03 34.45
C GLU F 97 -42.00 -56.93 34.70
N GLN F 98 -42.11 -56.29 35.85
CA GLN F 98 -41.09 -55.41 36.45
C GLN F 98 -41.24 -55.56 37.97
N SER F 99 -40.76 -54.56 38.75
CA SER F 99 -40.60 -54.62 40.22
C SER F 99 -39.64 -55.74 40.62
N GLU F 100 -38.37 -55.53 40.24
CA GLU F 100 -37.22 -56.45 40.34
C GLU F 100 -37.54 -57.91 40.06
N ARG G 1 11.14 -6.39 32.75
CA ARG G 1 11.66 -5.28 33.54
C ARG G 1 12.45 -5.78 34.74
N ARG G 2 13.45 -6.60 34.48
CA ARG G 2 14.28 -7.16 35.55
C ARG G 2 14.99 -6.08 36.33
N ARG G 3 15.13 -6.30 37.63
CA ARG G 3 15.80 -5.35 38.51
C ARG G 3 17.27 -5.71 38.67
N VAL G 4 18.14 -4.85 38.16
CA VAL G 4 19.58 -5.07 38.25
C VAL G 4 20.18 -4.29 39.41
N ALA G 5 19.32 -3.79 40.30
CA ALA G 5 19.76 -3.02 41.46
C ALA G 5 20.40 -3.92 42.52
N ALA G 6 21.50 -3.45 43.09
CA ALA G 6 22.24 -4.21 44.10
C ALA G 6 22.49 -3.41 45.37
N LYS G 7 21.82 -3.78 46.46
CA LYS G 7 21.95 -3.11 47.75
C LYS G 7 23.08 -3.66 48.61
N ARG G 8 23.88 -2.76 49.20
CA ARG G 8 25.01 -3.12 50.06
C ARG G 8 25.52 -1.93 50.87
N GLU G 9 24.95 -1.73 52.06
CA GLU G 9 25.35 -0.64 52.93
C GLU G 9 26.59 -0.96 53.74
N VAL G 10 27.49 0.01 53.90
CA VAL G 10 28.71 -0.17 54.68
C VAL G 10 28.40 0.18 56.13
N LEU G 11 28.55 -0.80 57.02
CA LEU G 11 28.24 -0.59 58.43
C LEU G 11 29.41 -0.81 59.40
N ALA G 12 30.28 0.19 59.47
CA ALA G 12 31.46 0.17 60.35
C ALA G 12 32.00 1.59 60.53
N ASP G 13 32.45 1.92 61.74
CA ASP G 13 32.95 3.26 62.02
C ASP G 13 34.15 3.30 62.97
N PRO G 14 34.90 4.40 62.92
CA PRO G 14 36.07 4.60 63.78
C PRO G 14 35.70 5.46 64.99
N LYS G 15 34.41 5.75 65.13
CA LYS G 15 33.93 6.57 66.23
C LYS G 15 32.79 5.90 67.00
N TYR G 16 31.79 5.42 66.26
CA TYR G 16 30.64 4.78 66.89
C TYR G 16 30.61 3.26 66.75
N GLY G 17 30.88 2.75 65.54
CA GLY G 17 30.84 1.32 65.31
C GLY G 17 29.40 0.87 65.52
N SER G 18 28.51 1.38 64.66
CA SER G 18 27.09 1.07 64.76
C SER G 18 26.62 0.08 63.69
N GLN G 19 25.43 0.34 63.16
CA GLN G 19 24.85 -0.50 62.13
C GLN G 19 24.08 0.34 61.11
N ILE G 20 23.06 1.05 61.56
CA ILE G 20 22.27 1.90 60.66
C ILE G 20 22.40 3.39 60.98
N LEU G 21 23.53 3.77 61.56
CA LEU G 21 23.81 5.15 61.89
C LEU G 21 25.29 5.47 61.64
N ALA G 22 26.04 4.48 61.17
CA ALA G 22 27.46 4.64 60.88
C ALA G 22 27.69 5.37 59.57
N LYS G 23 27.06 4.88 58.51
CA LYS G 23 27.22 5.48 57.19
C LYS G 23 26.19 6.57 56.91
N PHE G 24 25.43 6.98 57.91
CA PHE G 24 24.38 8.01 57.75
C PHE G 24 24.79 9.44 57.31
N MET G 25 26.09 9.77 57.35
CA MET G 25 26.57 11.08 56.93
C MET G 25 26.14 11.28 55.49
N ASN G 26 25.03 11.99 55.33
CA ASN G 26 24.45 12.24 54.02
C ASN G 26 23.43 13.36 54.16
N HIS G 27 22.69 13.33 55.26
CA HIS G 27 21.67 14.33 55.57
C HIS G 27 22.10 15.22 56.73
N VAL G 28 23.25 14.92 57.33
CA VAL G 28 23.77 15.72 58.43
C VAL G 28 24.93 16.59 57.98
N MET G 29 25.33 16.42 56.72
CA MET G 29 26.39 17.19 56.11
C MET G 29 25.75 18.13 55.10
N GLU G 30 24.53 18.56 55.42
CA GLU G 30 23.66 19.45 54.62
C GLU G 30 24.26 20.30 53.49
N SER G 31 24.71 19.65 52.43
CA SER G 31 25.28 20.29 51.24
C SER G 31 26.19 21.48 51.52
N GLY G 32 27.36 21.24 52.10
CA GLY G 32 28.28 22.33 52.40
C GLY G 32 29.71 21.95 52.72
N LYS G 33 29.96 21.60 53.98
CA LYS G 33 31.30 21.23 54.42
C LYS G 33 31.26 20.31 55.63
N LYS G 34 32.24 19.42 55.73
CA LYS G 34 32.30 18.47 56.85
C LYS G 34 32.89 19.08 58.10
N ALA G 35 33.75 20.08 57.95
CA ALA G 35 34.36 20.74 59.10
C ALA G 35 33.28 21.27 60.04
N VAL G 36 32.29 21.96 59.49
CA VAL G 36 31.20 22.50 60.30
C VAL G 36 30.18 21.41 60.63
N ALA G 37 30.13 20.37 59.81
CA ALA G 37 29.18 19.28 60.03
C ALA G 37 29.69 18.20 60.97
N GLU G 38 31.01 18.10 61.15
CA GLU G 38 31.59 17.07 62.04
C GLU G 38 31.17 17.18 63.50
N ARG G 39 30.90 18.39 63.96
CA ARG G 39 30.45 18.65 65.33
C ARG G 39 28.93 18.56 65.42
N ILE G 40 28.28 18.43 64.26
CA ILE G 40 26.82 18.31 64.18
C ILE G 40 26.42 16.88 63.80
N VAL G 41 27.30 16.17 63.10
CA VAL G 41 27.02 14.79 62.69
C VAL G 41 27.11 13.82 63.86
N TYR G 42 28.26 13.79 64.51
CA TYR G 42 28.44 12.89 65.65
C TYR G 42 28.54 13.65 66.96
N GLY G 43 27.96 14.85 66.96
CA GLY G 43 27.91 15.66 68.15
C GLY G 43 26.60 15.45 68.88
N ALA G 44 25.61 14.93 68.15
CA ALA G 44 24.29 14.67 68.69
C ALA G 44 24.20 13.28 69.32
N LEU G 45 25.10 12.38 68.91
CA LEU G 45 25.11 11.02 69.46
C LEU G 45 25.31 11.08 70.97
N ASP G 46 26.28 11.89 71.39
CA ASP G 46 26.59 12.10 72.81
C ASP G 46 25.90 13.38 73.33
N LYS G 47 24.63 13.53 72.97
CA LYS G 47 23.79 14.65 73.36
C LYS G 47 22.37 14.16 73.66
N VAL G 48 22.06 12.96 73.18
CA VAL G 48 20.77 12.32 73.38
C VAL G 48 20.85 11.50 74.67
N LYS G 49 22.05 11.00 74.95
CA LYS G 49 22.32 10.20 76.14
C LYS G 49 22.99 11.05 77.22
N GLU G 50 23.26 12.30 76.90
CA GLU G 50 23.88 13.23 77.84
C GLU G 50 22.81 13.98 78.64
N ARG G 51 21.55 13.75 78.28
CA ARG G 51 20.42 14.35 78.98
C ARG G 51 19.67 13.28 79.77
N GLY G 52 19.91 12.03 79.43
CA GLY G 52 19.28 10.90 80.10
C GLY G 52 20.25 10.07 80.91
N LYS G 53 19.92 8.80 81.09
CA LYS G 53 20.77 7.88 81.86
C LYS G 53 21.38 6.77 81.00
N ALA G 54 20.58 6.23 80.09
CA ALA G 54 21.03 5.16 79.21
C ALA G 54 21.91 5.68 78.08
N ASP G 55 22.56 4.76 77.37
CA ASP G 55 23.45 5.09 76.25
C ASP G 55 22.68 5.60 75.02
N PRO G 56 23.39 6.25 74.09
CA PRO G 56 22.75 6.79 72.89
C PRO G 56 21.95 5.74 72.12
N LEU G 57 22.55 4.58 71.87
CA LEU G 57 21.92 3.50 71.14
C LEU G 57 20.78 2.82 71.90
N GLU G 58 20.79 2.92 73.22
CA GLU G 58 19.72 2.32 74.04
C GLU G 58 18.33 2.76 73.59
N THR G 59 18.15 4.05 73.35
CA THR G 59 16.88 4.57 72.87
C THR G 59 16.92 4.81 71.35
N PHE G 60 18.03 4.39 70.73
CA PHE G 60 18.23 4.51 69.29
C PHE G 60 17.91 3.18 68.63
N GLU G 61 18.04 2.11 69.42
CA GLU G 61 17.77 0.76 68.95
C GLU G 61 16.28 0.45 69.00
N LYS G 62 15.57 1.17 69.87
CA LYS G 62 14.14 0.96 70.05
C LYS G 62 13.27 1.91 69.21
N ALA G 63 13.80 2.32 68.06
CA ALA G 63 13.09 3.20 67.15
C ALA G 63 12.24 2.36 66.22
N LEU G 64 12.66 1.13 65.99
CA LEU G 64 11.92 0.21 65.13
C LEU G 64 11.10 -0.78 65.96
N ASP G 65 10.58 -0.28 67.07
CA ASP G 65 9.73 -1.03 68.00
C ASP G 65 8.37 -0.36 68.11
N ALA G 66 8.22 0.82 67.50
CA ALA G 66 6.97 1.56 67.55
C ALA G 66 6.82 2.58 66.40
N ILE G 67 7.70 2.51 65.40
CA ILE G 67 7.63 3.44 64.27
C ILE G 67 7.63 2.73 62.91
N ALA G 68 7.30 1.44 62.92
CA ALA G 68 7.29 0.66 61.67
C ALA G 68 5.94 0.02 61.33
N PRO G 69 5.18 0.66 60.42
CA PRO G 69 3.88 0.18 59.92
C PRO G 69 3.90 -1.27 59.44
N LEU G 70 2.78 -1.98 59.66
CA LEU G 70 2.66 -3.37 59.29
C LEU G 70 2.05 -3.65 57.93
N VAL G 71 1.87 -2.61 57.12
CA VAL G 71 1.29 -2.78 55.78
C VAL G 71 1.95 -1.91 54.73
N GLU G 72 1.45 -2.01 53.50
CA GLU G 72 1.95 -1.21 52.37
C GLU G 72 0.78 -0.58 51.64
N VAL G 73 1.04 0.50 50.92
CA VAL G 73 -0.01 1.21 50.20
C VAL G 73 0.32 1.56 48.75
N LYS G 74 0.80 0.58 47.98
CA LYS G 74 1.11 0.80 46.57
C LYS G 74 -0.14 0.51 45.77
N SER G 75 -0.58 1.48 44.97
CA SER G 75 -1.80 1.35 44.18
C SER G 75 -1.73 0.48 42.92
N ARG G 76 -2.89 -0.03 42.53
CA ARG G 76 -3.05 -0.87 41.34
C ARG G 76 -4.53 -0.97 40.97
N ARG G 77 -4.83 -1.07 39.68
CA ARG G 77 -6.21 -1.13 39.19
C ARG G 77 -6.41 -2.31 38.25
N VAL G 78 -7.63 -2.81 38.10
CA VAL G 78 -7.85 -3.95 37.20
C VAL G 78 -8.94 -3.73 36.14
N GLY G 79 -10.02 -3.06 36.53
CA GLY G 79 -11.12 -2.80 35.64
C GLY G 79 -12.22 -2.00 36.34
N GLY G 80 -11.92 -1.55 37.56
CA GLY G 80 -12.84 -0.77 38.34
C GLY G 80 -12.11 0.35 39.04
N ALA G 81 -12.00 0.26 40.37
CA ALA G 81 -11.32 1.27 41.16
C ALA G 81 -9.95 0.80 41.64
N THR G 82 -9.01 1.73 41.72
CA THR G 82 -7.64 1.42 42.17
C THR G 82 -7.64 0.85 43.59
N TYR G 83 -7.03 -0.33 43.73
CA TYR G 83 -6.93 -0.99 45.03
C TYR G 83 -5.47 -1.25 45.41
N GLN G 84 -5.06 -0.76 46.57
CA GLN G 84 -3.69 -0.96 47.04
C GLN G 84 -3.52 -2.33 47.68
N VAL G 85 -2.28 -2.71 47.95
CA VAL G 85 -2.00 -4.02 48.56
C VAL G 85 -1.13 -3.89 49.81
N PRO G 86 -1.72 -4.20 50.98
CA PRO G 86 -1.08 -4.15 52.30
C PRO G 86 -0.88 -5.52 52.93
N VAL G 87 0.36 -5.85 53.31
CA VAL G 87 0.68 -7.13 53.94
C VAL G 87 2.06 -7.08 54.60
N GLU G 88 2.34 -8.02 55.49
CA GLU G 88 3.63 -8.06 56.17
C GLU G 88 4.79 -8.11 55.16
N VAL G 89 5.50 -6.99 55.03
CA VAL G 89 6.64 -6.89 54.13
C VAL G 89 7.92 -7.32 54.84
N ARG G 90 9.04 -7.20 54.15
CA ARG G 90 10.33 -7.55 54.74
C ARG G 90 10.73 -6.41 55.66
N PRO G 91 11.54 -6.72 56.69
CA PRO G 91 12.02 -5.77 57.70
C PRO G 91 12.48 -4.45 57.08
N SER G 92 13.36 -4.51 56.09
CA SER G 92 13.89 -3.35 55.41
C SER G 92 12.79 -2.36 55.00
N ARG G 93 11.76 -2.87 54.31
CA ARG G 93 10.66 -2.03 53.88
C ARG G 93 9.95 -1.40 55.07
N ARG G 94 9.54 -2.23 56.03
CA ARG G 94 8.83 -1.74 57.21
C ARG G 94 9.68 -0.84 58.10
N ASN G 95 10.96 -1.17 58.24
CA ASN G 95 11.84 -0.40 59.11
C ASN G 95 12.63 0.71 58.42
N ALA G 96 11.99 1.42 57.49
CA ALA G 96 12.64 2.52 56.79
C ALA G 96 12.07 3.84 57.30
N LEU G 97 10.81 3.78 57.73
CA LEU G 97 10.12 4.95 58.25
C LEU G 97 10.29 5.06 59.76
N ALA G 98 10.97 4.09 60.36
CA ALA G 98 11.18 4.04 61.81
C ALA G 98 12.40 4.81 62.32
N MET G 99 12.97 5.67 61.46
CA MET G 99 14.13 6.47 61.81
C MET G 99 14.05 7.81 61.10
N ARG G 100 14.08 7.76 59.77
CA ARG G 100 14.04 8.95 58.93
C ARG G 100 12.78 9.83 59.08
N TRP G 101 11.65 9.22 59.44
CA TRP G 101 10.43 9.97 59.63
C TRP G 101 10.48 10.58 61.04
N LEU G 102 11.16 9.90 61.94
CA LEU G 102 11.30 10.40 63.29
C LEU G 102 12.38 11.49 63.28
N VAL G 103 13.34 11.34 62.38
CA VAL G 103 14.46 12.27 62.25
C VAL G 103 14.13 13.56 61.50
N ASP G 104 13.49 13.43 60.35
CA ASP G 104 13.15 14.60 59.52
C ASP G 104 12.08 15.53 60.09
N PHE G 105 11.28 15.03 61.02
CA PHE G 105 10.24 15.85 61.65
C PHE G 105 10.78 16.46 62.93
N ALA G 106 11.80 17.31 62.79
CA ALA G 106 12.43 17.98 63.92
C ALA G 106 12.68 19.46 63.60
N ARG G 107 12.18 19.90 62.44
CA ARG G 107 12.33 21.28 62.01
C ARG G 107 11.16 22.13 62.51
N LYS G 108 10.13 21.45 63.00
CA LYS G 108 8.94 22.10 63.54
C LYS G 108 8.98 22.08 65.07
N ARG G 109 10.18 22.21 65.61
CA ARG G 109 10.43 22.24 67.04
C ARG G 109 11.57 23.23 67.23
N GLY G 110 12.73 22.83 66.71
CA GLY G 110 13.95 23.63 66.73
C GLY G 110 14.33 24.43 67.96
N GLU G 111 14.94 23.78 68.93
CA GLU G 111 15.38 24.45 70.14
C GLU G 111 16.84 24.88 69.99
N LYS G 112 17.47 25.26 71.11
CA LYS G 112 18.86 25.69 71.11
C LYS G 112 19.76 24.60 70.52
N SER G 113 20.73 25.03 69.71
CA SER G 113 21.73 24.19 69.01
C SER G 113 21.24 23.26 67.88
N MET G 114 21.94 23.32 66.75
CA MET G 114 21.60 22.51 65.57
C MET G 114 21.69 21.01 65.84
N ALA G 115 22.66 20.61 66.66
CA ALA G 115 22.86 19.20 67.00
C ALA G 115 21.78 18.69 67.97
N LEU G 116 21.19 19.58 68.75
CA LEU G 116 20.12 19.18 69.66
C LEU G 116 18.88 18.98 68.81
N ARG G 117 18.76 19.83 67.78
CA ARG G 117 17.65 19.76 66.83
C ARG G 117 17.59 18.39 66.14
N LEU G 118 18.75 17.85 65.78
CA LEU G 118 18.83 16.55 65.15
C LEU G 118 18.55 15.45 66.17
N ALA G 119 18.97 15.69 67.41
CA ALA G 119 18.79 14.73 68.49
C ALA G 119 17.47 14.94 69.24
N GLY G 120 16.71 15.94 68.80
CA GLY G 120 15.44 16.30 69.41
C GLY G 120 14.45 15.19 69.74
N GLU G 121 14.33 14.20 68.86
CA GLU G 121 13.39 13.10 69.09
C GLU G 121 14.02 11.71 69.02
N LEU G 122 15.33 11.65 69.19
CA LEU G 122 16.04 10.37 69.15
C LEU G 122 15.83 9.58 70.44
N LEU G 123 15.54 10.29 71.52
CA LEU G 123 15.30 9.68 72.82
C LEU G 123 13.83 9.33 73.00
N ASP G 124 13.01 9.72 72.04
CA ASP G 124 11.57 9.46 72.08
C ASP G 124 11.27 8.01 71.68
N ALA G 125 12.21 7.40 70.98
CA ALA G 125 12.08 6.02 70.49
C ALA G 125 12.21 4.97 71.59
N ALA G 126 11.19 4.86 72.44
CA ALA G 126 11.14 3.92 73.54
C ALA G 126 9.71 3.85 74.05
N GLU G 127 9.18 5.02 74.41
CA GLU G 127 7.82 5.15 74.90
C GLU G 127 6.89 5.42 73.74
N GLY G 128 7.41 6.09 72.72
CA GLY G 128 6.65 6.43 71.53
C GLY G 128 5.44 7.31 71.76
N LYS G 129 5.65 8.42 72.44
CA LYS G 129 4.56 9.35 72.70
C LYS G 129 4.75 10.64 71.91
N GLY G 130 5.67 10.59 70.94
CA GLY G 130 5.95 11.75 70.11
C GLY G 130 5.10 11.77 68.86
N ALA G 131 5.68 12.23 67.76
CA ALA G 131 4.97 12.33 66.49
C ALA G 131 5.27 11.17 65.52
N ALA G 132 6.39 10.49 65.73
CA ALA G 132 6.78 9.36 64.88
C ALA G 132 6.01 8.09 65.23
N VAL G 133 5.46 8.07 66.45
CA VAL G 133 4.68 6.92 66.89
C VAL G 133 3.20 7.30 66.94
N LYS G 134 2.85 8.25 66.09
CA LYS G 134 1.48 8.73 65.96
C LYS G 134 0.97 8.35 64.58
N LYS G 135 1.89 8.21 63.64
CA LYS G 135 1.57 7.83 62.27
C LYS G 135 1.85 6.35 62.05
N ARG G 136 2.47 5.71 63.03
CA ARG G 136 2.81 4.29 62.93
C ARG G 136 1.55 3.44 63.02
N GLU G 137 0.72 3.75 64.00
CA GLU G 137 -0.53 3.03 64.19
C GLU G 137 -1.62 3.56 63.27
N ASP G 138 -1.40 4.76 62.75
CA ASP G 138 -2.33 5.40 61.83
C ASP G 138 -2.39 4.59 60.54
N VAL G 139 -1.23 4.12 60.10
CA VAL G 139 -1.13 3.32 58.87
C VAL G 139 -2.01 2.07 58.96
N HIS G 140 -1.98 1.39 60.11
CA HIS G 140 -2.78 0.19 60.32
C HIS G 140 -4.27 0.49 60.19
N ARG G 141 -4.69 1.61 60.76
CA ARG G 141 -6.09 2.02 60.75
C ARG G 141 -6.72 2.23 59.37
N MET G 142 -5.91 2.63 58.40
CA MET G 142 -6.41 2.83 57.04
C MET G 142 -6.23 1.57 56.20
N ALA G 143 -6.85 0.48 56.64
CA ALA G 143 -6.75 -0.80 55.93
C ALA G 143 -7.95 -1.71 56.21
N GLU G 144 -9.08 -1.12 56.57
CA GLU G 144 -10.28 -1.90 56.83
C GLU G 144 -10.96 -2.25 55.52
N ALA G 145 -11.00 -1.27 54.62
CA ALA G 145 -11.58 -1.45 53.29
C ALA G 145 -10.53 -2.07 52.36
N ASN G 146 -9.27 -1.95 52.76
CA ASN G 146 -8.14 -2.49 52.01
C ASN G 146 -7.72 -3.85 52.58
N LYS G 147 -8.41 -4.29 53.62
CA LYS G 147 -8.10 -5.57 54.26
C LYS G 147 -8.12 -6.73 53.29
N ALA G 148 -9.18 -6.82 52.47
CA ALA G 148 -9.31 -7.90 51.51
C ALA G 148 -8.80 -7.56 50.12
N PHE G 149 -7.79 -6.69 50.06
CA PHE G 149 -7.21 -6.27 48.79
C PHE G 149 -5.81 -6.87 48.66
N SER G 150 -5.74 -8.07 48.08
CA SER G 150 -4.46 -8.75 47.91
C SER G 150 -4.53 -9.85 46.85
N HIS G 151 -5.57 -10.69 46.93
CA HIS G 151 -5.74 -11.78 45.98
C HIS G 151 -6.74 -11.42 44.89
N TYR G 152 -8.02 -11.43 45.24
CA TYR G 152 -9.09 -11.11 44.31
C TYR G 152 -8.99 -9.66 43.85
N ARG G 153 -8.84 -9.47 42.54
CA ARG G 153 -8.74 -8.14 41.92
C ARG G 153 -7.66 -7.26 42.54
N PHE G 154 -6.50 -7.84 42.82
CA PHE G 154 -5.40 -7.11 43.42
C PHE G 154 -4.08 -7.85 43.21
N SER H 1 -36.34 -32.89 -15.30
CA SER H 1 -36.00 -34.25 -15.62
C SER H 1 -34.86 -34.26 -16.58
N MET H 2 -34.39 -35.45 -16.91
CA MET H 2 -33.34 -35.62 -17.92
C MET H 2 -34.02 -35.73 -19.25
N GLN H 3 -33.78 -34.74 -20.10
CA GLN H 3 -34.55 -34.62 -21.32
C GLN H 3 -33.68 -34.16 -22.48
N ASP H 4 -32.38 -34.43 -22.40
CA ASP H 4 -31.50 -34.38 -23.57
C ASP H 4 -30.45 -35.46 -23.41
N PRO H 5 -30.67 -36.63 -23.99
CA PRO H 5 -29.76 -37.72 -23.72
C PRO H 5 -28.47 -37.70 -24.50
N LEU H 6 -28.38 -37.08 -25.68
CA LEU H 6 -27.07 -37.15 -26.31
C LEU H 6 -26.22 -35.97 -25.91
N ALA H 7 -26.76 -34.98 -25.21
CA ALA H 7 -25.88 -34.05 -24.52
C ALA H 7 -25.44 -34.63 -23.20
N ASP H 8 -25.99 -35.77 -22.82
CA ASP H 8 -25.50 -36.44 -21.64
C ASP H 8 -24.41 -37.42 -22.00
N MET H 9 -24.43 -37.96 -23.22
CA MET H 9 -23.22 -38.58 -23.76
C MET H 9 -22.06 -37.63 -23.76
N LEU H 10 -22.22 -36.50 -24.44
CA LEU H 10 -21.08 -35.63 -24.71
C LEU H 10 -20.57 -34.96 -23.45
N THR H 11 -21.36 -35.00 -22.37
CA THR H 11 -20.92 -34.50 -21.09
C THR H 11 -20.28 -35.58 -20.25
N ARG H 12 -20.79 -36.81 -20.29
CA ARG H 12 -20.11 -37.92 -19.62
C ARG H 12 -18.78 -38.22 -20.26
N ILE H 13 -18.66 -38.01 -21.57
CA ILE H 13 -17.39 -38.13 -22.24
C ILE H 13 -16.46 -37.00 -21.80
N ARG H 14 -16.98 -35.78 -21.76
CA ARG H 14 -16.16 -34.61 -21.52
C ARG H 14 -15.62 -34.59 -20.11
N ASN H 15 -16.43 -35.04 -19.14
CA ASN H 15 -16.03 -34.98 -17.75
C ASN H 15 -15.07 -36.10 -17.40
N ALA H 16 -15.00 -37.11 -18.25
CA ALA H 16 -14.03 -38.16 -18.05
C ALA H 16 -12.77 -37.96 -18.88
N GLN H 17 -12.85 -37.22 -19.97
CA GLN H 17 -11.64 -36.67 -20.55
C GLN H 17 -11.04 -35.62 -19.62
N MET H 18 -11.86 -34.93 -18.84
CA MET H 18 -11.35 -33.96 -17.89
C MET H 18 -10.76 -34.65 -16.69
N ALA H 19 -11.28 -35.81 -16.33
CA ALA H 19 -10.55 -36.69 -15.44
C ALA H 19 -9.64 -37.54 -16.32
N GLU H 20 -9.06 -38.59 -15.78
CA GLU H 20 -8.27 -39.46 -16.62
C GLU H 20 -8.90 -40.82 -16.64
N LYS H 21 -10.23 -40.83 -16.70
CA LYS H 21 -11.01 -42.05 -16.62
C LYS H 21 -10.86 -42.83 -17.91
N THR H 22 -10.76 -44.15 -17.79
CA THR H 22 -10.50 -44.98 -18.95
C THR H 22 -11.75 -45.22 -19.78
N VAL H 23 -12.86 -45.56 -19.12
CA VAL H 23 -14.08 -46.01 -19.77
C VAL H 23 -15.23 -45.16 -19.22
N VAL H 24 -16.18 -44.79 -20.09
CA VAL H 24 -17.43 -44.16 -19.70
C VAL H 24 -18.57 -45.09 -20.08
N SER H 25 -19.38 -45.51 -19.13
CA SER H 25 -20.60 -46.24 -19.46
C SER H 25 -21.83 -45.38 -19.24
N MET H 26 -22.86 -45.61 -20.06
CA MET H 26 -24.07 -44.79 -20.11
C MET H 26 -25.18 -45.54 -20.81
N PRO H 27 -26.43 -45.38 -20.40
CA PRO H 27 -27.49 -46.25 -20.90
C PRO H 27 -28.13 -45.79 -22.19
N SER H 28 -27.29 -45.49 -23.18
CA SER H 28 -27.87 -44.68 -24.24
C SER H 28 -28.31 -45.58 -25.40
N SER H 29 -28.84 -44.93 -26.45
CA SER H 29 -29.94 -45.38 -27.29
C SER H 29 -29.45 -45.72 -28.70
N LYS H 30 -30.37 -45.90 -29.65
CA LYS H 30 -29.96 -46.24 -31.01
C LYS H 30 -29.55 -44.95 -31.71
N LEU H 31 -29.46 -44.96 -33.04
CA LEU H 31 -28.51 -44.28 -33.91
C LEU H 31 -27.86 -42.99 -33.39
N LYS H 32 -28.55 -42.21 -32.55
CA LYS H 32 -27.87 -41.10 -31.93
C LYS H 32 -27.16 -41.50 -30.63
N ALA H 33 -26.96 -42.78 -30.40
CA ALA H 33 -25.72 -43.22 -29.77
C ALA H 33 -25.04 -44.31 -30.58
N ALA H 34 -25.22 -44.27 -31.89
CA ALA H 34 -24.16 -44.45 -32.86
C ALA H 34 -23.72 -43.10 -33.43
N VAL H 35 -23.93 -42.01 -32.68
CA VAL H 35 -23.06 -40.85 -32.77
C VAL H 35 -21.68 -41.24 -32.29
N ALA H 36 -21.63 -42.11 -31.29
CA ALA H 36 -20.42 -42.71 -30.78
C ALA H 36 -19.65 -43.50 -31.80
N LYS H 37 -20.29 -44.05 -32.83
CA LYS H 37 -19.56 -44.76 -33.85
C LYS H 37 -18.81 -43.78 -34.75
N VAL H 38 -19.51 -42.73 -35.17
CA VAL H 38 -18.92 -41.62 -35.92
C VAL H 38 -17.79 -40.96 -35.15
N LEU H 39 -18.01 -40.72 -33.88
CA LEU H 39 -17.03 -40.01 -33.06
C LEU H 39 -15.81 -40.87 -32.79
N LYS H 40 -15.96 -42.18 -32.85
CA LYS H 40 -14.82 -43.06 -32.65
C LYS H 40 -14.67 -44.03 -33.82
N ASP H 41 -15.14 -43.62 -35.00
CA ASP H 41 -14.45 -43.95 -36.25
C ASP H 41 -13.49 -42.84 -36.64
N GLU H 42 -14.03 -41.70 -37.03
CA GLU H 42 -13.21 -40.53 -37.37
C GLU H 42 -12.72 -39.89 -36.10
N GLY H 43 -11.46 -40.12 -35.78
CA GLY H 43 -11.05 -40.18 -34.40
C GLY H 43 -10.17 -41.38 -34.24
N TYR H 44 -10.64 -42.40 -33.54
CA TYR H 44 -9.84 -43.57 -33.19
C TYR H 44 -10.67 -44.85 -33.36
N ILE H 45 -10.29 -45.91 -32.66
CA ILE H 45 -11.20 -47.01 -32.38
C ILE H 45 -11.49 -47.04 -30.88
N ALA H 46 -12.57 -47.72 -30.54
CA ALA H 46 -12.84 -48.21 -29.21
C ALA H 46 -13.22 -49.68 -29.35
N ASP H 47 -13.62 -50.29 -28.25
CA ASP H 47 -14.47 -51.46 -28.36
C ASP H 47 -15.92 -51.01 -28.53
N PHE H 48 -16.36 -50.11 -27.64
CA PHE H 48 -17.56 -49.26 -27.72
C PHE H 48 -18.87 -50.02 -27.60
N GLN H 49 -18.89 -51.31 -27.95
CA GLN H 49 -19.57 -52.42 -27.29
C GLN H 49 -20.84 -52.11 -26.49
N ILE H 50 -21.91 -51.71 -27.19
CA ILE H 50 -23.24 -51.66 -26.58
C ILE H 50 -23.57 -53.04 -26.02
N SER H 51 -23.78 -53.12 -24.72
CA SER H 51 -23.71 -54.43 -24.10
C SER H 51 -24.66 -54.48 -22.90
N SER H 52 -25.89 -54.88 -23.17
CA SER H 52 -26.77 -55.57 -22.22
C SER H 52 -27.88 -56.21 -23.03
N GLU H 53 -28.98 -56.53 -22.37
CA GLU H 53 -30.16 -57.01 -23.06
C GLU H 53 -31.35 -56.09 -22.94
N VAL H 54 -31.63 -55.53 -21.76
CA VAL H 54 -32.80 -54.69 -21.56
C VAL H 54 -32.45 -53.39 -20.87
N LYS H 55 -31.18 -53.22 -20.48
CA LYS H 55 -30.63 -51.91 -20.16
C LYS H 55 -29.36 -51.72 -20.98
N PRO H 56 -29.48 -51.58 -22.30
CA PRO H 56 -28.30 -51.68 -23.17
C PRO H 56 -27.31 -50.52 -23.06
N GLN H 57 -26.40 -50.63 -22.11
CA GLN H 57 -25.46 -49.56 -21.80
C GLN H 57 -24.29 -49.60 -22.76
N LEU H 58 -23.93 -48.45 -23.35
CA LEU H 58 -22.75 -48.40 -24.20
C LEU H 58 -21.56 -47.86 -23.43
N SER H 59 -20.40 -48.39 -23.75
CA SER H 59 -19.19 -48.10 -22.98
C SER H 59 -18.11 -47.61 -23.93
N ILE H 60 -18.00 -46.30 -24.07
CA ILE H 60 -16.91 -45.69 -24.82
C ILE H 60 -15.60 -46.03 -24.11
N GLU H 61 -14.63 -46.55 -24.85
CA GLU H 61 -13.30 -46.71 -24.29
C GLU H 61 -12.51 -45.49 -24.73
N LEU H 62 -12.54 -44.46 -23.91
CA LEU H 62 -11.73 -43.29 -24.12
C LEU H 62 -10.28 -43.68 -23.97
N LYS H 63 -9.41 -43.03 -24.71
CA LYS H 63 -7.98 -43.23 -24.50
C LYS H 63 -7.31 -41.88 -24.50
N TYR H 64 -6.09 -41.83 -23.99
CA TYR H 64 -5.46 -40.54 -23.73
C TYR H 64 -4.28 -40.36 -24.66
N PHE H 65 -4.42 -39.36 -25.50
CA PHE H 65 -3.62 -39.26 -26.70
C PHE H 65 -2.48 -38.28 -26.47
N GLU H 66 -1.27 -38.79 -26.65
CA GLU H 66 -0.18 -38.67 -25.69
C GLU H 66 -0.15 -37.38 -24.88
N GLY H 67 -0.18 -37.53 -23.55
CA GLY H 67 -0.16 -36.43 -22.61
C GLY H 67 -1.52 -35.95 -22.15
N LYS H 68 -2.26 -35.27 -23.02
CA LYS H 68 -3.53 -34.65 -22.70
C LYS H 68 -4.51 -34.97 -23.81
N PRO H 69 -5.80 -35.18 -23.49
CA PRO H 69 -6.71 -35.89 -24.41
C PRO H 69 -6.97 -35.14 -25.71
N VAL H 70 -7.62 -35.81 -26.66
CA VAL H 70 -7.84 -35.20 -27.96
C VAL H 70 -9.21 -34.54 -28.05
N ILE H 71 -10.16 -34.92 -27.23
CA ILE H 71 -11.38 -34.15 -27.08
C ILE H 71 -11.01 -32.92 -26.27
N GLU H 72 -10.93 -31.76 -26.92
CA GLU H 72 -10.85 -30.53 -26.14
C GLU H 72 -12.22 -29.94 -25.89
N GLU H 73 -13.00 -29.73 -26.94
CA GLU H 73 -14.33 -29.18 -26.80
C GLU H 73 -15.28 -29.95 -27.67
N VAL H 74 -16.34 -30.47 -27.08
CA VAL H 74 -17.27 -31.26 -27.84
C VAL H 74 -18.61 -30.54 -28.06
N LYS H 75 -19.34 -30.18 -27.01
CA LYS H 75 -20.80 -30.31 -26.96
C LYS H 75 -21.68 -29.85 -28.12
N ARG H 76 -21.81 -28.55 -28.33
CA ARG H 76 -22.52 -27.86 -29.43
C ARG H 76 -23.90 -28.45 -29.84
N ILE H 77 -24.65 -29.06 -28.93
CA ILE H 77 -25.91 -29.74 -29.26
C ILE H 77 -27.05 -28.71 -29.55
N SER H 78 -28.30 -29.17 -29.79
CA SER H 78 -29.40 -28.36 -30.31
C SER H 78 -30.65 -28.17 -29.43
N ARG H 79 -30.82 -28.88 -28.30
CA ARG H 79 -32.08 -29.57 -27.99
C ARG H 79 -33.43 -28.84 -28.25
N PRO H 80 -33.90 -27.73 -27.61
CA PRO H 80 -34.56 -26.71 -28.45
C PRO H 80 -33.83 -25.42 -28.73
N GLY H 81 -33.79 -25.03 -30.01
CA GLY H 81 -33.39 -23.69 -30.38
C GLY H 81 -31.92 -23.40 -30.28
N LEU H 82 -31.12 -24.37 -29.82
CA LEU H 82 -29.69 -24.24 -29.58
C LEU H 82 -28.87 -24.65 -30.79
N ARG H 83 -29.39 -24.37 -31.98
CA ARG H 83 -29.61 -25.44 -32.94
C ARG H 83 -28.91 -25.20 -34.28
N GLN H 84 -28.69 -26.31 -34.97
CA GLN H 84 -28.25 -26.46 -36.33
C GLN H 84 -29.38 -27.24 -37.03
N TYR H 85 -29.99 -26.64 -38.04
CA TYR H 85 -30.68 -27.29 -39.15
C TYR H 85 -30.11 -26.56 -40.34
N LYS H 86 -28.97 -26.99 -40.85
CA LYS H 86 -28.29 -26.20 -41.85
C LYS H 86 -28.36 -26.87 -43.21
N SER H 87 -27.86 -26.14 -44.21
CA SER H 87 -27.97 -26.48 -45.62
C SER H 87 -26.84 -25.75 -46.31
N VAL H 88 -25.79 -26.46 -46.73
CA VAL H 88 -24.46 -26.25 -46.15
C VAL H 88 -24.23 -24.80 -45.74
N GLU H 89 -24.23 -24.62 -44.42
CA GLU H 89 -23.67 -23.50 -43.69
C GLU H 89 -23.04 -24.04 -42.42
N GLN H 90 -22.59 -25.28 -42.46
CA GLN H 90 -22.25 -26.03 -41.25
C GLN H 90 -20.78 -25.83 -40.91
N LEU H 91 -20.34 -26.41 -39.78
CA LEU H 91 -19.09 -26.05 -39.14
C LEU H 91 -17.89 -26.38 -40.03
N VAL H 94 -16.82 -25.60 -39.89
CA VAL H 94 -15.58 -25.82 -40.61
C VAL H 94 -14.30 -25.61 -39.80
N ARG H 95 -14.33 -25.75 -38.46
CA ARG H 95 -13.39 -25.12 -37.50
C ARG H 95 -11.92 -25.09 -37.89
N GLY H 96 -11.31 -26.25 -38.02
CA GLY H 96 -10.11 -26.37 -38.82
C GLY H 96 -10.39 -26.98 -40.17
N GLY H 97 -11.64 -27.24 -40.51
CA GLY H 97 -11.97 -28.06 -41.65
C GLY H 97 -11.72 -29.52 -41.38
N LEU H 98 -11.59 -29.89 -40.11
CA LEU H 98 -11.09 -31.20 -39.72
C LEU H 98 -12.10 -31.83 -38.76
N GLY H 99 -12.32 -33.16 -38.87
CA GLY H 99 -13.09 -33.97 -37.91
C GLY H 99 -14.47 -33.46 -37.49
N VAL H 100 -15.19 -32.94 -38.46
CA VAL H 100 -15.88 -31.66 -38.32
C VAL H 100 -17.00 -31.66 -37.27
N SER H 101 -18.13 -32.26 -37.58
CA SER H 101 -19.29 -32.01 -36.76
C SER H 101 -20.29 -33.09 -37.09
N ILE H 102 -20.64 -33.86 -36.08
CA ILE H 102 -21.59 -34.95 -36.22
C ILE H 102 -22.93 -34.34 -36.60
N VAL H 103 -23.67 -35.03 -37.43
CA VAL H 103 -24.89 -34.54 -38.05
C VAL H 103 -25.95 -35.63 -37.90
N SER H 104 -27.19 -35.26 -37.53
CA SER H 104 -28.06 -36.10 -36.68
C SER H 104 -29.47 -36.34 -37.25
N THR H 105 -29.75 -35.86 -38.47
CA THR H 105 -31.07 -35.80 -39.14
C THR H 105 -31.77 -37.06 -39.65
N ASN H 106 -32.23 -37.02 -40.90
CA ASN H 106 -33.28 -37.87 -41.44
C ASN H 106 -32.95 -39.30 -41.91
N LYS H 107 -31.73 -39.61 -42.39
CA LYS H 107 -31.30 -40.81 -43.18
C LYS H 107 -30.14 -41.64 -42.59
N GLY H 108 -28.98 -41.01 -42.29
CA GLY H 108 -27.80 -41.66 -41.69
C GLY H 108 -26.82 -40.69 -41.03
N VAL H 109 -26.33 -40.97 -39.80
CA VAL H 109 -25.40 -40.04 -39.13
C VAL H 109 -24.04 -40.10 -39.79
N MET H 110 -23.60 -38.94 -40.30
CA MET H 110 -22.31 -38.85 -40.97
C MET H 110 -21.78 -37.45 -40.73
N THR H 111 -20.76 -37.09 -41.51
CA THR H 111 -20.36 -35.69 -41.69
C THR H 111 -19.66 -35.50 -43.04
N ASP H 112 -19.86 -34.30 -43.61
CA ASP H 112 -19.13 -33.63 -44.69
C ASP H 112 -18.68 -34.46 -45.89
N ARG H 113 -19.35 -35.53 -46.22
CA ARG H 113 -18.81 -36.28 -47.37
C ARG H 113 -19.74 -36.32 -48.58
N ALA H 114 -21.02 -36.65 -48.38
CA ALA H 114 -22.04 -36.83 -49.41
C ALA H 114 -22.53 -35.51 -49.96
N ALA H 115 -23.77 -35.47 -50.45
CA ALA H 115 -24.30 -34.18 -50.89
C ALA H 115 -24.41 -33.14 -49.78
N ARG H 116 -25.42 -33.24 -48.89
CA ARG H 116 -25.76 -32.21 -47.89
C ARG H 116 -26.60 -32.80 -46.76
N ALA H 117 -27.45 -31.94 -46.11
CA ALA H 117 -28.44 -32.14 -45.02
C ALA H 117 -28.14 -32.18 -43.52
N ALA H 118 -27.93 -31.04 -42.88
CA ALA H 118 -27.47 -30.98 -41.50
C ALA H 118 -28.49 -31.37 -40.41
N GLY H 119 -27.90 -31.61 -39.20
CA GLY H 119 -28.40 -32.16 -37.94
C GLY H 119 -27.66 -31.45 -36.82
N VAL H 120 -27.05 -32.21 -35.86
CA VAL H 120 -26.14 -31.61 -34.85
C VAL H 120 -25.28 -32.63 -34.09
N GLY H 121 -24.14 -32.12 -33.61
CA GLY H 121 -23.17 -32.76 -32.75
C GLY H 121 -22.09 -31.72 -32.44
N GLY H 122 -20.85 -32.18 -32.28
CA GLY H 122 -19.74 -31.25 -32.13
C GLY H 122 -18.38 -31.90 -32.17
N GLU H 123 -17.36 -31.05 -32.31
CA GLU H 123 -16.05 -31.38 -32.86
C GLU H 123 -15.24 -32.27 -31.93
N VAL H 124 -14.31 -33.05 -32.49
CA VAL H 124 -13.23 -33.67 -31.72
C VAL H 124 -12.43 -32.57 -31.02
N VAL H 125 -11.77 -31.70 -31.78
CA VAL H 125 -10.91 -30.69 -31.15
C VAL H 125 -11.59 -29.34 -31.12
N ALA I 1 66.52 -3.22 53.72
CA ALA I 1 65.80 -3.61 54.93
C ALA I 1 64.31 -3.69 54.65
N THR I 2 63.58 -2.72 55.17
CA THR I 2 62.19 -2.46 54.83
C THR I 2 62.06 -1.08 54.22
N GLN I 3 63.17 -0.60 53.63
CA GLN I 3 63.36 0.78 53.23
C GLN I 3 62.91 0.91 51.77
N ASN I 4 61.59 1.00 51.59
CA ASN I 4 60.95 0.65 50.32
C ASN I 4 60.02 1.74 49.81
N TYR I 5 59.51 1.54 48.59
CA TYR I 5 58.66 2.50 47.89
C TYR I 5 57.27 1.90 47.66
N GLY I 6 56.30 2.32 48.48
CA GLY I 6 54.90 2.08 48.20
C GLY I 6 54.25 3.38 47.76
N THR I 7 52.92 3.37 47.72
CA THR I 7 52.17 4.58 47.39
C THR I 7 50.74 4.47 47.92
N GLY I 8 50.04 5.59 47.87
CA GLY I 8 48.64 5.70 48.25
C GLY I 8 48.02 6.93 47.62
N ARG I 9 46.92 6.78 46.91
CA ARG I 9 46.41 7.85 46.07
C ARG I 9 44.89 7.97 46.12
N ARG I 10 44.43 9.22 46.11
CA ARG I 10 43.04 9.58 45.83
C ARG I 10 43.06 11.05 45.43
N LYS I 11 42.44 11.36 44.29
CA LYS I 11 42.38 12.70 43.69
C LYS I 11 43.79 13.27 43.42
N THR I 12 44.46 12.65 42.43
CA THR I 12 45.68 13.14 41.74
C THR I 12 46.86 13.35 42.70
N ALA I 13 47.37 12.22 43.20
CA ALA I 13 48.54 12.21 44.08
C ALA I 13 49.72 11.44 43.46
N THR I 14 50.85 11.44 44.19
CA THR I 14 52.00 10.57 43.91
C THR I 14 52.77 10.46 45.24
N ALA I 15 52.65 9.32 45.91
CA ALA I 15 52.86 9.29 47.36
C ALA I 15 54.24 8.80 47.77
N ARG I 16 54.46 8.86 49.10
CA ARG I 16 55.71 8.50 49.77
C ARG I 16 55.39 7.61 50.96
N VAL I 17 55.81 6.35 50.92
CA VAL I 17 55.61 5.42 52.03
C VAL I 17 56.96 5.14 52.67
N PHE I 18 57.21 5.77 53.83
CA PHE I 18 58.49 5.61 54.56
C PHE I 18 58.22 4.66 55.72
N LEU I 19 58.15 3.37 55.42
CA LEU I 19 57.58 2.44 56.39
C LEU I 19 58.60 1.41 56.85
N ARG I 20 58.35 0.83 58.02
CA ARG I 20 59.21 -0.14 58.67
C ARG I 20 58.41 -0.82 59.79
N PRO I 21 58.94 -1.90 60.38
CA PRO I 21 58.36 -2.38 61.64
C PRO I 21 58.45 -1.35 62.77
N GLY I 22 57.46 -1.38 63.63
CA GLY I 22 57.33 -0.47 64.76
C GLY I 22 56.14 -0.87 65.61
N THR I 23 55.42 0.11 66.19
CA THR I 23 54.16 -0.15 66.90
C THR I 23 53.10 0.84 66.41
N GLY I 24 52.47 0.54 65.27
CA GLY I 24 51.30 1.24 64.76
C GLY I 24 51.36 2.76 64.64
N LYS I 25 52.56 3.31 64.61
CA LYS I 25 52.75 4.76 64.60
C LYS I 25 52.44 5.27 63.20
N ILE I 26 51.59 6.27 63.13
CA ILE I 26 50.96 6.71 61.89
C ILE I 26 51.28 8.18 61.68
N SER I 27 51.59 8.55 60.43
CA SER I 27 52.17 9.86 60.18
C SER I 27 51.97 10.26 58.71
N ILE I 28 51.92 11.57 58.44
CA ILE I 28 51.60 12.09 57.11
C ILE I 28 52.09 13.54 56.99
N ASN I 29 52.67 13.88 55.82
CA ASN I 29 53.01 15.25 55.41
C ASN I 29 54.08 15.88 56.31
N ASN I 30 55.15 15.11 56.57
CA ASN I 30 56.20 15.40 57.57
C ASN I 30 55.65 15.63 58.97
N ARG I 31 54.45 15.11 59.24
CA ARG I 31 53.73 15.32 60.50
C ARG I 31 53.11 13.99 60.86
N GLY I 32 52.43 13.96 62.00
CA GLY I 32 51.73 12.75 62.41
C GLY I 32 50.32 12.68 61.83
N LEU I 33 49.59 11.64 62.23
CA LEU I 33 48.19 11.54 61.84
C LEU I 33 47.33 12.53 62.60
N ASP I 34 47.71 12.85 63.83
CA ASP I 34 46.94 13.80 64.62
C ASP I 34 47.46 15.23 64.51
N GLN I 35 47.96 15.61 63.33
CA GLN I 35 48.41 16.97 63.07
C GLN I 35 47.56 17.68 62.02
N PHE I 36 47.48 17.13 60.81
CA PHE I 36 46.55 17.66 59.81
C PHE I 36 45.18 16.99 59.91
N PHE I 37 45.12 15.75 60.37
CA PHE I 37 43.86 15.04 60.55
C PHE I 37 43.51 15.02 62.03
N GLY I 38 42.23 15.12 62.32
CA GLY I 38 41.79 15.22 63.70
C GLY I 38 40.55 16.08 63.76
N ARG I 39 39.75 15.82 64.80
CA ARG I 39 38.45 16.48 65.04
C ARG I 39 37.52 16.23 63.84
N GLU I 40 37.52 14.99 63.37
CA GLU I 40 36.75 14.57 62.20
C GLU I 40 36.59 13.05 62.22
N THR I 41 35.58 12.56 61.51
CA THR I 41 35.09 11.21 61.70
C THR I 41 35.77 10.17 60.82
N ALA I 42 36.66 10.55 59.91
CA ALA I 42 37.34 9.57 59.08
C ALA I 42 38.65 9.08 59.70
N ARG I 43 38.92 9.41 60.97
CA ARG I 43 40.19 9.05 61.59
C ARG I 43 40.30 7.55 61.83
N MET I 44 39.31 6.97 62.51
CA MET I 44 39.37 5.55 62.86
C MET I 44 38.85 4.65 61.74
N VAL I 45 38.44 5.24 60.62
CA VAL I 45 38.00 4.46 59.46
C VAL I 45 39.19 3.75 58.82
N VAL I 46 40.38 4.34 58.93
CA VAL I 46 41.57 3.62 58.49
C VAL I 46 42.14 2.76 59.60
N ARG I 47 41.60 2.85 60.82
CA ARG I 47 41.94 1.88 61.85
C ARG I 47 41.13 0.60 61.71
N GLN I 48 40.06 0.62 60.94
CA GLN I 48 39.24 -0.54 60.62
C GLN I 48 39.95 -1.60 59.78
N PRO I 49 40.89 -1.27 58.87
CA PRO I 49 41.84 -2.31 58.45
C PRO I 49 42.95 -2.54 59.46
N LEU I 50 43.33 -1.50 60.21
CA LEU I 50 44.42 -1.63 61.18
C LEU I 50 43.99 -2.44 62.41
N GLU I 51 42.67 -2.58 62.62
CA GLU I 51 42.16 -3.54 63.59
C GLU I 51 41.82 -4.89 62.95
N LEU I 52 41.62 -4.92 61.63
CA LEU I 52 41.34 -6.18 60.95
C LEU I 52 42.55 -7.10 60.94
N THR I 53 43.75 -6.52 60.86
CA THR I 53 44.98 -7.26 60.59
C THR I 53 45.95 -7.23 61.76
N GLU I 54 45.51 -6.76 62.93
CA GLU I 54 46.26 -6.51 64.17
C GLU I 54 47.64 -5.88 63.96
N THR I 55 47.73 -4.93 63.02
CA THR I 55 48.98 -4.28 62.66
C THR I 55 49.19 -2.96 63.38
N VAL I 56 48.43 -2.69 64.44
CA VAL I 56 48.59 -1.48 65.23
C VAL I 56 49.71 -1.59 66.26
N GLU I 57 50.42 -2.73 66.29
CA GLU I 57 51.56 -2.88 67.18
C GLU I 57 52.80 -3.42 66.49
N LYS I 58 52.77 -3.63 65.17
CA LYS I 58 53.86 -4.35 64.51
C LYS I 58 54.47 -3.61 63.31
N PHE I 59 54.04 -2.39 63.00
CA PHE I 59 54.63 -1.65 61.90
C PHE I 59 54.68 -0.16 62.22
N ASP I 60 55.66 0.54 61.64
CA ASP I 60 55.80 1.99 61.81
C ASP I 60 55.55 2.65 60.46
N ILE I 61 54.53 3.50 60.39
CA ILE I 61 53.91 3.90 59.12
C ILE I 61 54.11 5.39 58.92
N PHE I 62 54.68 5.76 57.76
CA PHE I 62 54.75 7.14 57.28
C PHE I 62 54.26 7.15 55.84
N VAL I 63 52.95 7.36 55.65
CA VAL I 63 52.42 7.52 54.29
C VAL I 63 51.93 8.95 54.12
N THR I 64 52.36 9.58 53.04
CA THR I 64 52.14 11.01 52.75
C THR I 64 51.19 11.11 51.56
N VAL I 65 50.17 11.95 51.66
CA VAL I 65 49.34 12.30 50.51
C VAL I 65 49.03 13.79 50.55
N VAL I 66 49.03 14.42 49.37
CA VAL I 66 48.78 15.84 49.21
C VAL I 66 47.84 16.04 48.02
N GLY I 67 47.42 17.28 47.82
CA GLY I 67 46.52 17.62 46.74
C GLY I 67 45.06 17.51 47.12
N GLY I 68 44.19 17.96 46.22
CA GLY I 68 42.77 17.91 46.47
C GLY I 68 42.30 18.98 47.42
N GLY I 69 42.02 18.60 48.66
CA GLY I 69 41.55 19.53 49.69
C GLY I 69 41.90 19.05 51.08
N VAL I 70 40.95 19.14 52.00
CA VAL I 70 41.14 18.67 53.37
C VAL I 70 40.92 17.17 53.45
N SER I 71 39.67 16.75 53.19
CA SER I 71 39.19 15.42 53.57
C SER I 71 38.92 14.51 52.39
N GLY I 72 39.11 14.99 51.17
CA GLY I 72 38.94 14.14 50.00
C GLY I 72 39.99 13.06 49.89
N GLN I 73 41.13 13.27 50.56
CA GLN I 73 42.16 12.25 50.67
C GLN I 73 42.13 11.52 51.99
N ALA I 74 40.95 11.41 52.61
CA ALA I 74 40.78 10.45 53.69
C ALA I 74 40.93 9.03 53.18
N GLY I 75 40.50 8.77 51.95
CA GLY I 75 40.63 7.47 51.34
C GLY I 75 42.00 7.13 50.79
N ALA I 76 42.96 8.03 50.93
CA ALA I 76 44.28 7.78 50.36
C ALA I 76 45.24 7.22 51.40
N ILE I 77 45.03 7.58 52.67
CA ILE I 77 45.61 6.81 53.77
C ILE I 77 45.01 5.40 53.77
N ARG I 78 43.73 5.32 53.42
CA ARG I 78 43.03 4.05 53.22
C ARG I 78 43.55 3.28 52.00
N HIS I 79 44.20 3.97 51.06
CA HIS I 79 44.53 3.38 49.77
C HIS I 79 45.71 2.41 49.87
N GLY I 80 46.80 2.83 50.50
CA GLY I 80 48.01 2.04 50.48
C GLY I 80 48.50 1.57 51.84
N ILE I 81 47.58 1.22 52.73
CA ILE I 81 47.96 0.76 54.06
C ILE I 81 48.57 -0.63 54.01
N THR I 82 48.07 -1.48 53.12
CA THR I 82 48.63 -2.80 52.89
C THR I 82 49.35 -2.89 51.55
N ARG I 83 49.55 -1.77 50.87
CA ARG I 83 50.37 -1.78 49.67
C ARG I 83 51.85 -1.82 50.05
N ALA I 84 52.18 -1.38 51.26
CA ALA I 84 53.50 -1.62 51.80
C ALA I 84 53.59 -2.95 52.55
N LEU I 85 52.50 -3.70 52.63
CA LEU I 85 52.48 -4.88 53.49
C LEU I 85 52.28 -6.19 52.73
N ILE I 86 51.46 -6.20 51.67
CA ILE I 86 51.40 -7.41 50.85
C ILE I 86 52.65 -7.55 49.98
N GLU I 87 53.46 -6.50 49.87
CA GLU I 87 54.81 -6.63 49.36
C GLU I 87 55.72 -7.32 50.37
N TYR I 88 55.45 -7.14 51.67
CA TYR I 88 56.29 -7.74 52.69
C TYR I 88 56.04 -9.24 52.82
N ASP I 89 54.78 -9.65 52.71
CA ASP I 89 54.44 -11.05 52.86
C ASP I 89 53.11 -11.32 52.16
N GLU I 90 52.74 -12.60 52.14
CA GLU I 90 51.41 -13.03 51.74
C GLU I 90 50.69 -13.70 52.91
N THR I 91 50.86 -13.16 54.12
CA THR I 91 50.24 -13.75 55.29
C THR I 91 48.77 -13.34 55.38
N LEU I 92 48.47 -12.07 55.14
CA LEU I 92 47.10 -11.56 55.11
C LEU I 92 46.51 -11.62 53.71
N ARG I 93 47.12 -12.40 52.81
CA ARG I 93 46.91 -12.38 51.36
C ARG I 93 45.46 -12.60 50.94
N SER I 94 44.90 -13.76 51.25
CA SER I 94 43.52 -14.06 50.87
C SER I 94 42.51 -13.66 51.94
N SER I 95 42.86 -12.74 52.84
CA SER I 95 41.95 -12.32 53.90
C SER I 95 41.64 -10.84 53.86
N LEU I 96 42.08 -10.13 52.82
CA LEU I 96 41.92 -8.68 52.78
C LEU I 96 40.83 -8.19 51.85
N ARG I 97 40.22 -9.07 51.05
CA ARG I 97 39.28 -8.61 50.03
C ARG I 97 38.03 -8.00 50.65
N LYS I 98 37.65 -8.45 51.85
CA LYS I 98 36.44 -7.96 52.50
C LYS I 98 36.60 -6.51 52.96
N ALA I 99 37.83 -6.03 53.10
CA ALA I 99 38.05 -4.63 53.46
C ALA I 99 37.64 -3.68 52.33
N GLY I 100 38.29 -3.77 51.17
CA GLY I 100 37.82 -3.09 49.98
C GLY I 100 38.35 -1.68 49.75
N TYR I 101 39.67 -1.51 49.87
CA TYR I 101 40.25 -0.18 50.03
C TYR I 101 41.27 0.21 48.98
N VAL I 102 41.27 -0.42 47.80
CA VAL I 102 42.32 -0.13 46.82
C VAL I 102 41.79 0.46 45.53
N THR I 103 40.47 0.40 45.29
CA THR I 103 39.89 0.68 43.99
C THR I 103 39.99 2.15 43.60
N ARG I 104 40.93 2.47 42.71
CA ARG I 104 41.15 3.84 42.23
C ARG I 104 39.96 4.18 41.35
N ASP I 105 39.03 4.94 41.91
CA ASP I 105 37.69 5.02 41.35
C ASP I 105 37.66 5.95 40.14
N ALA I 106 36.75 5.64 39.20
CA ALA I 106 36.48 6.45 38.03
C ALA I 106 35.08 7.04 38.07
N ARG I 107 34.49 7.13 39.26
CA ARG I 107 33.18 7.79 39.45
C ARG I 107 33.39 9.26 39.80
N GLU I 108 34.14 9.92 38.93
CA GLU I 108 34.83 11.16 39.24
C GLU I 108 34.40 12.27 38.29
N VAL I 109 35.14 13.37 38.30
CA VAL I 109 34.99 14.44 37.32
C VAL I 109 36.00 14.18 36.20
N GLU I 110 35.56 13.42 35.20
CA GLU I 110 36.28 13.18 33.95
C GLU I 110 36.09 14.37 33.01
N ARG I 111 36.27 14.14 31.69
CA ARG I 111 36.00 15.16 30.68
C ARG I 111 34.61 15.77 30.85
N LYS I 112 34.50 17.05 30.53
CA LYS I 112 33.27 17.79 30.76
C LYS I 112 32.60 17.98 29.40
N LYS I 113 31.45 17.31 29.23
CA LYS I 113 30.76 17.30 27.95
C LYS I 113 30.00 18.60 27.73
N VAL I 114 30.00 19.07 26.47
CA VAL I 114 29.24 20.26 26.13
C VAL I 114 27.78 19.86 25.88
N GLY I 115 26.87 20.79 26.11
CA GLY I 115 25.44 20.54 26.01
C GLY I 115 24.80 20.26 27.36
N LEU I 116 25.46 19.43 28.16
CA LEU I 116 25.03 19.17 29.53
C LEU I 116 25.59 20.26 30.43
N ARG I 117 25.24 20.18 31.72
CA ARG I 117 25.87 21.07 32.68
C ARG I 117 27.17 20.49 33.23
N LYS I 118 27.12 19.28 33.79
CA LYS I 118 28.18 18.75 34.63
C LYS I 118 28.44 17.31 34.18
N ALA I 119 29.05 16.51 35.07
CA ALA I 119 29.58 15.15 34.83
C ALA I 119 28.68 14.24 34.01
N ARG I 120 27.50 13.90 34.53
CA ARG I 120 26.40 13.38 33.73
C ARG I 120 25.10 14.04 34.15
N LYS I 121 25.19 15.17 34.85
CA LYS I 121 24.02 15.91 35.29
C LYS I 121 23.56 16.80 34.14
N ARG I 122 22.25 16.90 33.97
CA ARG I 122 21.61 17.44 32.79
C ARG I 122 20.89 18.75 33.08
N PRO I 123 20.79 19.64 32.08
CA PRO I 123 20.09 20.93 32.30
C PRO I 123 18.59 20.81 32.47
N GLN I 124 17.91 21.96 32.60
CA GLN I 124 16.53 22.02 33.04
C GLN I 124 15.61 22.19 31.85
N TYR I 125 14.47 21.52 31.89
CA TYR I 125 13.66 21.25 30.70
C TYR I 125 12.23 20.91 31.16
N SER I 126 11.44 20.37 30.24
CA SER I 126 10.11 19.84 30.54
C SER I 126 9.69 18.82 29.49
N ILE J 1 70.70 23.52 25.71
CA ILE J 1 69.83 23.25 24.59
C ILE J 1 68.39 23.25 25.07
N ARG J 2 67.68 24.33 24.76
CA ARG J 2 66.25 24.46 24.98
C ARG J 2 65.57 24.69 23.63
N LEU J 3 64.42 24.06 23.42
CA LEU J 3 63.82 24.02 22.11
C LEU J 3 62.42 24.63 22.13
N LYS J 4 61.93 24.97 20.95
CA LYS J 4 60.57 25.45 20.73
C LYS J 4 60.12 24.97 19.36
N ALA J 5 59.17 24.02 19.32
CA ALA J 5 58.66 23.48 18.06
C ALA J 5 57.28 22.85 18.27
N PHE J 6 56.88 22.05 17.28
CA PHE J 6 55.49 21.67 17.06
C PHE J 6 54.90 20.58 17.96
N ASP J 7 55.34 19.33 17.78
CA ASP J 7 54.46 18.20 18.09
C ASP J 7 55.19 17.03 18.73
N HIS J 8 54.49 15.91 18.78
CA HIS J 8 55.01 14.72 19.44
C HIS J 8 55.80 13.83 18.50
N ARG J 9 55.97 14.24 17.25
CA ARG J 9 56.49 13.36 16.22
C ARG J 9 57.51 14.01 15.30
N LEU J 10 57.90 15.27 15.55
CA LEU J 10 58.92 15.90 14.73
C LEU J 10 59.98 16.60 15.57
N ILE J 11 59.73 16.80 16.86
CA ILE J 11 60.79 17.31 17.72
C ILE J 11 61.47 16.15 18.44
N ASP J 12 60.75 15.06 18.68
CA ASP J 12 61.37 13.89 19.28
C ASP J 12 62.19 13.13 18.24
N GLN J 13 61.81 13.25 16.97
CA GLN J 13 62.60 12.71 15.87
C GLN J 13 63.59 13.72 15.31
N SER J 14 63.74 14.88 15.95
CA SER J 14 64.84 15.79 15.67
C SER J 14 65.82 15.90 16.83
N THR J 15 65.38 15.57 18.06
CA THR J 15 66.34 15.41 19.14
C THR J 15 66.87 13.99 19.24
N GLN J 16 66.47 13.11 18.31
CA GLN J 16 67.29 11.96 18.00
C GLN J 16 68.53 12.37 17.21
N GLU J 17 68.44 13.46 16.45
CA GLU J 17 69.54 13.98 15.65
C GLU J 17 70.29 15.10 16.35
N ILE J 18 70.29 15.13 17.68
CA ILE J 18 71.05 16.10 18.46
C ILE J 18 71.99 15.42 19.44
N VAL J 19 71.49 14.42 20.17
CA VAL J 19 72.28 13.78 21.23
C VAL J 19 73.40 12.95 20.62
N GLU J 20 73.05 11.98 19.77
CA GLU J 20 74.03 11.10 19.15
C GLU J 20 74.92 11.87 18.19
N THR J 21 74.37 12.87 17.48
CA THR J 21 75.13 13.55 16.44
C THR J 21 76.20 14.49 17.00
N ALA J 22 76.12 14.86 18.28
CA ALA J 22 77.15 15.65 18.91
C ALA J 22 77.94 14.85 19.95
N LYS J 23 77.59 13.59 20.15
CA LYS J 23 78.35 12.68 21.02
C LYS J 23 79.44 11.95 20.25
N ARG J 24 79.19 11.68 18.96
CA ARG J 24 80.19 11.03 18.11
C ARG J 24 81.39 11.92 17.85
N THR J 25 81.20 13.24 17.93
CA THR J 25 82.26 14.21 17.65
C THR J 25 83.18 14.47 18.83
N GLY J 26 83.01 13.77 19.95
CA GLY J 26 83.98 13.85 21.03
C GLY J 26 83.43 14.25 22.40
N ALA J 27 82.50 15.19 22.45
CA ALA J 27 81.94 15.63 23.71
C ALA J 27 80.72 14.78 24.06
N GLN J 28 79.95 15.21 25.07
CA GLN J 28 78.85 14.42 25.58
C GLN J 28 77.58 15.26 25.68
N VAL J 29 76.47 14.70 25.20
CA VAL J 29 75.15 15.31 25.33
C VAL J 29 74.30 14.38 26.19
N ARG J 30 73.70 14.93 27.24
CA ARG J 30 72.92 14.14 28.19
C ARG J 30 71.61 13.66 27.56
N GLY J 31 70.84 12.87 28.31
CA GLY J 31 69.62 12.30 27.81
C GLY J 31 68.47 13.27 27.69
N PRO J 32 67.47 12.95 26.85
CA PRO J 32 66.29 13.81 26.72
C PRO J 32 65.37 13.82 27.93
N ILE J 33 65.08 15.01 28.44
CA ILE J 33 64.28 15.19 29.65
C ILE J 33 62.83 15.45 29.26
N PRO J 34 61.84 14.72 29.83
CA PRO J 34 60.44 14.87 29.37
C PRO J 34 59.79 16.20 29.71
N LEU J 35 59.01 16.73 28.77
CA LEU J 35 58.21 17.93 28.98
C LEU J 35 56.87 17.76 28.26
N PRO J 36 55.76 17.59 29.02
CA PRO J 36 54.56 16.94 28.47
C PRO J 36 53.62 17.79 27.64
N THR J 37 52.46 17.17 27.36
CA THR J 37 51.36 17.70 26.55
C THR J 37 50.90 19.09 27.00
N ARG J 38 50.75 19.99 26.04
CA ARG J 38 50.26 21.33 26.35
C ARG J 38 48.74 21.32 26.30
N LYS J 39 48.13 21.64 27.44
CA LYS J 39 46.72 21.33 27.68
C LYS J 39 45.90 22.63 27.64
N GLU J 40 45.35 22.86 26.45
CA GLU J 40 44.71 24.12 26.06
C GLU J 40 43.35 23.80 25.44
N ARG J 41 42.28 24.27 26.08
CA ARG J 41 40.93 23.90 25.68
C ARG J 41 40.20 25.05 24.99
N PHE J 42 39.42 24.72 23.96
CA PHE J 42 38.83 25.66 23.02
C PHE J 42 37.35 25.39 22.86
N THR J 43 36.63 26.34 22.25
CA THR J 43 35.19 26.23 21.95
C THR J 43 34.87 26.95 20.64
N VAL J 44 34.00 26.34 19.82
CA VAL J 44 33.55 26.86 18.52
C VAL J 44 32.03 26.68 18.40
N LEU J 45 31.50 26.95 17.20
CA LEU J 45 30.14 26.54 16.85
C LEU J 45 30.09 26.07 15.40
N ILE J 46 29.57 24.86 15.17
CA ILE J 46 29.85 24.10 13.96
C ILE J 46 28.58 23.87 13.15
N SER J 47 27.46 24.39 13.64
CA SER J 47 26.17 24.28 12.98
C SER J 47 26.12 25.15 11.72
N PRO J 48 25.37 24.71 10.67
CA PRO J 48 25.12 25.61 9.52
C PRO J 48 24.22 26.79 9.86
N HIS J 49 23.04 26.55 10.43
CA HIS J 49 22.20 27.60 11.00
C HIS J 49 22.34 27.53 12.52
N VAL J 50 22.30 28.70 13.18
CA VAL J 50 22.96 28.87 14.47
C VAL J 50 22.28 28.03 15.55
N ASN J 51 23.09 27.24 16.26
CA ASN J 51 22.63 26.25 17.21
C ASN J 51 23.72 26.17 18.28
N LYS J 52 23.57 26.96 19.35
CA LYS J 52 24.57 27.10 20.42
C LYS J 52 24.89 25.77 21.09
N ASP J 53 23.95 24.80 21.06
CA ASP J 53 24.24 23.41 21.37
C ASP J 53 25.36 22.85 20.53
N ALA J 54 25.34 23.13 19.22
CA ALA J 54 26.13 22.39 18.24
C ALA J 54 27.56 22.93 18.16
N ARG J 55 28.29 22.81 19.27
CA ARG J 55 29.67 23.27 19.28
C ARG J 55 30.59 22.21 18.70
N ASP J 56 31.88 22.47 18.81
CA ASP J 56 32.89 21.41 18.76
C ASP J 56 34.07 21.89 19.60
N GLN J 57 35.21 21.23 19.46
CA GLN J 57 36.25 21.23 20.47
C GLN J 57 37.62 21.05 19.80
N TYR J 58 38.61 21.79 20.29
CA TYR J 58 39.95 21.80 19.70
C TYR J 58 40.99 21.96 20.79
N GLU J 59 42.26 21.89 20.39
CA GLU J 59 43.42 21.82 21.27
C GLU J 59 44.67 21.96 20.41
N ILE J 60 45.76 22.48 20.99
CA ILE J 60 47.02 22.65 20.26
C ILE J 60 48.16 22.68 21.27
N ARG J 61 49.35 22.24 20.83
CA ARG J 61 50.46 21.93 21.70
C ARG J 61 51.75 22.63 21.28
N THR J 62 52.72 22.58 22.19
CA THR J 62 54.11 22.97 21.90
C THR J 62 55.00 22.18 22.86
N HIS J 63 55.94 21.42 22.29
CA HIS J 63 56.93 20.68 23.07
C HIS J 63 58.19 21.49 23.27
N LYS J 64 58.79 21.31 24.44
CA LYS J 64 60.14 21.76 24.71
C LYS J 64 60.98 20.56 25.17
N ARG J 65 62.30 20.72 25.11
CA ARG J 65 63.19 19.64 25.50
C ARG J 65 64.45 20.25 26.09
N VAL J 66 64.92 19.69 27.20
CA VAL J 66 66.06 20.22 27.93
C VAL J 66 67.25 19.29 27.72
N LEU J 67 68.21 19.74 26.92
CA LEU J 67 69.49 19.07 26.77
C LEU J 67 70.58 20.04 27.16
N ASP J 68 71.74 19.50 27.53
CA ASP J 68 72.81 20.32 28.07
C ASP J 68 74.16 19.69 27.74
N ILE J 69 74.93 20.36 26.88
CA ILE J 69 76.28 19.91 26.61
C ILE J 69 77.19 20.24 27.78
N VAL J 70 77.94 19.23 28.24
CA VAL J 70 78.60 19.25 29.53
C VAL J 70 79.82 20.16 29.48
N GLN J 71 80.72 19.90 28.54
CA GLN J 71 81.80 20.83 28.23
C GLN J 71 81.55 21.42 26.86
N PRO J 72 81.18 22.71 26.77
CA PRO J 72 80.66 23.24 25.50
C PRO J 72 81.71 23.41 24.40
N THR J 73 81.73 22.45 23.48
CA THR J 73 82.52 22.54 22.26
C THR J 73 81.81 21.99 21.04
N ASP J 74 80.58 21.47 21.18
CA ASP J 74 79.84 20.86 20.08
C ASP J 74 79.39 21.90 19.08
N LYS J 75 80.03 21.91 17.92
CA LYS J 75 79.61 22.75 16.81
C LYS J 75 78.48 22.13 16.01
N THR J 76 78.26 20.81 16.17
CA THR J 76 77.20 20.10 15.46
C THR J 76 75.82 20.62 15.85
N VAL J 77 75.67 21.08 17.09
CA VAL J 77 74.39 21.64 17.54
C VAL J 77 74.12 22.99 16.90
N ASP J 78 75.13 23.63 16.31
CA ASP J 78 74.96 24.85 15.54
C ASP J 78 75.27 24.72 14.06
N ALA J 79 76.23 23.87 13.68
CA ALA J 79 76.50 23.67 12.25
C ALA J 79 75.46 22.75 11.63
N LEU J 80 75.20 21.60 12.24
CA LEU J 80 74.08 20.75 11.84
C LEU J 80 72.84 21.08 12.66
N MET J 81 72.53 22.38 12.73
CA MET J 81 71.30 22.86 13.33
C MET J 81 70.19 22.92 12.29
N LYS J 82 70.55 23.16 11.03
CA LYS J 82 69.62 23.02 9.92
C LYS J 82 69.39 21.56 9.53
N LEU J 83 70.26 20.64 9.96
CA LEU J 83 69.98 19.22 9.81
C LEU J 83 68.88 18.76 10.75
N ASP J 84 68.70 19.46 11.87
CA ASP J 84 67.62 19.16 12.80
C ASP J 84 66.26 19.51 12.24
N LEU J 85 66.19 20.37 11.23
CA LEU J 85 64.95 20.78 10.62
C LEU J 85 64.79 20.12 9.26
N ALA J 86 63.58 19.63 8.98
CA ALA J 86 63.26 19.03 7.70
C ALA J 86 62.28 19.88 6.90
N ALA J 87 61.12 20.19 7.45
CA ALA J 87 60.20 21.09 6.76
C ALA J 87 59.66 22.20 7.65
N GLY J 88 59.37 21.91 8.91
CA GLY J 88 58.63 22.85 9.74
C GLY J 88 59.04 22.94 11.18
N VAL J 89 60.29 22.62 11.47
CA VAL J 89 60.85 22.83 12.78
C VAL J 89 61.76 24.06 12.72
N GLU J 90 61.55 25.01 13.62
CA GLU J 90 62.48 26.11 13.80
C GLU J 90 63.18 25.94 15.13
N VAL J 91 64.44 25.56 15.08
CA VAL J 91 65.18 25.05 16.24
C VAL J 91 65.66 26.23 17.07
N GLN J 92 65.41 26.17 18.37
CA GLN J 92 66.13 26.98 19.35
C GLN J 92 67.24 26.14 19.93
N ILE J 93 68.39 26.76 20.18
CA ILE J 93 69.54 26.07 20.75
C ILE J 93 69.99 26.85 21.97
N SER J 94 70.75 26.20 22.84
CA SER J 94 71.40 26.87 23.98
C SER J 94 72.75 26.17 24.21
N LEU J 95 73.83 26.88 23.92
CA LEU J 95 75.18 26.32 23.90
C LEU J 95 75.73 26.27 25.32
N GLY J 96 75.43 25.19 26.02
CA GLY J 96 75.89 25.01 27.38
C GLY J 96 74.91 24.23 28.24
N LYS K 1 -35.95 -17.02 75.18
CA LYS K 1 -35.86 -18.29 74.47
C LYS K 1 -34.43 -18.83 74.44
N THR K 2 -34.27 -20.08 74.00
CA THR K 2 -32.97 -20.67 73.69
C THR K 2 -33.14 -21.81 72.70
N VAL K 3 -32.80 -21.60 71.43
CA VAL K 3 -32.86 -22.65 70.41
C VAL K 3 -31.43 -22.94 69.94
N VAL K 4 -31.11 -24.22 69.82
CA VAL K 4 -29.72 -24.62 69.78
C VAL K 4 -29.23 -24.78 68.35
N ASP K 5 -30.16 -24.96 67.41
CA ASP K 5 -29.84 -25.22 66.01
C ASP K 5 -30.83 -24.47 65.13
N GLY K 6 -30.32 -23.89 64.05
CA GLY K 6 -31.19 -23.17 63.15
C GLY K 6 -30.68 -23.16 61.73
N ILE K 7 -31.49 -22.70 60.78
CA ILE K 7 -31.07 -22.62 59.39
C ILE K 7 -30.98 -21.15 59.00
N ALA K 8 -29.88 -20.79 58.34
CA ALA K 8 -29.37 -19.43 58.26
C ALA K 8 -29.17 -19.02 56.80
N HIS K 9 -29.91 -18.02 56.36
CA HIS K 9 -29.94 -17.68 54.94
C HIS K 9 -28.92 -16.62 54.57
N ILE K 10 -28.48 -16.59 53.31
CA ILE K 10 -27.70 -15.48 52.79
C ILE K 10 -28.27 -15.07 51.44
N HIS K 11 -28.83 -13.87 51.37
CA HIS K 11 -29.33 -13.35 50.12
C HIS K 11 -28.24 -12.52 49.44
N ALA K 12 -27.72 -13.02 48.34
CA ALA K 12 -26.41 -12.57 47.89
C ALA K 12 -26.46 -11.87 46.55
N SER K 13 -27.33 -10.89 46.41
CA SER K 13 -27.52 -10.13 45.18
C SER K 13 -26.27 -9.37 44.75
N PHE K 14 -26.33 -8.84 43.53
CA PHE K 14 -25.26 -7.99 43.03
C PHE K 14 -25.18 -6.66 43.77
N ASN K 15 -26.25 -6.22 44.39
CA ASN K 15 -26.25 -4.93 45.08
C ASN K 15 -25.90 -5.07 46.55
N ASN K 16 -26.55 -6.01 47.24
CA ASN K 16 -26.51 -6.03 48.69
C ASN K 16 -26.22 -7.46 49.11
N THR K 17 -26.02 -7.66 50.42
CA THR K 17 -25.93 -8.99 51.00
C THR K 17 -26.75 -8.98 52.28
N ILE K 18 -27.83 -9.74 52.30
CA ILE K 18 -28.71 -9.87 53.45
C ILE K 18 -28.48 -11.23 54.07
N VAL K 19 -28.23 -11.27 55.37
CA VAL K 19 -28.08 -12.53 56.10
C VAL K 19 -29.16 -12.58 57.17
N THR K 20 -29.98 -13.62 57.14
CA THR K 20 -31.01 -13.80 58.14
C THR K 20 -30.84 -15.14 58.83
N ILE K 21 -30.77 -15.12 60.16
CA ILE K 21 -30.67 -16.31 60.97
C ILE K 21 -32.10 -16.67 61.38
N THR K 22 -32.49 -17.91 61.20
CA THR K 22 -33.78 -18.42 61.66
C THR K 22 -33.54 -19.68 62.48
N ASP K 23 -34.63 -20.34 62.84
CA ASP K 23 -34.57 -21.72 63.30
C ASP K 23 -35.05 -22.63 62.19
N ARG K 24 -35.14 -23.94 62.46
CA ARG K 24 -35.74 -24.84 61.48
C ARG K 24 -37.24 -24.61 61.38
N GLN K 25 -37.83 -23.93 62.35
CA GLN K 25 -39.16 -23.35 62.24
C GLN K 25 -39.15 -22.01 61.48
N GLY K 26 -38.06 -21.72 60.74
CA GLY K 26 -37.99 -20.66 59.75
C GLY K 26 -38.22 -19.23 60.19
N ASN K 27 -38.44 -19.00 61.48
CA ASN K 27 -38.83 -17.69 61.98
C ASN K 27 -37.57 -16.88 62.25
N ALA K 28 -37.57 -15.62 61.78
CA ALA K 28 -36.34 -14.85 61.74
C ALA K 28 -35.92 -14.39 63.12
N LEU K 29 -34.62 -14.54 63.41
CA LEU K 29 -34.04 -14.13 64.67
C LEU K 29 -33.31 -12.80 64.55
N SER K 30 -32.31 -12.74 63.68
CA SER K 30 -31.39 -11.61 63.64
C SER K 30 -30.96 -11.40 62.19
N TRP K 31 -31.31 -10.26 61.63
CA TRP K 31 -30.95 -9.96 60.25
C TRP K 31 -29.94 -8.83 60.22
N ALA K 32 -29.01 -8.94 59.29
CA ALA K 32 -27.92 -7.98 59.19
C ALA K 32 -27.58 -7.86 57.72
N THR K 33 -27.67 -6.65 57.17
CA THR K 33 -27.43 -6.47 55.75
C THR K 33 -26.10 -5.78 55.53
N SER K 34 -25.62 -5.88 54.30
CA SER K 34 -24.34 -5.31 53.89
C SER K 34 -24.40 -3.82 53.66
N GLY K 35 -25.53 -3.18 53.93
CA GLY K 35 -25.62 -1.74 53.84
C GLY K 35 -26.21 -1.20 55.12
N GLY K 36 -26.68 -2.13 55.95
CA GLY K 36 -27.16 -1.79 57.29
C GLY K 36 -26.06 -1.59 58.29
N SER K 37 -24.82 -1.89 57.90
CA SER K 37 -23.65 -1.63 58.73
C SER K 37 -23.00 -0.30 58.35
N GLY K 38 -23.82 0.66 57.93
CA GLY K 38 -23.36 1.97 57.53
C GLY K 38 -22.55 1.93 56.26
N PHE K 39 -23.19 1.64 55.14
CA PHE K 39 -22.51 1.73 53.85
C PHE K 39 -23.15 2.74 52.90
N ARG K 40 -24.41 2.55 52.46
CA ARG K 40 -25.25 3.61 51.90
C ARG K 40 -24.74 4.35 50.65
N GLY K 41 -24.86 3.74 49.45
CA GLY K 41 -24.37 4.32 48.21
C GLY K 41 -23.73 3.41 47.17
N SER K 42 -22.42 3.55 46.93
CA SER K 42 -21.74 2.95 45.79
C SER K 42 -20.94 1.68 46.08
N ARG K 43 -20.08 1.74 47.10
CA ARG K 43 -18.77 1.10 47.05
C ARG K 43 -18.81 -0.41 47.23
N LYS K 44 -19.26 -0.87 48.40
CA LYS K 44 -19.03 -2.23 48.86
C LYS K 44 -20.26 -3.13 48.66
N SER K 45 -20.45 -3.53 47.40
CA SER K 45 -21.13 -4.79 47.09
C SER K 45 -20.07 -5.87 46.92
N THR K 46 -19.20 -5.93 47.92
CA THR K 46 -17.91 -6.60 47.90
C THR K 46 -17.91 -7.64 49.00
N PRO K 47 -17.04 -8.66 48.92
CA PRO K 47 -16.94 -9.62 50.01
C PRO K 47 -16.42 -9.02 51.31
N PHE K 48 -15.83 -7.82 51.26
CA PHE K 48 -15.49 -7.07 52.45
C PHE K 48 -16.70 -6.83 53.34
N ALA K 49 -17.75 -6.24 52.78
CA ALA K 49 -18.85 -5.79 53.60
C ALA K 49 -19.75 -6.93 54.04
N ALA K 50 -19.75 -8.05 53.32
CA ALA K 50 -20.47 -9.21 53.81
C ALA K 50 -19.74 -9.88 54.96
N GLN K 51 -18.41 -9.86 54.93
CA GLN K 51 -17.59 -10.21 56.09
C GLN K 51 -17.94 -9.34 57.29
N VAL K 52 -18.30 -8.08 57.04
CA VAL K 52 -18.79 -7.20 58.10
C VAL K 52 -20.25 -7.52 58.41
N ALA K 53 -21.03 -7.92 57.41
CA ALA K 53 -22.45 -8.09 57.64
C ALA K 53 -22.79 -9.46 58.21
N ALA K 54 -21.98 -10.48 57.93
CA ALA K 54 -22.31 -11.81 58.43
C ALA K 54 -22.00 -11.95 59.90
N GLU K 55 -21.02 -11.20 60.40
CA GLU K 55 -20.68 -11.29 61.80
C GLU K 55 -21.74 -10.63 62.68
N ARG K 56 -22.41 -9.59 62.18
CA ARG K 56 -23.45 -8.95 62.98
C ARG K 56 -24.66 -9.86 63.09
N ALA K 57 -24.86 -10.72 62.08
CA ALA K 57 -25.82 -11.79 62.23
C ALA K 57 -25.41 -12.75 63.33
N GLY K 58 -24.11 -13.02 63.47
CA GLY K 58 -23.59 -13.91 64.48
C GLY K 58 -23.78 -13.41 65.89
N GLN K 59 -23.12 -12.31 66.26
CA GLN K 59 -23.14 -11.86 67.65
C GLN K 59 -24.46 -11.23 68.08
N ALA K 60 -25.47 -11.19 67.19
CA ALA K 60 -26.83 -10.94 67.66
C ALA K 60 -27.62 -12.23 67.72
N ALA K 61 -27.15 -13.29 67.06
CA ALA K 61 -27.79 -14.58 67.22
C ALA K 61 -27.30 -15.29 68.48
N LEU K 62 -26.17 -14.82 69.02
CA LEU K 62 -25.60 -15.39 70.25
C LEU K 62 -26.26 -14.74 71.47
N GLU K 63 -27.56 -14.84 71.49
CA GLU K 63 -28.51 -14.45 72.51
C GLU K 63 -29.44 -15.60 72.87
N TYR K 64 -29.82 -16.42 71.89
CA TYR K 64 -30.77 -17.50 72.12
C TYR K 64 -30.14 -18.85 71.81
N GLY K 65 -28.83 -18.98 71.99
CA GLY K 65 -28.18 -20.25 71.81
C GLY K 65 -27.52 -20.40 70.45
N LEU K 66 -28.07 -21.30 69.62
CA LEU K 66 -27.71 -21.48 68.21
C LEU K 66 -26.24 -21.83 68.01
N LYS K 67 -25.85 -23.04 68.46
CA LYS K 67 -24.48 -23.49 68.22
C LYS K 67 -24.26 -23.86 66.76
N ASN K 68 -24.97 -24.88 66.29
CA ASN K 68 -24.84 -25.38 64.93
C ASN K 68 -25.90 -24.77 64.02
N LEU K 69 -25.48 -24.39 62.81
CA LEU K 69 -26.36 -23.74 61.87
C LEU K 69 -26.24 -24.40 60.51
N ASP K 70 -27.25 -24.18 59.67
CA ASP K 70 -27.25 -24.68 58.31
C ASP K 70 -27.41 -23.49 57.38
N VAL K 71 -26.52 -23.37 56.40
CA VAL K 71 -26.37 -22.16 55.62
C VAL K 71 -27.05 -22.37 54.27
N ASN K 72 -28.03 -21.50 53.97
CA ASN K 72 -28.69 -21.49 52.67
C ASN K 72 -28.21 -20.26 51.91
N VAL K 73 -27.63 -20.47 50.77
CA VAL K 73 -27.11 -19.35 50.00
C VAL K 73 -28.00 -19.16 48.78
N LYS K 74 -28.25 -17.91 48.42
CA LYS K 74 -29.27 -17.56 47.42
C LYS K 74 -28.83 -16.27 46.75
N GLY K 75 -28.22 -16.37 45.58
CA GLY K 75 -27.84 -15.18 44.86
C GLY K 75 -26.45 -15.23 44.27
N PRO K 76 -26.20 -14.40 43.27
CA PRO K 76 -24.95 -14.53 42.48
C PRO K 76 -23.82 -13.58 42.86
N GLY K 77 -23.96 -12.73 43.86
CA GLY K 77 -23.02 -11.66 44.03
C GLY K 77 -21.85 -12.00 44.93
N PRO K 78 -20.78 -11.23 44.85
CA PRO K 78 -19.67 -11.40 45.78
C PRO K 78 -20.10 -11.05 47.19
N GLY K 79 -19.40 -11.64 48.15
CA GLY K 79 -20.00 -11.84 49.45
C GLY K 79 -20.80 -13.11 49.53
N ARG K 80 -20.60 -14.02 48.59
CA ARG K 80 -21.28 -15.30 48.63
C ARG K 80 -20.50 -16.29 49.48
N GLU K 81 -19.19 -16.37 49.26
CA GLU K 81 -18.34 -17.29 49.99
C GLU K 81 -17.61 -16.62 51.14
N SER K 82 -17.62 -15.28 51.18
CA SER K 82 -17.05 -14.53 52.30
C SER K 82 -18.13 -14.03 53.23
N ALA K 83 -19.21 -14.77 53.32
CA ALA K 83 -20.13 -14.66 54.43
C ALA K 83 -20.35 -15.97 55.14
N VAL K 84 -19.81 -17.07 54.62
CA VAL K 84 -19.86 -18.36 55.30
C VAL K 84 -18.57 -18.66 56.04
N ARG K 85 -17.48 -17.95 55.71
CA ARG K 85 -16.28 -18.00 56.55
C ARG K 85 -16.31 -16.87 57.56
N ALA K 86 -17.20 -15.91 57.39
CA ALA K 86 -17.40 -14.88 58.39
C ALA K 86 -18.44 -15.33 59.40
N LEU K 87 -18.84 -16.58 59.31
CA LEU K 87 -19.92 -17.12 60.10
C LEU K 87 -19.48 -18.22 61.04
N ASN K 88 -18.52 -19.06 60.64
CA ASN K 88 -17.94 -19.99 61.59
C ASN K 88 -17.00 -19.29 62.57
N ALA K 89 -16.49 -18.12 62.19
CA ALA K 89 -15.54 -17.39 63.02
C ALA K 89 -16.22 -16.76 64.22
N CYS K 90 -17.54 -16.65 64.18
CA CYS K 90 -18.30 -16.15 65.31
C CYS K 90 -18.65 -17.29 66.27
N GLY K 91 -18.03 -18.45 66.06
CA GLY K 91 -18.21 -19.55 66.98
C GLY K 91 -19.36 -20.45 66.58
N TYR K 92 -19.40 -20.78 65.29
CA TYR K 92 -20.40 -21.68 64.72
C TYR K 92 -19.69 -22.83 64.04
N LYS K 93 -20.23 -24.02 64.24
CA LYS K 93 -19.64 -25.22 63.67
C LYS K 93 -20.65 -25.80 62.70
N ILE K 94 -21.06 -24.92 61.77
CA ILE K 94 -22.08 -25.16 60.76
C ILE K 94 -21.89 -26.49 60.04
N ALA K 95 -23.01 -27.18 59.80
CA ALA K 95 -22.97 -28.54 59.29
C ALA K 95 -22.52 -28.57 57.84
N SER K 96 -23.33 -28.01 56.95
CA SER K 96 -23.00 -27.99 55.54
C SER K 96 -23.69 -26.80 54.93
N ILE K 97 -23.02 -26.14 53.98
CA ILE K 97 -23.69 -25.12 53.21
C ILE K 97 -24.67 -25.79 52.27
N THR K 98 -25.71 -25.06 51.88
CA THR K 98 -26.67 -25.54 50.92
C THR K 98 -26.94 -24.40 49.96
N ASP K 99 -27.00 -24.70 48.67
CA ASP K 99 -27.29 -23.68 47.68
C ASP K 99 -28.77 -23.75 47.33
N VAL K 100 -29.48 -22.64 47.48
CA VAL K 100 -30.83 -22.49 46.96
C VAL K 100 -30.84 -21.25 46.09
N THR K 101 -30.49 -21.42 44.82
CA THR K 101 -30.60 -20.30 43.94
C THR K 101 -31.74 -20.57 42.98
N PRO K 102 -32.74 -19.70 42.91
CA PRO K 102 -33.92 -20.01 42.10
C PRO K 102 -33.61 -19.93 40.62
N ILE K 103 -33.94 -21.01 39.92
CA ILE K 103 -33.71 -21.14 38.49
C ILE K 103 -35.05 -21.44 37.83
N PRO K 104 -35.50 -20.63 36.87
CA PRO K 104 -36.72 -20.98 36.15
C PRO K 104 -36.45 -22.06 35.13
N HIS K 105 -37.50 -22.81 34.81
CA HIS K 105 -37.40 -23.92 33.90
C HIS K 105 -37.83 -23.52 32.50
N ASN K 106 -38.65 -22.55 32.36
CA ASN K 106 -38.33 -21.52 31.38
C ASN K 106 -38.68 -20.13 31.87
N GLY K 107 -39.80 -19.99 32.55
CA GLY K 107 -40.14 -18.83 33.32
C GLY K 107 -40.53 -17.58 32.57
N CYS K 108 -40.52 -16.49 33.32
CA CYS K 108 -40.79 -15.16 32.83
C CYS K 108 -39.66 -14.67 31.93
N ARG K 109 -39.99 -13.66 31.01
CA ARG K 109 -38.78 -13.24 30.32
C ARG K 109 -38.07 -12.16 31.10
N PRO K 110 -36.74 -12.16 31.07
CA PRO K 110 -35.96 -11.19 31.83
C PRO K 110 -36.07 -9.81 31.22
N PRO K 111 -35.55 -8.77 31.90
CA PRO K 111 -35.54 -7.43 31.29
C PRO K 111 -34.63 -7.27 30.10
N LYS K 112 -34.66 -6.08 29.50
CA LYS K 112 -33.88 -5.81 28.32
C LYS K 112 -32.40 -5.72 28.67
N LYS K 113 -31.55 -6.01 27.69
CA LYS K 113 -30.13 -5.94 27.91
C LYS K 113 -29.71 -4.49 28.03
N ARG K 114 -28.94 -4.19 29.06
CA ARG K 114 -28.42 -2.86 29.29
C ARG K 114 -27.44 -2.48 28.19
N ARG K 115 -27.58 -1.26 27.70
CA ARG K 115 -26.62 -0.69 26.78
C ARG K 115 -25.86 0.44 27.43
N ASN L 4 -36.66 -18.65 -25.89
CA ASN L 4 -38.01 -18.99 -25.47
C ASN L 4 -38.53 -17.90 -24.56
N GLN L 5 -37.69 -17.46 -23.64
CA GLN L 5 -37.95 -16.18 -22.98
C GLN L 5 -37.75 -15.03 -23.94
N LEU L 6 -36.81 -15.15 -24.86
CA LEU L 6 -36.60 -14.10 -25.85
C LEU L 6 -37.69 -14.13 -26.92
N VAL L 7 -38.28 -15.29 -27.16
CA VAL L 7 -39.31 -15.39 -28.18
C VAL L 7 -40.62 -14.82 -27.65
N ARG L 8 -40.87 -14.96 -26.35
CA ARG L 8 -42.14 -14.55 -25.78
C ARG L 8 -42.14 -13.05 -25.48
N LYS L 9 -40.98 -12.46 -25.23
CA LYS L 9 -40.82 -11.00 -25.34
C LYS L 9 -39.37 -10.75 -25.75
N PRO L 10 -39.14 -10.03 -26.85
CA PRO L 10 -37.79 -9.90 -27.37
C PRO L 10 -37.02 -8.81 -26.64
N ARG L 11 -35.80 -8.59 -27.08
CA ARG L 11 -34.95 -7.57 -26.49
C ARG L 11 -35.29 -6.22 -27.08
N LYS L 12 -35.81 -5.33 -26.24
CA LYS L 12 -36.11 -3.98 -26.66
C LYS L 12 -34.89 -3.11 -26.47
N ARG L 13 -34.56 -2.33 -27.49
CA ARG L 13 -33.41 -1.44 -27.42
C ARG L 13 -33.79 -0.18 -26.66
N MET L 14 -32.84 0.37 -25.91
CA MET L 14 -33.12 1.57 -25.12
C MET L 14 -32.91 2.81 -25.98
N VAL L 15 -33.92 3.69 -26.02
CA VAL L 15 -33.76 4.93 -26.76
C VAL L 15 -32.81 5.86 -26.01
N ASP L 16 -32.08 6.67 -26.77
CA ASP L 16 -31.20 7.68 -26.20
C ASP L 16 -31.79 9.05 -26.45
N LYS L 17 -32.14 9.74 -25.39
CA LYS L 17 -32.69 11.08 -25.52
C LYS L 17 -31.61 12.07 -25.97
N SER L 18 -32.06 13.13 -26.61
CA SER L 18 -31.15 14.21 -26.94
C SER L 18 -30.72 14.93 -25.68
N ASP L 19 -29.46 15.34 -25.63
CA ASP L 19 -29.05 16.31 -24.65
C ASP L 19 -29.15 17.73 -25.16
N VAL L 20 -29.84 17.93 -26.27
CA VAL L 20 -30.15 19.25 -26.80
C VAL L 20 -31.65 19.27 -27.03
N PRO L 21 -32.49 19.39 -25.98
CA PRO L 21 -33.94 19.18 -26.14
C PRO L 21 -34.63 20.23 -26.99
N ALA L 22 -34.40 21.50 -26.68
CA ALA L 22 -34.82 22.58 -27.54
C ALA L 22 -34.02 22.52 -28.84
N LEU L 23 -34.47 23.30 -29.83
CA LEU L 23 -34.08 23.14 -31.24
C LEU L 23 -34.22 21.68 -31.67
N GLN L 24 -35.49 21.28 -31.77
CA GLN L 24 -35.89 19.89 -31.94
C GLN L 24 -35.44 19.39 -33.30
N ASN L 25 -34.30 18.68 -33.31
CA ASN L 25 -33.65 18.17 -34.50
C ASN L 25 -33.38 19.26 -35.53
N CYS L 26 -32.89 20.40 -35.09
CA CYS L 26 -32.50 21.48 -35.97
C CYS L 26 -31.07 21.87 -35.65
N PRO L 27 -30.29 22.34 -36.62
CA PRO L 27 -28.91 22.72 -36.30
C PRO L 27 -28.81 24.00 -35.51
N GLN L 28 -29.54 25.05 -35.91
CA GLN L 28 -29.65 26.29 -35.17
C GLN L 28 -31.12 26.66 -35.15
N ARG L 29 -31.46 27.59 -34.28
CA ARG L 29 -32.85 27.95 -34.02
C ARG L 29 -32.80 29.27 -33.30
N ARG L 30 -33.33 30.33 -33.90
CA ARG L 30 -33.15 31.64 -33.30
C ARG L 30 -34.18 31.89 -32.21
N GLY L 31 -33.82 32.76 -31.28
CA GLY L 31 -34.72 33.17 -30.24
C GLY L 31 -34.59 34.67 -30.00
N VAL L 32 -35.00 35.11 -28.83
CA VAL L 32 -34.79 36.50 -28.41
C VAL L 32 -34.29 36.49 -26.97
N CYS L 33 -33.31 37.34 -26.68
CA CYS L 33 -32.72 37.40 -25.35
C CYS L 33 -33.70 37.95 -24.33
N THR L 34 -34.15 37.09 -23.42
CA THR L 34 -34.90 37.51 -22.25
C THR L 34 -34.05 38.38 -21.34
N ARG L 35 -32.86 37.90 -20.99
CA ARG L 35 -32.04 38.54 -19.97
C ARG L 35 -30.59 38.16 -20.21
N VAL L 36 -29.68 39.10 -20.03
CA VAL L 36 -28.26 38.92 -20.27
C VAL L 36 -27.53 39.23 -18.96
N TYR L 37 -26.64 38.35 -18.55
CA TYR L 37 -26.14 38.38 -17.18
C TYR L 37 -24.86 37.57 -17.10
N THR L 38 -24.32 37.47 -15.89
CA THR L 38 -23.14 36.67 -15.61
C THR L 38 -23.42 35.74 -14.45
N THR L 39 -22.85 34.54 -14.51
CA THR L 39 -22.98 33.59 -13.43
C THR L 39 -21.62 32.96 -13.17
N THR L 40 -21.53 32.21 -12.07
CA THR L 40 -20.20 31.78 -11.68
C THR L 40 -19.99 30.29 -11.95
N PRO L 41 -18.78 29.92 -12.37
CA PRO L 41 -18.50 28.52 -12.73
C PRO L 41 -18.58 27.50 -11.62
N LYS L 42 -18.48 26.23 -11.99
CA LYS L 42 -18.50 25.13 -11.04
C LYS L 42 -17.17 25.11 -10.29
N LYS L 43 -17.17 24.41 -9.15
CA LYS L 43 -16.27 24.58 -8.00
C LYS L 43 -14.77 24.74 -8.29
N PRO L 44 -14.12 23.99 -9.20
CA PRO L 44 -12.69 24.27 -9.41
C PRO L 44 -12.43 25.56 -10.16
N ASN L 45 -13.41 26.08 -10.89
CA ASN L 45 -13.13 27.21 -11.75
C ASN L 45 -13.77 28.48 -11.22
N SER L 46 -13.24 29.62 -11.66
CA SER L 46 -13.73 30.90 -11.20
C SER L 46 -13.53 31.91 -12.31
N ALA L 47 -14.61 32.57 -12.71
CA ALA L 47 -14.63 33.64 -13.71
C ALA L 47 -15.98 34.32 -13.57
N LEU L 48 -16.25 35.28 -14.44
CA LEU L 48 -17.56 35.95 -14.43
C LEU L 48 -18.10 35.87 -15.86
N ARG L 49 -18.76 34.75 -16.16
CA ARG L 49 -19.01 34.35 -17.53
C ARG L 49 -20.39 34.75 -18.03
N LYS L 50 -20.41 35.41 -19.18
CA LYS L 50 -21.61 36.05 -19.71
C LYS L 50 -22.53 35.01 -20.34
N VAL L 51 -23.75 34.94 -19.85
CA VAL L 51 -24.80 34.06 -20.33
C VAL L 51 -25.85 34.96 -20.97
N CYS L 52 -26.71 34.40 -21.81
CA CYS L 52 -27.95 35.05 -22.20
C CYS L 52 -29.09 34.05 -22.08
N ARG L 53 -30.01 34.32 -21.16
CA ARG L 53 -31.26 33.57 -21.12
C ARG L 53 -32.08 33.99 -22.32
N VAL L 54 -32.34 33.07 -23.23
CA VAL L 54 -33.07 33.42 -24.43
C VAL L 54 -34.37 32.64 -24.46
N ARG L 55 -35.41 33.28 -24.98
CA ARG L 55 -36.68 32.63 -25.23
C ARG L 55 -36.70 32.24 -26.69
N LEU L 56 -36.65 30.96 -26.95
CA LEU L 56 -36.46 30.46 -28.29
C LEU L 56 -37.78 30.57 -29.04
N THR L 57 -37.74 30.48 -30.37
CA THR L 57 -38.97 30.74 -31.10
C THR L 57 -39.92 29.55 -31.09
N ASN L 58 -39.52 28.42 -30.53
CA ASN L 58 -40.39 27.29 -30.25
C ASN L 58 -41.24 27.47 -29.00
N GLY L 59 -41.12 28.60 -28.31
CA GLY L 59 -41.69 28.74 -27.00
C GLY L 59 -40.81 28.19 -25.89
N PHE L 60 -39.68 27.59 -26.23
CA PHE L 60 -38.76 27.12 -25.22
C PHE L 60 -37.86 28.26 -24.78
N GLU L 61 -37.26 28.11 -23.62
CA GLU L 61 -36.61 29.25 -22.97
C GLU L 61 -35.35 28.75 -22.28
N VAL L 62 -34.22 28.88 -22.96
CA VAL L 62 -32.98 28.24 -22.58
C VAL L 62 -31.93 29.31 -22.30
N SER L 63 -30.84 28.88 -21.69
CA SER L 63 -29.72 29.77 -21.39
C SER L 63 -28.57 29.42 -22.32
N SER L 64 -28.09 30.41 -23.05
CA SER L 64 -27.04 30.21 -24.03
C SER L 64 -25.78 30.94 -23.59
N TYR L 65 -24.64 30.47 -24.05
CA TYR L 65 -23.36 31.07 -23.71
C TYR L 65 -22.92 32.02 -24.81
N ILE L 66 -22.21 33.07 -24.43
CA ILE L 66 -21.76 34.08 -25.37
C ILE L 66 -20.24 34.01 -25.41
N GLY L 67 -19.71 33.26 -26.38
CA GLY L 67 -18.31 32.93 -26.36
C GLY L 67 -17.36 33.91 -27.01
N GLY L 68 -17.66 35.20 -26.93
CA GLY L 68 -16.76 36.20 -27.48
C GLY L 68 -15.64 36.53 -26.51
N GLU L 69 -14.95 37.62 -26.80
CA GLU L 69 -14.11 38.30 -25.84
C GLU L 69 -14.73 39.65 -25.50
N GLY L 70 -16.06 39.67 -25.49
CA GLY L 70 -16.81 40.86 -25.16
C GLY L 70 -17.86 41.08 -26.22
N HIS L 71 -19.11 41.24 -25.79
CA HIS L 71 -20.27 41.25 -26.67
C HIS L 71 -21.15 42.45 -26.34
N ASN L 72 -22.24 42.59 -27.09
CA ASN L 72 -23.22 43.65 -26.89
C ASN L 72 -24.65 43.17 -27.11
N LEU L 73 -24.98 41.99 -26.61
CA LEU L 73 -26.34 41.47 -26.76
C LEU L 73 -27.20 42.17 -25.72
N GLN L 74 -27.92 43.20 -26.17
CA GLN L 74 -28.50 44.19 -25.27
C GLN L 74 -29.97 43.89 -25.03
N GLU L 75 -30.19 42.84 -24.24
CA GLU L 75 -31.40 42.59 -23.46
C GLU L 75 -32.69 42.33 -24.23
N HIS L 76 -32.71 42.55 -25.56
CA HIS L 76 -33.77 42.05 -26.44
C HIS L 76 -33.24 41.67 -27.82
N SER L 77 -32.00 41.21 -27.90
CA SER L 77 -31.41 40.88 -29.19
C SER L 77 -31.96 39.56 -29.71
N VAL L 78 -31.57 39.24 -30.94
CA VAL L 78 -32.30 38.29 -31.78
C VAL L 78 -31.37 37.15 -32.19
N VAL L 79 -30.56 36.69 -31.23
CA VAL L 79 -29.51 35.68 -31.40
C VAL L 79 -29.96 34.38 -32.09
N LEU L 80 -29.02 33.77 -32.80
CA LEU L 80 -29.08 32.34 -33.09
C LEU L 80 -28.31 31.54 -32.07
N ILE L 81 -28.91 30.44 -31.63
CA ILE L 81 -28.22 29.56 -30.70
C ILE L 81 -27.94 28.25 -31.42
N ARG L 82 -27.02 27.49 -30.85
CA ARG L 82 -26.64 26.19 -31.37
C ARG L 82 -26.31 25.31 -30.19
N GLY L 83 -26.23 24.00 -30.42
CA GLY L 83 -25.99 23.07 -29.35
C GLY L 83 -24.56 23.14 -28.86
N GLY L 84 -24.33 22.53 -27.70
CA GLY L 84 -23.02 22.54 -27.10
C GLY L 84 -23.01 23.04 -25.67
N ARG L 85 -22.62 22.17 -24.75
CA ARG L 85 -22.68 22.44 -23.33
C ARG L 85 -21.47 23.27 -22.93
N VAL L 86 -21.61 24.09 -21.91
CA VAL L 86 -20.44 24.71 -21.29
C VAL L 86 -20.26 24.08 -19.92
N LYS L 87 -19.16 23.34 -19.75
CA LYS L 87 -18.98 22.41 -18.65
C LYS L 87 -18.96 23.10 -17.30
N ASP L 88 -18.46 24.34 -17.25
CA ASP L 88 -18.38 25.05 -15.97
C ASP L 88 -19.76 25.52 -15.52
N LEU L 89 -20.53 26.12 -16.40
CA LEU L 89 -21.79 26.71 -16.00
C LEU L 89 -22.82 25.62 -15.81
N PRO L 90 -23.34 25.42 -14.60
CA PRO L 90 -24.24 24.28 -14.36
C PRO L 90 -25.63 24.56 -14.91
N GLY L 91 -26.02 23.79 -15.92
CA GLY L 91 -27.34 23.90 -16.48
C GLY L 91 -27.48 24.76 -17.71
N VAL L 92 -26.40 24.99 -18.46
CA VAL L 92 -26.52 25.58 -19.78
C VAL L 92 -26.12 24.53 -20.79
N ARG L 93 -26.68 24.65 -21.98
CA ARG L 93 -26.50 23.61 -22.99
C ARG L 93 -26.27 24.17 -24.39
N TYR L 94 -26.15 25.48 -24.54
CA TYR L 94 -26.21 26.08 -25.86
C TYR L 94 -25.16 27.17 -25.98
N HIS L 95 -24.81 27.53 -27.21
CA HIS L 95 -23.92 28.64 -27.48
C HIS L 95 -24.63 29.64 -28.37
N THR L 96 -24.50 30.92 -28.07
CA THR L 96 -24.94 31.93 -29.00
C THR L 96 -23.92 32.05 -30.12
N VAL L 97 -24.36 31.84 -31.37
CA VAL L 97 -23.40 31.93 -32.46
C VAL L 97 -23.08 33.39 -32.70
N ARG L 98 -21.92 33.64 -33.26
CA ARG L 98 -21.31 34.96 -33.20
C ARG L 98 -21.28 35.51 -34.62
N GLY L 99 -22.32 36.25 -35.01
CA GLY L 99 -22.39 36.62 -36.41
C GLY L 99 -23.77 36.72 -37.03
N SER L 100 -24.83 36.42 -36.29
CA SER L 100 -26.14 36.93 -36.67
C SER L 100 -26.44 38.28 -36.07
N LEU L 101 -25.74 38.64 -34.98
CA LEU L 101 -25.74 40.02 -34.52
C LEU L 101 -24.36 40.67 -34.58
N ASP L 102 -23.38 40.13 -33.84
CA ASP L 102 -22.18 40.88 -33.53
C ASP L 102 -21.00 39.94 -33.36
N THR L 103 -19.82 40.44 -33.69
CA THR L 103 -18.63 39.61 -33.84
C THR L 103 -17.37 40.18 -33.23
N SER L 104 -17.39 41.39 -32.68
CA SER L 104 -16.28 42.34 -32.80
C SER L 104 -15.07 41.95 -31.96
N GLY L 105 -14.09 42.83 -32.00
CA GLY L 105 -12.84 42.59 -31.33
C GLY L 105 -11.70 42.52 -32.33
N VAL L 106 -10.81 41.58 -32.11
CA VAL L 106 -9.54 41.54 -32.82
C VAL L 106 -9.49 40.26 -33.64
N LYS L 107 -10.37 39.32 -33.31
CA LYS L 107 -10.04 37.92 -33.04
C LYS L 107 -8.85 37.32 -33.79
N ASP L 108 -8.69 37.52 -35.11
CA ASP L 108 -7.45 37.22 -35.86
C ASP L 108 -6.98 35.76 -35.83
N ARG L 109 -7.68 34.89 -35.10
CA ARG L 109 -7.38 33.49 -34.93
C ARG L 109 -8.77 32.83 -34.93
N LYS L 110 -9.49 33.09 -36.01
CA LYS L 110 -10.88 33.48 -36.16
C LYS L 110 -11.93 32.42 -35.82
N GLN L 111 -12.97 32.32 -36.65
CA GLN L 111 -14.40 32.18 -36.41
C GLN L 111 -14.90 31.80 -35.02
N ARG L 113 -15.82 32.61 -34.49
CA ARG L 113 -16.63 33.53 -35.34
C ARG L 113 -16.39 35.05 -35.11
N SER L 114 -15.98 35.80 -36.14
CA SER L 114 -15.02 36.91 -35.91
C SER L 114 -15.18 38.05 -36.90
N LYS L 115 -14.11 38.87 -37.02
CA LYS L 115 -13.91 40.02 -37.91
C LYS L 115 -12.50 40.01 -38.53
N TYR L 116 -12.34 40.80 -39.64
CA TYR L 116 -11.62 40.37 -40.86
C TYR L 116 -10.59 41.36 -41.44
N GLY L 117 -9.65 41.87 -40.67
CA GLY L 117 -8.66 42.78 -41.27
C GLY L 117 -7.66 42.00 -42.12
N ARG M 1 15.83 61.69 70.31
CA ARG M 1 16.17 62.18 71.64
C ARG M 1 17.42 61.48 72.18
N ILE M 2 17.34 60.15 72.27
CA ILE M 2 18.48 59.38 72.77
C ILE M 2 19.20 58.67 71.62
N ALA M 3 18.43 58.23 70.62
CA ALA M 3 19.02 57.73 69.38
C ALA M 3 18.19 58.19 68.18
N GLY M 4 17.67 59.41 68.23
CA GLY M 4 16.81 59.94 67.20
C GLY M 4 15.35 59.61 67.45
N VAL M 5 15.03 58.32 67.50
CA VAL M 5 13.67 57.83 67.72
C VAL M 5 13.67 56.82 68.86
N ASN M 6 12.51 56.21 69.12
CA ASN M 6 12.35 55.20 70.17
C ASN M 6 12.98 53.89 69.71
N ILE M 7 13.76 53.27 70.59
CA ILE M 7 14.62 52.15 70.20
C ILE M 7 14.19 50.89 70.94
N PRO M 8 14.01 49.75 70.25
CA PRO M 8 13.81 48.48 70.95
C PRO M 8 15.10 47.99 71.60
N ASP M 9 14.94 47.10 72.57
CA ASP M 9 15.95 46.87 73.60
C ASP M 9 16.51 45.47 73.51
N ASN M 10 17.29 45.12 74.55
CA ASN M 10 17.80 43.77 74.82
C ASN M 10 18.73 43.27 73.71
N LYS M 11 19.46 44.18 73.08
CA LYS M 11 20.33 43.86 71.96
C LYS M 11 21.61 44.69 72.11
N HIS M 12 22.38 44.83 71.02
CA HIS M 12 23.69 45.45 71.04
C HIS M 12 23.66 46.94 71.38
N THR M 13 24.87 47.49 71.48
CA THR M 13 25.16 48.92 71.47
C THR M 13 25.72 49.36 70.12
N VAL M 14 26.59 48.54 69.54
CA VAL M 14 27.15 48.83 68.22
C VAL M 14 26.08 48.67 67.14
N ILE M 15 25.11 47.78 67.36
CA ILE M 15 23.98 47.69 66.44
C ILE M 15 22.79 48.52 66.94
N SER M 16 22.86 49.03 68.16
CA SER M 16 22.11 50.23 68.48
C SER M 16 22.71 51.46 67.81
N LEU M 17 23.98 51.36 67.39
CA LEU M 17 24.63 52.34 66.52
C LEU M 17 24.69 51.90 65.06
N THR M 18 24.34 50.65 64.75
CA THR M 18 24.27 50.14 63.37
C THR M 18 23.36 48.91 63.24
N ILE M 19 20.69 50.71 62.71
CA ILE M 19 19.91 51.93 62.77
C ILE M 19 20.10 52.65 61.42
N TYR M 20 20.62 51.88 60.44
CA TYR M 20 20.33 52.08 59.02
C TYR M 20 20.86 53.33 58.31
N GLY M 21 22.16 53.34 57.96
CA GLY M 21 22.60 54.18 56.85
C GLY M 21 23.96 54.89 56.78
N VAL M 22 24.54 55.36 57.88
CA VAL M 22 25.90 55.90 57.91
C VAL M 22 26.52 55.53 59.26
N GLY M 23 27.62 54.79 59.23
CA GLY M 23 28.03 54.09 60.45
C GLY M 23 29.16 53.10 60.36
N ARG M 24 28.85 51.86 60.78
CA ARG M 24 29.69 50.93 61.56
C ARG M 24 31.19 51.00 61.35
N THR M 25 31.69 51.11 60.12
CA THR M 25 33.13 51.25 59.99
C THR M 25 33.61 52.66 60.33
N THR M 26 32.68 53.61 60.46
CA THR M 26 32.98 54.80 61.26
C THR M 26 32.99 54.43 62.74
N ALA M 27 31.99 53.67 63.20
CA ALA M 27 31.88 53.24 64.59
C ALA M 27 32.96 52.25 64.98
N GLN M 28 33.58 51.57 64.01
CA GLN M 28 34.81 50.81 64.28
C GLN M 28 35.93 51.70 64.79
N SER M 29 36.00 52.94 64.30
CA SER M 29 36.91 53.94 64.84
C SER M 29 36.37 54.66 66.06
N ILE M 30 35.07 54.54 66.35
CA ILE M 30 34.49 55.24 67.49
C ILE M 30 34.62 54.43 68.77
N CYS M 31 34.15 53.17 68.77
CA CYS M 31 34.12 52.35 69.97
C CYS M 31 35.48 51.81 70.38
N ALA M 32 36.56 52.14 69.67
CA ALA M 32 37.90 51.74 70.04
C ALA M 32 38.70 52.85 70.71
N ALA M 33 38.21 54.09 70.66
CA ALA M 33 38.92 55.23 71.23
C ALA M 33 38.07 56.07 72.17
N THR M 34 36.74 55.97 72.10
CA THR M 34 35.88 56.77 72.96
C THR M 34 35.90 56.26 74.40
N GLY M 35 35.55 54.99 74.58
CA GLY M 35 35.45 54.42 75.91
C GLY M 35 34.13 53.71 76.14
N VAL M 36 33.23 53.84 75.18
CA VAL M 36 31.93 53.17 75.24
C VAL M 36 32.17 51.69 74.93
N ASN M 37 32.06 50.85 75.95
CA ASN M 37 32.36 49.43 75.84
C ASN M 37 31.24 48.72 75.09
N PRO M 38 31.54 47.95 74.03
CA PRO M 38 30.49 47.12 73.42
C PRO M 38 30.05 45.94 74.28
N ALA M 39 30.75 45.65 75.39
CA ALA M 39 30.46 44.48 76.21
C ALA M 39 29.14 44.57 76.95
N ALA M 40 28.47 45.72 76.95
CA ALA M 40 27.15 45.85 77.58
C ALA M 40 26.29 46.80 76.76
N LYS M 41 25.05 46.98 77.24
CA LYS M 41 23.98 47.63 76.49
C LYS M 41 23.90 49.11 76.78
N ILE M 42 22.77 49.72 76.39
CA ILE M 42 22.45 51.10 76.73
C ILE M 42 22.04 51.22 78.20
N LYS M 43 21.59 50.13 78.82
CA LYS M 43 21.08 50.14 80.17
C LYS M 43 21.88 49.29 81.12
N ASP M 44 22.61 48.29 80.62
CA ASP M 44 23.54 47.56 81.47
C ASP M 44 24.78 48.38 81.79
N LEU M 45 25.09 49.37 80.94
CA LEU M 45 26.02 50.41 81.30
C LEU M 45 25.23 51.49 82.07
N SER M 46 25.93 52.47 82.64
CA SER M 46 25.21 53.59 83.22
C SER M 46 24.70 54.52 82.12
N ASP M 47 24.07 55.61 82.52
CA ASP M 47 23.62 56.59 81.54
C ASP M 47 24.77 57.38 80.92
N GLU M 48 25.93 57.44 81.57
CA GLU M 48 27.06 58.26 81.12
C GLU M 48 27.83 57.65 79.95
N GLN M 49 27.55 56.40 79.58
CA GLN M 49 28.13 55.82 78.38
C GLN M 49 27.35 56.16 77.11
N ILE M 50 26.33 57.03 77.21
CA ILE M 50 25.45 57.31 76.09
C ILE M 50 25.61 58.76 75.63
N ASP M 51 26.30 59.59 76.43
CA ASP M 51 26.29 61.03 76.20
C ASP M 51 27.04 61.43 74.92
N GLN M 52 28.09 60.69 74.58
CA GLN M 52 28.73 60.89 73.28
C GLN M 52 28.19 59.94 72.22
N LEU M 53 27.25 59.06 72.57
CA LEU M 53 26.47 58.35 71.57
C LEU M 53 25.25 59.16 71.16
N ARG M 54 24.94 60.23 71.87
CA ARG M 54 23.87 61.14 71.50
C ARG M 54 24.38 62.37 70.74
N ASN M 55 25.67 62.68 70.85
CA ASN M 55 26.23 63.87 70.21
C ASN M 55 26.65 63.64 68.77
N GLU M 56 26.72 62.38 68.32
CA GLU M 56 27.21 62.07 66.99
C GLU M 56 26.14 62.14 65.91
N VAL M 57 24.95 62.64 66.25
CA VAL M 57 23.84 62.72 65.32
C VAL M 57 23.56 64.16 64.91
N ALA M 58 23.63 65.10 65.87
CA ALA M 58 23.31 66.50 65.63
C ALA M 58 24.50 67.30 65.09
N LYS M 59 25.47 66.63 64.48
CA LYS M 59 26.61 67.30 63.88
C LYS M 59 26.60 67.24 62.35
N ILE M 60 25.84 66.34 61.75
CA ILE M 60 25.83 66.19 60.30
C ILE M 60 24.45 66.49 59.73
N THR M 61 23.46 65.68 60.12
CA THR M 61 22.08 65.87 59.65
C THR M 61 21.13 65.23 60.66
N THR M 62 19.88 65.68 60.61
CA THR M 62 18.85 65.27 61.56
C THR M 62 17.72 64.64 60.75
N GLU M 63 16.92 63.80 61.43
CA GLU M 63 15.77 63.14 60.80
C GLU M 63 14.75 64.17 60.29
N GLY M 64 14.68 65.33 60.94
CA GLY M 64 13.93 66.44 60.38
C GLY M 64 14.70 67.19 59.30
N ASP M 65 16.01 67.32 59.47
CA ASP M 65 16.86 67.90 58.43
C ASP M 65 17.00 66.98 57.23
N LEU M 66 16.84 65.67 57.42
CA LEU M 66 16.61 64.75 56.33
C LEU M 66 15.25 64.98 55.68
N ARG M 67 14.22 65.27 56.48
CA ARG M 67 12.90 65.60 55.96
C ARG M 67 12.88 67.00 55.35
N ARG M 68 13.76 67.88 55.82
CA ARG M 68 13.91 69.21 55.23
C ARG M 68 14.32 69.13 53.76
N GLU M 69 15.30 68.29 53.45
CA GLU M 69 15.85 68.20 52.10
C GLU M 69 15.40 66.94 51.36
N ILE M 70 14.36 66.24 51.84
CA ILE M 70 13.82 65.11 51.10
C ILE M 70 12.98 65.58 49.91
N ASN M 71 12.62 66.86 49.87
CA ASN M 71 11.86 67.43 48.76
C ASN M 71 12.61 68.55 48.04
N MET M 72 13.56 69.22 48.70
CA MET M 72 14.25 70.39 48.16
C MET M 72 15.08 70.07 46.92
N ASN M 73 15.94 69.05 46.97
CA ASN M 73 16.64 68.60 45.78
C ASN M 73 15.72 67.94 44.77
N ILE M 74 14.62 67.34 45.23
CA ILE M 74 13.58 66.82 44.34
C ILE M 74 12.86 67.95 43.63
N LYS M 75 12.65 69.08 44.32
CA LYS M 75 12.08 70.27 43.71
C LYS M 75 12.93 70.79 42.56
N ARG M 76 14.26 70.69 42.67
CA ARG M 76 15.15 71.10 41.59
C ARG M 76 14.93 70.29 40.31
N LEU M 77 14.68 69.00 40.44
CA LEU M 77 14.80 68.12 39.28
C LEU M 77 13.47 67.74 38.63
N MET M 78 12.34 68.16 39.18
CA MET M 78 11.05 67.87 38.56
C MET M 78 10.77 68.84 37.41
N ASP M 79 10.73 70.13 37.72
CA ASP M 79 10.29 71.17 36.79
C ASP M 79 11.42 71.72 35.92
N LEU M 80 12.57 71.07 35.87
CA LEU M 80 13.69 71.51 35.07
C LEU M 80 13.98 70.63 33.87
N GLY M 81 12.96 70.02 33.27
CA GLY M 81 13.02 69.45 31.93
C GLY M 81 13.99 68.32 31.71
N CYS M 82 14.55 67.75 32.77
CA CYS M 82 15.71 66.88 32.68
C CYS M 82 15.29 65.42 32.58
N TYR M 83 16.29 64.58 32.31
CA TYR M 83 16.17 63.13 32.30
C TYR M 83 16.44 62.53 33.68
N ARG M 84 16.76 63.38 34.67
CA ARG M 84 16.61 63.04 36.08
C ARG M 84 15.22 63.32 36.57
N GLY M 85 14.37 63.91 35.73
CA GLY M 85 13.01 64.24 36.06
C GLY M 85 12.05 63.86 34.96
N LEU M 86 12.55 63.16 33.93
CA LEU M 86 11.68 62.55 32.95
C LEU M 86 11.19 61.18 33.42
N ARG M 87 11.99 60.49 34.24
CA ARG M 87 11.58 59.25 34.87
C ARG M 87 11.33 59.40 36.37
N HIS M 88 11.73 60.53 36.97
CA HIS M 88 11.22 60.90 38.28
C HIS M 88 9.74 61.28 38.20
N ARG M 89 9.35 61.91 37.10
CA ARG M 89 7.95 62.17 36.83
C ARG M 89 7.20 60.87 36.50
N ARG M 90 7.93 59.88 36.00
CA ARG M 90 7.32 58.69 35.42
C ARG M 90 7.33 57.50 36.38
N GLY M 91 8.48 57.19 36.98
CA GLY M 91 8.54 56.17 38.00
C GLY M 91 9.47 55.01 37.72
N LEU M 92 10.21 55.09 36.64
CA LEU M 92 10.97 53.98 36.07
C LEU M 92 12.27 53.74 36.86
N PRO M 93 13.09 52.76 36.46
CA PRO M 93 14.51 52.82 36.83
C PRO M 93 15.17 54.04 36.21
N VAL M 94 16.05 54.67 36.96
CA VAL M 94 16.49 56.02 36.63
C VAL M 94 17.95 56.05 36.17
N ARG M 95 18.80 55.22 36.76
CA ARG M 95 20.25 55.29 36.55
C ARG M 95 20.71 54.30 35.48
N GLY M 96 19.88 54.10 34.45
CA GLY M 96 20.29 53.33 33.30
C GLY M 96 20.39 51.84 33.52
N GLN M 97 19.57 51.32 34.42
CA GLN M 97 19.52 49.89 34.70
C GLN M 97 18.43 49.23 33.86
N ARG M 98 18.03 48.02 34.22
CA ARG M 98 17.11 47.20 33.45
C ARG M 98 15.71 47.79 33.57
N THR M 99 15.20 48.38 32.49
CA THR M 99 14.35 49.58 32.54
C THR M 99 12.87 49.37 32.23
N LYS M 100 12.53 48.56 31.22
CA LYS M 100 11.24 48.71 30.55
C LYS M 100 10.06 47.98 31.20
N THR M 101 10.03 46.63 31.23
CA THR M 101 8.94 45.90 31.88
C THR M 101 9.40 44.64 32.63
N ASN M 102 9.23 44.62 33.96
CA ASN M 102 9.48 43.55 34.97
C ASN M 102 10.93 43.14 35.30
N ALA M 103 11.75 44.07 35.84
CA ALA M 103 12.86 43.74 36.73
C ALA M 103 12.53 44.16 38.15
N ARG M 104 13.24 43.56 39.11
CA ARG M 104 12.62 43.31 40.41
C ARG M 104 12.60 44.55 41.31
N THR M 105 13.72 44.98 41.84
CA THR M 105 13.68 45.92 42.97
C THR M 105 13.90 47.38 42.54
N ARG M 106 13.05 47.89 41.61
CA ARG M 106 13.19 49.30 41.22
C ARG M 106 11.90 50.11 41.15
N LYS M 107 10.73 49.53 40.85
CA LYS M 107 9.55 50.37 40.67
C LYS M 107 8.41 50.10 41.67
N GLY M 108 7.88 48.89 41.71
CA GLY M 108 6.65 48.64 42.41
C GLY M 108 5.44 48.68 41.48
N PRO M 109 4.24 48.92 42.03
CA PRO M 109 3.07 49.11 41.17
C PRO M 109 3.14 50.43 40.41
N LYS N 1 28.36 44.54 -0.51
CA LYS N 1 28.86 45.86 -0.87
C LYS N 1 30.32 45.78 -1.26
N GLU N 2 30.66 46.30 -2.43
CA GLU N 2 32.04 46.36 -2.90
C GLU N 2 32.85 47.41 -2.14
N SER N 3 32.17 48.39 -1.57
CA SER N 3 32.80 49.53 -0.92
C SER N 3 32.54 49.59 0.58
N MET N 4 32.25 48.46 1.21
CA MET N 4 32.22 48.45 2.68
C MET N 4 33.53 47.93 3.26
N LYS N 5 34.07 46.85 2.68
CA LYS N 5 35.40 46.38 3.06
C LYS N 5 36.49 47.35 2.61
N ASN N 6 36.20 48.19 1.62
CA ASN N 6 37.18 49.10 1.04
C ASN N 6 37.25 50.43 1.78
N ARG N 7 36.17 50.81 2.47
CA ARG N 7 36.12 52.10 3.15
C ARG N 7 36.61 52.03 4.58
N GLU N 8 36.88 50.84 5.12
CA GLU N 8 37.40 50.71 6.47
C GLU N 8 38.79 50.08 6.53
N LEU N 9 39.22 49.34 5.51
CA LEU N 9 40.52 48.68 5.49
C LEU N 9 41.68 49.66 5.41
N LYS N 10 41.45 50.87 4.90
CA LYS N 10 42.47 51.88 4.70
C LYS N 10 42.94 52.55 5.99
N ARG N 11 42.39 52.16 7.15
CA ARG N 11 42.82 52.70 8.44
C ARG N 11 44.11 52.08 8.95
N GLN N 12 44.72 51.17 8.20
CA GLN N 12 46.05 50.66 8.56
C GLN N 12 47.11 51.74 8.40
N LEU N 13 46.87 52.70 7.50
CA LEU N 13 47.77 53.83 7.30
C LEU N 13 47.28 55.13 7.93
N THR N 14 45.97 55.40 7.88
CA THR N 14 45.46 56.71 8.27
C THR N 14 45.42 56.92 9.78
N VAL N 15 45.12 55.88 10.56
CA VAL N 15 45.17 56.00 12.01
C VAL N 15 46.61 56.19 12.48
N ALA N 16 47.56 55.53 11.80
CA ALA N 16 48.98 55.67 12.07
C ALA N 16 49.65 56.63 11.09
N LYS N 17 48.98 57.72 10.71
CA LYS N 17 49.53 58.63 9.72
C LYS N 17 50.62 59.50 10.33
N TYR N 18 50.38 60.05 11.52
CA TYR N 18 51.49 60.62 12.29
C TYR N 18 52.24 59.54 13.04
N ALA N 19 51.58 58.89 14.01
CA ALA N 19 51.97 57.70 14.76
C ALA N 19 53.23 57.87 15.61
N LYS N 20 53.88 59.03 15.56
CA LYS N 20 55.10 59.33 16.32
C LYS N 20 54.90 60.46 17.30
N LYS N 21 54.25 61.54 16.85
CA LYS N 21 53.71 62.53 17.77
C LYS N 21 52.59 61.96 18.62
N ARG N 22 51.91 60.90 18.16
CA ARG N 22 50.98 60.15 19.00
C ARG N 22 51.71 59.22 19.95
N ALA N 23 52.84 58.64 19.53
CA ALA N 23 53.60 57.75 20.38
C ALA N 23 54.39 58.51 21.44
N GLU N 24 54.84 59.72 21.13
CA GLU N 24 55.53 60.55 22.12
C GLU N 24 54.56 61.18 23.11
N LEU N 25 53.38 61.58 22.66
CA LEU N 25 52.40 62.28 23.48
C LEU N 25 51.26 61.38 23.94
N LYS N 26 51.58 60.12 24.27
CA LYS N 26 50.70 59.25 25.04
C LYS N 26 51.43 58.50 26.15
N ALA N 27 52.64 58.94 26.50
CA ALA N 27 53.39 58.35 27.61
C ALA N 27 53.56 59.30 28.79
N ILE N 28 53.72 60.61 28.52
CA ILE N 28 53.84 61.62 29.58
C ILE N 28 52.50 61.83 30.27
N ILE N 29 51.40 61.41 29.63
CA ILE N 29 50.05 61.56 30.15
C ILE N 29 49.86 60.77 31.45
N ALA N 30 50.58 59.67 31.61
CA ALA N 30 50.62 58.92 32.86
C ALA N 30 51.63 59.48 33.86
N ASN N 31 52.01 60.76 33.78
CA ASN N 31 52.97 61.35 34.71
C ASN N 31 52.45 62.68 35.24
N PRO N 32 52.27 62.83 36.55
CA PRO N 32 51.77 64.09 37.11
C PRO N 32 52.86 65.12 37.39
N ASN N 33 54.10 64.87 37.00
CA ASN N 33 55.16 65.86 37.14
C ASN N 33 55.01 67.02 36.17
N SER N 34 54.15 66.90 35.17
CA SER N 34 53.80 68.01 34.29
C SER N 34 53.03 69.06 35.08
N SER N 35 53.37 70.32 34.85
CA SER N 35 52.88 71.43 35.68
C SER N 35 51.44 71.79 35.32
N ALA N 36 50.87 72.69 36.14
CA ALA N 36 49.50 73.14 35.91
C ALA N 36 49.43 74.17 34.80
N GLU N 37 50.52 74.92 34.57
CA GLU N 37 50.64 75.70 33.36
C GLU N 37 50.75 74.81 32.13
N GLU N 38 51.20 73.58 32.31
CA GLU N 38 51.27 72.58 31.26
C GLU N 38 50.00 71.73 31.18
N ARG N 39 48.88 72.21 31.71
CA ARG N 39 47.58 71.60 31.45
C ARG N 39 46.94 72.11 30.16
N TRP N 40 47.70 72.83 29.33
CA TRP N 40 47.21 73.21 28.01
C TRP N 40 48.12 72.72 26.88
N ASN N 41 49.43 72.61 27.09
CA ASN N 41 50.30 72.07 26.03
C ASN N 41 50.17 70.56 25.90
N ALA N 42 49.84 69.87 27.00
CA ALA N 42 49.44 68.46 26.94
C ALA N 42 48.08 68.29 26.28
N GLN N 43 47.37 69.40 26.04
CA GLN N 43 46.12 69.41 25.29
C GLN N 43 46.22 70.31 24.06
N VAL N 44 47.35 70.30 23.34
CA VAL N 44 47.44 70.71 21.93
C VAL N 44 48.07 69.49 21.24
N ALA N 45 47.71 68.29 21.69
CA ALA N 45 48.43 67.11 21.22
C ALA N 45 47.98 66.64 19.83
N LEU N 46 46.74 66.13 19.71
CA LEU N 46 46.58 65.18 18.58
C LEU N 46 45.34 65.35 17.73
N GLN N 47 44.32 66.09 18.17
CA GLN N 47 42.98 65.87 17.61
C GLN N 47 42.72 66.58 16.29
N LYS N 48 42.75 67.92 16.26
CA LYS N 48 42.44 68.58 14.98
C LYS N 48 43.62 68.56 14.03
N GLN N 49 44.81 68.18 14.50
CA GLN N 49 45.78 67.48 13.66
C GLN N 49 45.02 66.26 13.14
N PRO N 50 44.67 66.21 11.81
CA PRO N 50 43.36 65.68 11.34
C PRO N 50 42.84 64.40 12.00
N ARG N 51 41.51 64.29 12.23
CA ARG N 51 41.04 63.38 13.29
C ARG N 51 41.16 61.90 12.96
N ASP N 52 41.93 61.41 11.99
CA ASP N 52 42.28 59.98 11.94
C ASP N 52 43.41 59.67 12.93
N ALA N 53 43.10 59.89 14.21
CA ALA N 53 44.04 59.80 15.32
C ALA N 53 43.49 59.01 16.50
N SER N 54 42.16 58.83 16.57
CA SER N 54 41.59 57.95 17.59
C SER N 54 41.68 56.51 17.11
N ALA N 55 42.16 55.63 17.99
CA ALA N 55 42.25 54.21 17.67
C ALA N 55 40.98 53.45 18.00
N SER N 56 39.93 54.15 18.43
CA SER N 56 38.70 53.54 18.91
C SER N 56 37.78 53.10 17.77
N ARG N 57 38.14 53.38 16.53
CA ARG N 57 37.25 53.19 15.40
C ARG N 57 37.79 52.18 14.40
N LEU N 58 38.34 51.06 14.89
CA LEU N 58 38.92 50.04 14.03
C LEU N 58 38.42 48.68 14.50
N ARG N 59 38.32 47.74 13.57
CA ARG N 59 37.66 46.46 13.82
C ARG N 59 38.19 45.43 12.84
N ASN N 60 38.31 44.18 13.28
CA ASN N 60 38.85 43.11 12.45
C ASN N 60 37.77 42.16 11.94
N ARG N 61 38.11 41.47 10.86
CA ARG N 61 37.28 40.42 10.28
C ARG N 61 38.20 39.30 9.83
N CYS N 62 37.67 38.37 9.03
CA CYS N 62 38.47 37.29 8.47
C CYS N 62 39.37 37.82 7.35
N ARG N 63 40.38 37.03 7.01
CA ARG N 63 41.39 37.49 6.05
C ARG N 63 40.87 37.46 4.62
N LEU N 64 40.22 36.36 4.22
CA LEU N 64 39.61 36.27 2.90
C LEU N 64 38.11 36.56 2.89
N THR N 65 37.42 36.37 4.02
CA THR N 65 35.97 36.17 4.00
C THR N 65 35.18 37.29 4.69
N GLY N 66 35.70 37.87 5.77
CA GLY N 66 35.09 39.05 6.35
C GLY N 66 34.11 38.86 7.49
N ARG N 67 34.53 38.22 8.59
CA ARG N 67 33.58 37.92 9.66
C ARG N 67 34.15 38.27 11.02
N PRO N 68 33.42 38.99 11.88
CA PRO N 68 33.99 39.43 13.15
C PRO N 68 33.93 38.42 14.29
N HIS N 69 32.92 37.54 14.34
CA HIS N 69 32.98 36.45 15.31
C HIS N 69 33.87 35.31 14.83
N GLY N 70 34.26 34.47 15.79
CA GLY N 70 35.12 33.34 15.53
C GLY N 70 36.59 33.65 15.47
N PHE N 71 36.98 34.93 15.55
CA PHE N 71 38.39 35.31 15.54
C PHE N 71 39.01 34.97 16.89
N TYR N 72 40.07 34.18 16.87
CA TYR N 72 40.84 33.90 18.08
C TYR N 72 42.14 34.72 18.05
N ARG N 73 42.93 34.58 19.09
CA ARG N 73 44.17 35.36 19.22
C ARG N 73 45.33 34.78 18.41
N LYS N 74 45.07 33.86 17.48
CA LYS N 74 46.13 33.13 16.80
C LYS N 74 45.98 33.13 15.28
N PHE N 75 45.15 33.98 14.70
CA PHE N 75 44.85 33.85 13.28
C PHE N 75 44.64 35.23 12.66
N GLY N 76 44.09 35.21 11.46
CA GLY N 76 43.44 36.35 10.84
C GLY N 76 42.17 35.83 10.23
N LEU N 77 41.70 34.70 10.75
CA LEU N 77 40.70 33.83 10.13
C LEU N 77 39.51 33.67 11.07
N SER N 78 38.48 32.95 10.60
CA SER N 78 37.21 32.94 11.32
C SER N 78 36.67 31.53 11.56
N ARG N 79 35.43 31.43 12.05
CA ARG N 79 34.85 30.18 12.51
C ARG N 79 34.24 29.34 11.40
N ASN N 80 33.76 29.96 10.32
CA ASN N 80 33.41 29.22 9.11
C ASN N 80 34.62 28.89 8.24
N LYS N 81 35.81 29.35 8.62
CA LYS N 81 37.07 28.98 8.00
C LYS N 81 37.69 27.74 8.64
N LEU N 82 37.70 27.70 9.98
CA LEU N 82 38.42 26.69 10.74
C LEU N 82 37.85 25.28 10.58
N ARG N 83 36.58 25.16 10.15
CA ARG N 83 36.07 23.85 9.77
C ARG N 83 36.53 23.47 8.36
N GLU N 84 36.74 24.46 7.48
CA GLU N 84 37.14 24.21 6.10
C GLU N 84 38.64 24.33 5.88
N ALA N 85 39.43 24.63 6.90
CA ALA N 85 40.85 24.90 6.71
C ALA N 85 41.71 23.70 7.05
N ALA N 86 41.64 23.19 8.29
CA ALA N 86 42.51 22.10 8.71
C ALA N 86 42.10 20.78 8.07
N MET N 87 40.86 20.69 7.58
CA MET N 87 40.42 19.46 6.95
C MET N 87 41.02 19.29 5.56
N ARG N 88 41.40 20.40 4.93
CA ARG N 88 42.31 20.34 3.81
C ARG N 88 43.74 20.61 4.24
N GLY N 89 43.93 21.25 5.39
CA GLY N 89 45.23 21.33 6.02
C GLY N 89 45.80 22.71 6.20
N ASP N 90 44.96 23.75 6.24
CA ASP N 90 45.49 25.10 6.23
C ASP N 90 45.97 25.53 7.62
N VAL N 91 45.57 24.81 8.66
CA VAL N 91 45.90 25.16 10.04
C VAL N 91 46.98 24.22 10.58
N PRO N 92 48.14 24.74 10.99
CA PRO N 92 49.16 23.88 11.59
C PRO N 92 48.83 23.50 13.03
N GLY N 93 49.39 22.38 13.47
CA GLY N 93 49.35 21.98 14.87
C GLY N 93 48.01 21.55 15.45
N LEU N 94 46.94 21.71 14.69
CA LEU N 94 45.58 21.53 15.19
C LEU N 94 45.16 20.08 14.94
N VAL N 95 45.47 19.21 15.89
CA VAL N 95 45.12 17.81 15.83
C VAL N 95 43.99 17.56 16.82
N LYS N 96 43.39 16.37 16.72
CA LYS N 96 42.27 15.96 17.57
C LYS N 96 42.75 14.88 18.54
N ALA N 97 42.69 15.18 19.83
CA ALA N 97 43.05 14.24 20.89
C ALA N 97 42.24 14.61 22.13
N SER N 98 42.63 14.04 23.27
CA SER N 98 41.94 14.37 24.51
C SER N 98 42.34 15.75 24.99
N LEU O 2 -57.10 -45.13 4.11
CA LEU O 2 -55.99 -44.83 5.00
C LEU O 2 -55.64 -46.03 5.86
N SER O 3 -56.65 -46.80 6.28
CA SER O 3 -56.44 -47.95 7.15
C SER O 3 -55.82 -49.11 6.38
N VAL O 4 -55.49 -50.19 7.09
CA VAL O 4 -54.88 -51.32 6.41
C VAL O 4 -55.93 -52.11 5.64
N GLU O 5 -57.12 -52.24 6.21
CA GLU O 5 -58.13 -53.09 5.60
C GLU O 5 -59.04 -52.30 4.68
N GLU O 6 -59.16 -50.99 4.89
CA GLU O 6 -59.79 -50.14 3.88
C GLU O 6 -58.97 -50.15 2.61
N LYS O 7 -57.66 -49.99 2.74
CA LYS O 7 -56.79 -49.85 1.58
C LYS O 7 -56.61 -51.17 0.87
N ALA O 8 -56.91 -52.29 1.53
CA ALA O 8 -56.87 -53.59 0.87
C ALA O 8 -58.16 -53.85 0.11
N GLN O 9 -59.24 -53.19 0.52
CA GLN O 9 -60.54 -53.48 -0.06
C GLN O 9 -60.85 -52.53 -1.20
N ILE O 10 -60.29 -51.32 -1.17
CA ILE O 10 -60.35 -50.43 -2.30
C ILE O 10 -59.48 -50.96 -3.43
N VAL O 11 -58.42 -51.69 -3.09
CA VAL O 11 -57.69 -52.41 -4.11
C VAL O 11 -58.57 -53.48 -4.73
N ASN O 12 -59.36 -54.17 -3.89
CA ASN O 12 -60.03 -55.40 -4.27
C ASN O 12 -61.18 -55.22 -5.26
N GLU O 13 -61.86 -54.08 -5.30
CA GLU O 13 -62.86 -53.90 -6.34
C GLU O 13 -62.41 -52.97 -7.46
N TYR O 14 -61.13 -52.70 -7.58
CA TYR O 14 -60.64 -51.90 -8.68
C TYR O 14 -59.49 -52.60 -9.37
N LYS O 15 -59.26 -53.86 -8.98
CA LYS O 15 -58.08 -54.69 -9.26
C LYS O 15 -57.59 -54.65 -10.69
N GLN O 16 -58.40 -55.15 -11.63
CA GLN O 16 -58.01 -55.33 -13.03
C GLN O 16 -56.80 -56.22 -13.17
N ALA O 17 -57.01 -57.55 -13.17
CA ALA O 17 -55.98 -58.61 -13.25
C ALA O 17 -55.17 -58.76 -11.97
N GLU O 18 -55.71 -59.58 -11.08
CA GLU O 18 -55.57 -59.64 -9.63
C GLU O 18 -54.28 -59.22 -8.95
N GLY O 19 -53.11 -59.47 -9.55
CA GLY O 19 -51.87 -59.05 -8.90
C GLY O 19 -51.70 -57.55 -8.83
N ASP O 20 -52.48 -56.85 -9.66
CA ASP O 20 -52.45 -55.42 -9.80
C ASP O 20 -52.82 -54.69 -8.52
N THR O 21 -52.00 -53.70 -8.17
CA THR O 21 -52.35 -52.63 -7.26
C THR O 21 -51.94 -51.28 -7.82
N GLY O 22 -51.52 -51.21 -9.07
CA GLY O 22 -50.86 -50.02 -9.56
C GLY O 22 -51.47 -49.30 -10.74
N SER O 23 -52.55 -49.83 -11.31
CA SER O 23 -53.20 -49.19 -12.43
C SER O 23 -53.78 -47.86 -11.99
N PRO O 24 -53.99 -46.91 -12.91
CA PRO O 24 -54.62 -45.64 -12.53
C PRO O 24 -56.07 -45.76 -12.14
N GLU O 25 -56.66 -46.94 -12.29
CA GLU O 25 -57.92 -47.25 -11.65
C GLU O 25 -57.75 -47.30 -10.15
N VAL O 26 -56.81 -48.14 -9.68
CA VAL O 26 -56.67 -48.41 -8.25
C VAL O 26 -56.15 -47.19 -7.54
N GLN O 27 -55.20 -46.48 -8.16
CA GLN O 27 -54.57 -45.34 -7.51
C GLN O 27 -55.55 -44.18 -7.35
N VAL O 28 -56.38 -43.92 -8.37
CA VAL O 28 -57.40 -42.88 -8.25
C VAL O 28 -58.44 -43.27 -7.21
N ALA O 29 -58.71 -44.56 -7.08
CA ALA O 29 -59.67 -45.01 -6.08
C ALA O 29 -59.08 -44.98 -4.68
N LEU O 30 -57.79 -45.27 -4.55
CA LEU O 30 -57.13 -45.15 -3.26
C LEU O 30 -56.96 -43.70 -2.85
N LEU O 31 -56.84 -42.81 -3.82
CA LEU O 31 -56.74 -41.40 -3.50
C LEU O 31 -58.10 -40.80 -3.17
N SER O 32 -59.12 -41.14 -3.95
CA SER O 32 -60.43 -40.54 -3.79
C SER O 32 -61.04 -40.91 -2.46
N ALA O 33 -60.79 -42.12 -2.00
CA ALA O 33 -61.25 -42.52 -0.68
C ALA O 33 -60.54 -41.76 0.41
N ASN O 34 -59.25 -41.51 0.23
CA ASN O 34 -58.47 -40.84 1.26
C ASN O 34 -58.78 -39.36 1.30
N ILE O 35 -59.13 -38.78 0.17
CA ILE O 35 -59.53 -37.37 0.13
C ILE O 35 -60.84 -37.18 0.86
N ASN O 36 -61.79 -38.09 0.64
CA ASN O 36 -63.10 -37.99 1.26
C ASN O 36 -63.03 -38.17 2.77
N LYS O 37 -62.25 -39.14 3.22
CA LYS O 37 -62.12 -39.39 4.65
C LYS O 37 -61.35 -38.29 5.34
N LEU O 38 -60.46 -37.61 4.65
CA LEU O 38 -59.80 -36.48 5.26
C LEU O 38 -60.68 -35.24 5.31
N GLN O 39 -61.82 -35.22 4.63
CA GLN O 39 -62.65 -34.02 4.71
C GLN O 39 -63.33 -33.91 6.05
N ASP O 40 -63.39 -35.02 6.79
CA ASP O 40 -63.90 -35.00 8.15
C ASP O 40 -62.91 -34.31 9.08
N HIS O 41 -61.62 -34.52 8.82
CA HIS O 41 -60.55 -33.91 9.60
C HIS O 41 -60.56 -32.39 9.48
N PHE O 42 -60.80 -31.86 8.29
CA PHE O 42 -60.58 -30.43 8.15
C PHE O 42 -61.81 -29.60 8.42
N LYS O 43 -62.97 -30.22 8.65
CA LYS O 43 -64.05 -29.49 9.29
C LYS O 43 -63.77 -29.34 10.77
N ALA O 44 -63.25 -30.40 11.40
CA ALA O 44 -62.95 -30.36 12.83
C ALA O 44 -61.64 -29.65 13.12
N ASN O 45 -60.63 -29.84 12.28
CA ASN O 45 -59.31 -29.23 12.43
C ASN O 45 -59.09 -28.29 11.25
N GLY O 46 -59.52 -27.04 11.37
CA GLY O 46 -59.41 -26.12 10.26
C GLY O 46 -58.14 -25.32 10.24
N LYS O 47 -57.42 -25.25 11.36
CA LYS O 47 -56.16 -24.53 11.43
C LYS O 47 -54.99 -25.36 10.96
N ASP O 48 -55.21 -26.64 10.66
CA ASP O 48 -54.14 -27.53 10.25
C ASP O 48 -53.85 -27.26 8.77
N HIS O 49 -52.87 -26.39 8.52
CA HIS O 49 -52.49 -26.12 7.15
C HIS O 49 -51.42 -27.08 6.65
N HIS O 50 -50.62 -27.62 7.55
CA HIS O 50 -49.54 -28.54 7.20
C HIS O 50 -50.04 -29.89 6.75
N SER O 51 -51.31 -30.20 6.97
CA SER O 51 -51.89 -31.42 6.50
C SER O 51 -52.88 -31.20 5.37
N ARG O 52 -53.36 -29.97 5.16
CA ARG O 52 -54.01 -29.61 3.90
C ARG O 52 -53.11 -29.81 2.72
N ARG O 53 -51.83 -29.58 2.92
CA ARG O 53 -50.89 -29.64 1.82
C ARG O 53 -50.65 -31.09 1.41
N GLY O 54 -50.74 -32.01 2.36
CA GLY O 54 -50.73 -33.42 2.01
C GLY O 54 -52.02 -33.87 1.36
N LEU O 55 -53.11 -33.13 1.55
CA LEU O 55 -54.37 -33.41 0.87
C LEU O 55 -54.41 -32.83 -0.53
N ILE O 56 -53.91 -31.61 -0.70
CA ILE O 56 -53.89 -30.98 -2.01
C ILE O 56 -52.94 -31.72 -2.93
N ARG O 57 -51.95 -32.39 -2.37
CA ARG O 57 -51.09 -33.26 -3.15
C ARG O 57 -51.86 -34.46 -3.66
N MET O 58 -52.81 -34.97 -2.87
CA MET O 58 -53.64 -36.09 -3.28
C MET O 58 -54.67 -35.68 -4.33
N VAL O 59 -55.14 -34.44 -4.28
CA VAL O 59 -56.05 -33.94 -5.30
C VAL O 59 -55.30 -33.80 -6.62
N ASN O 60 -54.11 -33.23 -6.58
CA ASN O 60 -53.33 -33.05 -7.79
C ASN O 60 -52.75 -34.34 -8.31
N GLN O 61 -52.49 -35.32 -7.45
CA GLN O 61 -52.00 -36.59 -7.95
C GLN O 61 -53.13 -37.38 -8.59
N ARG O 62 -54.37 -37.11 -8.20
CA ARG O 62 -55.52 -37.75 -8.83
C ARG O 62 -55.85 -37.10 -10.15
N ARG O 63 -55.69 -35.78 -10.25
CA ARG O 63 -56.04 -35.07 -11.46
C ARG O 63 -55.07 -35.39 -12.58
N LYS O 64 -53.81 -35.63 -12.24
CA LYS O 64 -52.84 -36.04 -13.24
C LYS O 64 -53.09 -37.45 -13.70
N LEU O 65 -53.51 -38.34 -12.80
CA LEU O 65 -53.79 -39.72 -13.17
C LEU O 65 -55.03 -39.84 -14.01
N LEU O 66 -56.00 -38.95 -13.79
CA LEU O 66 -57.20 -39.00 -14.60
C LEU O 66 -56.97 -38.42 -15.97
N ASP O 67 -56.17 -37.36 -16.06
CA ASP O 67 -55.82 -36.79 -17.36
C ASP O 67 -54.96 -37.75 -18.16
N TYR O 68 -54.18 -38.55 -17.46
CA TYR O 68 -53.46 -39.65 -18.09
C TYR O 68 -54.42 -40.64 -18.71
N LEU O 69 -55.35 -41.14 -17.91
CA LEU O 69 -56.21 -42.23 -18.35
C LEU O 69 -57.24 -41.76 -19.36
N LYS O 70 -57.75 -40.55 -19.21
CA LYS O 70 -58.69 -39.99 -20.20
C LYS O 70 -58.02 -39.82 -21.56
N GLY O 71 -56.77 -39.42 -21.59
CA GLY O 71 -56.14 -39.31 -22.89
C GLY O 71 -55.75 -40.61 -23.52
N LYS O 72 -55.84 -41.69 -22.77
CA LYS O 72 -55.32 -43.00 -23.15
C LYS O 72 -56.40 -44.03 -23.41
N ASP O 73 -57.43 -44.10 -22.57
CA ASP O 73 -58.52 -45.03 -22.76
C ASP O 73 -59.79 -44.47 -22.13
N VAL O 74 -60.66 -43.85 -22.91
CA VAL O 74 -61.83 -43.17 -22.35
C VAL O 74 -62.86 -44.15 -21.86
N SER O 75 -62.79 -45.41 -22.27
CA SER O 75 -63.73 -46.40 -21.80
C SER O 75 -63.43 -46.80 -20.36
N ARG O 76 -62.16 -46.86 -20.01
CA ARG O 76 -61.80 -47.03 -18.61
C ARG O 76 -61.96 -45.74 -17.84
N TYR O 77 -61.95 -44.60 -18.53
CA TYR O 77 -62.12 -43.33 -17.84
C TYR O 77 -63.57 -43.10 -17.50
N THR O 78 -64.47 -43.43 -18.41
CA THR O 78 -65.90 -43.22 -18.18
C THR O 78 -66.42 -44.16 -17.10
N ALA O 79 -65.87 -45.38 -17.03
CA ALA O 79 -66.29 -46.31 -16.00
C ALA O 79 -65.78 -45.90 -14.62
N LEU O 80 -64.55 -45.42 -14.55
CA LEU O 80 -63.97 -44.99 -13.28
C LEU O 80 -64.64 -43.73 -12.77
N ILE O 81 -65.02 -42.83 -13.67
CA ILE O 81 -65.66 -41.59 -13.28
C ILE O 81 -67.12 -41.84 -12.93
N GLY O 82 -67.69 -42.95 -13.38
CA GLY O 82 -69.06 -43.27 -13.04
C GLY O 82 -69.15 -44.00 -11.72
N ARG O 83 -68.10 -44.74 -11.37
CA ARG O 83 -67.86 -45.07 -9.98
C ARG O 83 -67.28 -43.83 -9.31
N LEU O 84 -67.03 -43.93 -8.00
CA LEU O 84 -66.27 -42.97 -7.19
C LEU O 84 -66.93 -41.61 -7.02
N GLY O 85 -68.03 -41.35 -7.74
CA GLY O 85 -68.75 -40.11 -7.66
C GLY O 85 -67.93 -38.89 -8.00
N LEU O 86 -67.21 -38.93 -9.11
CA LEU O 86 -66.34 -37.83 -9.49
C LEU O 86 -67.00 -36.97 -10.55
N ARG O 87 -66.25 -35.94 -10.95
CA ARG O 87 -66.68 -34.87 -11.87
C ARG O 87 -67.93 -34.15 -11.42
N MET P 1 -53.58 2.29 -76.31
CA MET P 1 -52.91 1.38 -77.22
C MET P 1 -51.69 0.85 -76.54
N VAL P 2 -51.36 -0.43 -76.67
CA VAL P 2 -50.01 -0.84 -76.33
C VAL P 2 -49.07 -0.28 -77.38
N THR P 3 -47.97 0.30 -76.96
CA THR P 3 -47.14 1.03 -77.89
C THR P 3 -45.69 0.63 -77.68
N ILE P 4 -44.85 0.86 -78.68
CA ILE P 4 -43.42 0.66 -78.60
C ILE P 4 -42.75 1.99 -78.91
N ARG P 5 -42.10 2.58 -77.92
CA ARG P 5 -41.58 3.94 -78.02
C ARG P 5 -40.26 4.01 -77.28
N LEU P 6 -39.61 5.17 -77.33
CA LEU P 6 -38.28 5.37 -76.76
C LEU P 6 -38.40 6.02 -75.40
N ALA P 7 -37.60 5.55 -74.43
CA ALA P 7 -37.47 6.14 -73.11
C ALA P 7 -36.08 6.74 -72.88
N ARG P 8 -36.02 7.97 -72.38
CA ARG P 8 -34.76 8.67 -72.14
C ARG P 8 -34.03 8.09 -70.94
N GLY P 9 -32.93 7.42 -71.19
CA GLY P 9 -31.90 7.29 -70.20
C GLY P 9 -30.81 8.25 -70.58
N GLY P 10 -29.58 8.00 -70.16
CA GLY P 10 -28.51 8.85 -70.63
C GLY P 10 -28.31 10.01 -69.69
N SER P 11 -27.85 11.12 -70.22
CA SER P 11 -27.69 12.30 -69.41
C SER P 11 -27.96 13.52 -70.29
N LYS P 12 -27.65 14.68 -69.76
CA LYS P 12 -27.90 15.96 -70.41
C LYS P 12 -27.06 16.08 -71.67
N LYS P 13 -27.72 16.30 -72.80
CA LYS P 13 -27.15 16.43 -74.14
C LYS P 13 -26.48 15.15 -74.63
N ARG P 14 -26.64 14.05 -73.90
CA ARG P 14 -26.08 12.76 -74.29
C ARG P 14 -27.18 11.73 -74.20
N PRO P 15 -28.18 11.78 -75.08
CA PRO P 15 -29.39 10.97 -74.89
C PRO P 15 -29.14 9.49 -75.03
N PHE P 16 -30.09 8.72 -74.52
CA PHE P 16 -30.02 7.29 -74.63
C PHE P 16 -31.42 6.74 -74.49
N TYR P 17 -31.79 5.83 -75.38
CA TYR P 17 -33.18 5.42 -75.48
C TYR P 17 -33.30 3.93 -75.22
N HIS P 18 -34.51 3.49 -74.94
CA HIS P 18 -34.65 2.10 -74.53
C HIS P 18 -35.60 1.20 -75.29
N LEU P 19 -36.46 1.68 -76.19
CA LEU P 19 -37.47 0.85 -76.89
C LEU P 19 -38.31 0.05 -75.91
N THR P 20 -39.11 0.77 -75.15
CA THR P 20 -39.96 0.09 -74.21
C THR P 20 -41.24 -0.32 -74.93
N VAL P 21 -41.91 -1.34 -74.41
CA VAL P 21 -43.29 -1.61 -74.75
C VAL P 21 -44.13 -1.37 -73.51
N THR P 22 -45.01 -0.36 -73.58
CA THR P 22 -45.72 0.23 -72.47
C THR P 22 -47.20 0.25 -72.79
N ASN P 23 -47.93 1.08 -72.05
CA ASN P 23 -49.37 1.21 -72.17
C ASN P 23 -49.76 2.37 -73.07
N SER P 24 -48.84 3.26 -73.42
CA SER P 24 -49.09 4.56 -74.07
C SER P 24 -49.92 5.50 -73.23
N ARG P 25 -50.24 5.13 -72.02
CA ARG P 25 -50.95 5.93 -71.06
C ARG P 25 -50.06 6.16 -69.85
N ASN P 26 -48.95 5.43 -69.79
CA ASN P 26 -47.95 5.54 -68.76
C ASN P 26 -46.99 6.66 -69.08
N ALA P 27 -46.15 6.99 -68.11
CA ALA P 27 -45.16 8.01 -68.38
C ALA P 27 -44.04 7.41 -69.18
N ARG P 28 -43.32 8.25 -69.91
CA ARG P 28 -42.36 7.71 -70.85
C ARG P 28 -41.08 7.26 -70.18
N ASP P 29 -40.97 7.38 -68.86
CA ASP P 29 -39.81 6.90 -68.16
C ASP P 29 -40.10 5.86 -67.10
N GLY P 30 -41.34 5.39 -66.95
CA GLY P 30 -41.65 4.37 -65.97
C GLY P 30 -42.74 3.45 -66.47
N ARG P 31 -42.85 2.31 -65.78
CA ARG P 31 -43.91 1.31 -65.91
C ARG P 31 -44.08 0.83 -67.35
N PHE P 32 -43.15 0.00 -67.75
CA PHE P 32 -43.20 -0.65 -69.04
C PHE P 32 -43.66 -2.09 -68.84
N VAL P 33 -43.82 -2.84 -69.93
CA VAL P 33 -44.15 -4.26 -69.86
C VAL P 33 -42.88 -5.05 -70.11
N GLU P 34 -42.18 -4.75 -71.19
CA GLU P 34 -40.84 -5.25 -71.43
C GLU P 34 -39.96 -4.14 -71.97
N ARG P 35 -38.66 -4.40 -71.96
CA ARG P 35 -37.74 -3.65 -72.77
C ARG P 35 -37.08 -4.56 -73.78
N ILE P 36 -37.43 -4.36 -75.05
CA ILE P 36 -36.64 -4.85 -76.17
C ILE P 36 -35.55 -3.80 -76.32
N GLY P 37 -34.52 -4.08 -77.11
CA GLY P 37 -33.22 -3.47 -76.87
C GLY P 37 -33.12 -1.98 -77.13
N PHE P 38 -31.95 -1.43 -76.91
CA PHE P 38 -31.76 0.00 -76.77
C PHE P 38 -31.73 0.73 -78.12
N PHE P 39 -31.34 2.01 -78.08
CA PHE P 39 -30.98 2.83 -79.22
C PHE P 39 -30.17 4.00 -78.69
N ASN P 40 -29.07 4.31 -79.36
CA ASN P 40 -28.03 5.18 -78.83
C ASN P 40 -27.59 6.16 -79.92
N PRO P 41 -28.05 7.39 -79.90
CA PRO P 41 -27.75 8.31 -81.00
C PRO P 41 -26.37 8.93 -80.97
N VAL P 42 -25.64 8.74 -79.87
CA VAL P 42 -24.33 9.35 -79.72
C VAL P 42 -23.36 8.18 -79.54
N ALA P 43 -23.64 7.09 -80.24
CA ALA P 43 -22.72 5.97 -80.22
C ALA P 43 -21.47 6.30 -81.03
N THR P 44 -20.35 5.76 -80.58
CA THR P 44 -19.09 5.86 -81.30
C THR P 44 -18.47 4.47 -81.20
N GLY P 45 -17.19 4.33 -81.52
CA GLY P 45 -16.55 3.04 -81.70
C GLY P 45 -16.56 2.11 -80.52
N GLY P 46 -17.20 0.96 -80.69
CA GLY P 46 -17.42 0.02 -79.62
C GLY P 46 -18.83 0.03 -79.08
N GLU P 47 -19.55 1.14 -79.21
CA GLU P 47 -20.92 1.27 -78.75
C GLU P 47 -21.84 0.98 -79.92
N VAL P 48 -22.81 0.09 -79.69
CA VAL P 48 -23.82 -0.25 -80.69
C VAL P 48 -24.73 0.94 -80.88
N ARG P 49 -25.38 1.05 -82.05
CA ARG P 49 -26.44 2.03 -82.17
C ARG P 49 -27.81 1.47 -81.86
N LEU P 50 -28.14 0.23 -82.25
CA LEU P 50 -29.40 -0.33 -81.81
C LEU P 50 -29.32 -1.85 -81.66
N SER P 51 -30.06 -2.38 -80.70
CA SER P 51 -30.00 -3.80 -80.33
C SER P 51 -31.39 -4.41 -80.29
N VAL P 52 -32.13 -4.25 -81.37
CA VAL P 52 -33.57 -4.04 -81.24
C VAL P 52 -34.34 -5.37 -81.19
N ASP P 53 -33.65 -6.51 -81.05
CA ASP P 53 -34.18 -7.75 -80.44
C ASP P 53 -35.46 -8.24 -81.14
N GLN P 54 -35.32 -8.66 -82.39
CA GLN P 54 -36.49 -8.75 -83.24
C GLN P 54 -37.35 -9.97 -83.01
N GLU P 55 -37.14 -10.73 -81.95
CA GLU P 55 -38.05 -11.85 -81.71
C GLU P 55 -39.14 -11.45 -80.74
N ARG P 56 -38.86 -10.45 -79.91
CA ARG P 56 -39.88 -9.93 -79.03
C ARG P 56 -40.58 -8.73 -79.64
N ALA P 57 -39.90 -7.99 -80.50
CA ALA P 57 -40.61 -6.99 -81.29
C ALA P 57 -41.53 -7.64 -82.31
N THR P 58 -41.26 -8.88 -82.70
CA THR P 58 -42.20 -9.58 -83.56
C THR P 58 -43.40 -10.09 -82.78
N TYR P 59 -43.17 -10.49 -81.52
CA TYR P 59 -44.27 -10.88 -80.66
C TYR P 59 -45.23 -9.72 -80.39
N TRP P 60 -44.69 -8.54 -80.10
CA TRP P 60 -45.56 -7.44 -79.74
C TRP P 60 -46.22 -6.83 -80.95
N LEU P 61 -45.53 -6.75 -82.09
CA LEU P 61 -46.22 -6.36 -83.31
C LEU P 61 -47.23 -7.41 -83.74
N GLY P 62 -47.03 -8.66 -83.34
CA GLY P 62 -48.08 -9.64 -83.49
C GLY P 62 -49.26 -9.40 -82.59
N GLN P 63 -49.02 -9.00 -81.34
CA GLN P 63 -50.10 -8.76 -80.41
C GLN P 63 -50.83 -7.45 -80.66
N GLY P 64 -50.35 -6.63 -81.58
CA GLY P 64 -51.10 -5.45 -81.90
C GLY P 64 -50.60 -4.29 -81.09
N ALA P 65 -49.29 -4.10 -81.13
CA ALA P 65 -48.65 -2.97 -80.51
C ALA P 65 -48.19 -2.01 -81.58
N GLN P 66 -48.16 -0.73 -81.25
CA GLN P 66 -47.89 0.32 -82.22
C GLN P 66 -46.48 0.80 -82.02
N PRO P 67 -45.64 0.79 -83.04
CA PRO P 67 -44.40 1.55 -82.96
C PRO P 67 -44.76 3.03 -83.06
N SER P 68 -43.86 3.90 -82.64
CA SER P 68 -44.31 5.28 -82.59
C SER P 68 -44.20 5.98 -83.95
N GLU P 69 -43.07 6.59 -84.27
CA GLU P 69 -42.77 7.02 -85.62
C GLU P 69 -41.28 6.91 -85.83
N ARG P 70 -40.55 6.89 -84.74
CA ARG P 70 -39.12 6.68 -84.78
C ARG P 70 -38.77 5.23 -84.55
N VAL P 71 -39.40 4.57 -83.59
CA VAL P 71 -39.36 3.14 -83.47
C VAL P 71 -39.86 2.45 -84.72
N ALA P 72 -40.81 3.05 -85.43
CA ALA P 72 -41.20 2.51 -86.72
C ALA P 72 -40.13 2.73 -87.78
N GLN P 73 -39.40 3.85 -87.72
CA GLN P 73 -38.27 4.10 -88.61
C GLN P 73 -36.95 3.67 -88.02
N LEU P 74 -36.97 2.79 -87.03
CA LEU P 74 -35.82 2.07 -86.51
C LEU P 74 -36.01 0.57 -86.53
N LEU P 75 -37.18 0.09 -86.93
CA LEU P 75 -37.34 -1.31 -87.25
C LEU P 75 -37.25 -1.53 -88.75
N LYS P 76 -37.22 -0.45 -89.52
CA LYS P 76 -36.77 -0.41 -90.90
C LYS P 76 -35.25 -0.38 -91.00
N ASP P 77 -34.55 -0.61 -89.90
CA ASP P 77 -33.10 -0.81 -89.93
C ASP P 77 -32.87 -2.24 -89.47
N ALA P 78 -32.97 -3.16 -90.43
CA ALA P 78 -32.94 -4.59 -90.16
C ALA P 78 -32.01 -5.30 -91.16
N ARG Q 1 -53.73 -25.85 -52.75
CA ARG Q 1 -54.73 -26.75 -53.32
C ARG Q 1 -55.38 -27.52 -52.19
N THR Q 2 -54.73 -27.48 -51.03
CA THR Q 2 -55.11 -28.27 -49.88
C THR Q 2 -54.45 -27.74 -48.62
N LEU Q 3 -55.23 -27.44 -47.60
CA LEU Q 3 -54.72 -27.33 -46.26
C LEU Q 3 -55.42 -28.40 -45.43
N THR Q 4 -54.86 -28.69 -44.26
CA THR Q 4 -55.41 -29.77 -43.46
C THR Q 4 -55.47 -29.33 -42.01
N GLY Q 5 -56.65 -29.40 -41.42
CA GLY Q 5 -56.79 -28.87 -40.09
C GLY Q 5 -57.67 -29.73 -39.21
N ARG Q 6 -57.69 -29.37 -37.94
CA ARG Q 6 -58.59 -29.97 -36.98
C ARG Q 6 -59.79 -29.06 -36.86
N VAL Q 7 -60.99 -29.63 -36.88
CA VAL Q 7 -62.20 -28.84 -36.71
C VAL Q 7 -62.30 -28.34 -35.27
N VAL Q 8 -62.42 -27.04 -35.11
CA VAL Q 8 -62.53 -26.44 -33.79
C VAL Q 8 -63.89 -25.81 -33.53
N SER Q 9 -64.75 -25.72 -34.53
CA SER Q 9 -66.12 -25.26 -34.32
C SER Q 9 -67.03 -25.97 -35.31
N ASP Q 10 -68.28 -26.13 -34.89
CA ASP Q 10 -69.33 -26.71 -35.71
C ASP Q 10 -70.56 -25.83 -35.68
N LYS Q 11 -70.60 -24.85 -34.79
CA LYS Q 11 -71.81 -24.22 -34.28
C LYS Q 11 -72.55 -23.38 -35.31
N MET Q 12 -71.99 -23.14 -36.48
CA MET Q 12 -72.65 -22.40 -37.54
C MET Q 12 -73.32 -23.37 -38.48
N ASP Q 13 -74.47 -22.96 -39.00
CA ASP Q 13 -75.13 -23.72 -40.06
C ASP Q 13 -74.27 -23.70 -41.31
N LYS Q 14 -73.97 -24.89 -41.83
CA LYS Q 14 -73.26 -25.13 -43.09
C LYS Q 14 -71.82 -24.58 -43.09
N THR Q 15 -71.28 -24.22 -41.94
CA THR Q 15 -69.94 -23.65 -41.87
C THR Q 15 -69.17 -24.38 -40.79
N VAL Q 16 -67.94 -24.77 -41.09
CA VAL Q 16 -67.07 -25.41 -40.11
C VAL Q 16 -65.86 -24.50 -39.96
N THR Q 17 -65.15 -24.62 -38.83
CA THR Q 17 -63.99 -23.80 -38.56
C THR Q 17 -62.81 -24.69 -38.21
N VAL Q 18 -61.73 -24.60 -38.98
CA VAL Q 18 -60.57 -25.46 -38.80
C VAL Q 18 -59.40 -24.63 -38.26
N LEU Q 19 -58.55 -25.28 -37.47
CA LEU Q 19 -57.25 -24.74 -37.15
C LEU Q 19 -56.17 -25.44 -37.93
N ILE Q 20 -55.34 -24.67 -38.59
CA ILE Q 20 -54.27 -25.19 -39.42
C ILE Q 20 -52.96 -24.79 -38.75
N GLU Q 21 -52.33 -25.76 -38.10
CA GLU Q 21 -51.07 -25.50 -37.42
C GLU Q 21 -49.90 -25.60 -38.39
N ARG Q 22 -48.98 -24.66 -38.28
CA ARG Q 22 -47.75 -24.63 -39.05
C ARG Q 22 -46.62 -24.25 -38.11
N ARG Q 23 -45.47 -24.93 -38.27
CA ARG Q 23 -44.29 -24.62 -37.47
C ARG Q 23 -43.37 -23.72 -38.29
N VAL Q 24 -43.42 -22.44 -38.00
CA VAL Q 24 -42.49 -21.51 -38.65
C VAL Q 24 -41.26 -21.32 -37.78
N LYS Q 25 -40.17 -20.97 -38.42
CA LYS Q 25 -38.94 -20.61 -37.72
C LYS Q 25 -39.06 -19.15 -37.33
N HIS Q 26 -38.59 -18.83 -36.14
CA HIS Q 26 -38.62 -17.45 -35.70
C HIS Q 26 -37.63 -16.63 -36.52
N PRO Q 27 -37.98 -15.40 -36.90
CA PRO Q 27 -37.12 -14.66 -37.84
C PRO Q 27 -35.84 -14.17 -37.25
N ILE Q 28 -35.69 -14.12 -35.93
CA ILE Q 28 -34.44 -13.62 -35.38
C ILE Q 28 -33.81 -14.60 -34.40
N TYR Q 29 -34.62 -15.38 -33.68
CA TYR Q 29 -34.04 -16.30 -32.70
C TYR Q 29 -33.97 -17.72 -33.17
N GLY Q 30 -34.68 -18.07 -34.24
CA GLY Q 30 -34.52 -19.36 -34.83
C GLY Q 30 -35.28 -20.49 -34.18
N LYS Q 31 -36.04 -20.23 -33.13
CA LYS Q 31 -36.85 -21.28 -32.55
C LYS Q 31 -38.01 -21.58 -33.49
N TYR Q 32 -38.35 -22.85 -33.62
CA TYR Q 32 -39.50 -23.27 -34.40
C TYR Q 32 -40.73 -23.22 -33.53
N VAL Q 33 -41.62 -22.29 -33.80
CA VAL Q 33 -42.77 -22.02 -32.95
C VAL Q 33 -44.02 -22.56 -33.64
N LYS Q 34 -45.04 -22.86 -32.86
CA LYS Q 34 -46.33 -23.17 -33.44
C LYS Q 34 -47.06 -21.87 -33.72
N ARG Q 35 -47.83 -21.86 -34.79
CA ARG Q 35 -48.40 -20.63 -35.31
C ARG Q 35 -49.67 -21.00 -36.04
N SER Q 36 -50.76 -20.31 -35.72
CA SER Q 36 -52.08 -20.85 -36.00
C SER Q 36 -52.87 -20.02 -37.01
N THR Q 37 -53.77 -20.72 -37.71
CA THR Q 37 -54.67 -20.10 -38.68
C THR Q 37 -56.04 -20.69 -38.45
N LYS Q 38 -57.05 -19.85 -38.29
CA LYS Q 38 -58.39 -20.28 -37.95
C LYS Q 38 -59.32 -19.91 -39.10
N LEU Q 39 -59.42 -20.80 -40.08
CA LEU Q 39 -60.20 -20.52 -41.29
C LEU Q 39 -61.65 -20.95 -41.11
N HIS Q 40 -62.51 -20.42 -41.98
CA HIS Q 40 -63.91 -20.85 -42.08
C HIS Q 40 -64.08 -21.56 -43.41
N ALA Q 41 -64.60 -22.79 -43.36
CA ALA Q 41 -64.86 -23.61 -44.53
C ALA Q 41 -66.35 -23.85 -44.68
N HIS Q 42 -66.75 -24.40 -45.82
CA HIS Q 42 -68.16 -24.61 -46.15
C HIS Q 42 -68.46 -26.10 -46.26
N ASP Q 43 -69.14 -26.62 -45.26
CA ASP Q 43 -69.61 -27.99 -45.23
C ASP Q 43 -71.10 -27.98 -45.55
N GLU Q 44 -71.45 -28.14 -46.82
CA GLU Q 44 -72.85 -27.96 -47.19
C GLU Q 44 -73.71 -29.12 -46.75
N SER Q 45 -73.12 -30.30 -46.63
CA SER Q 45 -73.83 -31.44 -46.09
C SER Q 45 -73.85 -31.43 -44.57
N ASN Q 46 -73.17 -30.46 -43.95
CA ASN Q 46 -73.37 -30.04 -42.58
C ASN Q 46 -72.96 -31.15 -41.61
N GLN Q 47 -71.83 -31.79 -41.92
CA GLN Q 47 -71.50 -33.08 -41.36
C GLN Q 47 -70.05 -33.23 -40.89
N CYS Q 48 -69.36 -32.14 -40.60
CA CYS Q 48 -68.10 -32.25 -39.88
C CYS Q 48 -68.34 -31.98 -38.41
N ARG Q 49 -67.58 -32.68 -37.57
CA ARG Q 49 -67.77 -32.65 -36.13
C ARG Q 49 -66.54 -32.08 -35.45
N ILE Q 50 -66.73 -31.51 -34.26
CA ILE Q 50 -65.63 -30.89 -33.52
C ILE Q 50 -64.60 -31.95 -33.15
N GLY Q 51 -63.43 -31.83 -33.74
CA GLY Q 51 -62.39 -32.81 -33.59
C GLY Q 51 -62.00 -33.54 -34.85
N ASP Q 52 -62.78 -33.41 -35.92
CA ASP Q 52 -62.48 -34.04 -37.19
C ASP Q 52 -61.21 -33.45 -37.80
N LEU Q 53 -60.46 -34.31 -38.46
CA LEU Q 53 -59.33 -33.89 -39.29
C LEU Q 53 -59.80 -33.84 -40.73
N VAL Q 54 -59.85 -32.65 -41.31
CA VAL Q 54 -60.44 -32.44 -42.62
C VAL Q 54 -59.44 -31.77 -43.55
N THR Q 55 -59.74 -31.84 -44.83
CA THR Q 55 -58.96 -31.23 -45.89
C THR Q 55 -59.85 -30.17 -46.53
N ILE Q 56 -59.31 -28.98 -46.74
CA ILE Q 56 -60.06 -27.89 -47.36
C ILE Q 56 -59.29 -27.35 -48.56
N ARG Q 57 -60.02 -26.94 -49.58
CA ARG Q 57 -59.45 -26.21 -50.71
C ARG Q 57 -60.07 -24.84 -50.78
N GLU Q 58 -59.50 -24.00 -51.62
CA GLU Q 58 -59.89 -22.60 -51.68
C GLU Q 58 -60.87 -22.36 -52.82
N THR Q 59 -61.99 -21.73 -52.52
CA THR Q 59 -62.97 -21.38 -53.54
C THR Q 59 -63.24 -19.90 -53.59
N ARG Q 60 -64.22 -19.51 -54.39
CA ARG Q 60 -64.67 -18.15 -54.42
C ARG Q 60 -65.48 -17.87 -53.16
N PRO Q 61 -65.52 -16.61 -52.69
CA PRO Q 61 -66.05 -16.36 -51.34
C PRO Q 61 -67.53 -16.64 -51.23
N LEU Q 62 -67.86 -17.56 -50.33
CA LEU Q 62 -69.21 -18.06 -50.16
C LEU Q 62 -70.01 -17.18 -49.21
N ALA Q 63 -69.36 -16.59 -48.23
CA ALA Q 63 -69.94 -15.51 -47.44
C ALA Q 63 -68.86 -14.46 -47.27
N LYS Q 64 -69.16 -13.43 -46.49
CA LYS Q 64 -68.13 -12.62 -45.88
C LYS Q 64 -67.35 -13.55 -44.98
N THR Q 65 -66.02 -13.44 -45.00
CA THR Q 65 -65.11 -14.25 -44.18
C THR Q 65 -65.24 -15.76 -44.42
N LYS Q 66 -65.78 -16.20 -45.54
CA LYS Q 66 -65.88 -17.64 -45.78
C LYS Q 66 -65.53 -17.91 -47.23
N ALA Q 67 -64.31 -18.35 -47.48
CA ALA Q 67 -63.86 -18.53 -48.86
C ALA Q 67 -63.10 -19.83 -49.07
N TRP Q 68 -63.20 -20.77 -48.15
CA TRP Q 68 -62.64 -22.10 -48.32
C TRP Q 68 -63.80 -23.07 -48.29
N THR Q 69 -63.61 -24.25 -48.86
CA THR Q 69 -64.69 -25.23 -48.87
C THR Q 69 -64.18 -26.55 -48.33
N LEU Q 70 -65.10 -27.42 -47.96
CA LEU Q 70 -64.72 -28.74 -47.51
C LEU Q 70 -64.36 -29.62 -48.70
N VAL Q 71 -63.27 -30.35 -48.59
CA VAL Q 71 -62.92 -31.32 -49.64
C VAL Q 71 -63.32 -32.71 -49.19
N ASP Q 72 -62.75 -33.17 -48.08
CA ASP Q 72 -62.73 -34.58 -47.77
C ASP Q 72 -62.35 -34.72 -46.31
N ILE Q 73 -63.13 -35.48 -45.55
CA ILE Q 73 -62.81 -35.72 -44.15
C ILE Q 73 -61.76 -36.81 -44.10
N VAL Q 74 -60.62 -36.51 -43.45
CA VAL Q 74 -59.53 -37.48 -43.41
C VAL Q 74 -59.80 -38.54 -42.35
N GLU Q 75 -59.85 -38.13 -41.08
CA GLU Q 75 -60.18 -39.05 -40.00
C GLU Q 75 -61.15 -38.35 -39.07
N ARG Q 76 -61.60 -39.06 -38.05
CA ARG Q 76 -62.63 -38.54 -37.16
C ARG Q 76 -62.25 -38.46 -35.70
N LYS R 1 -33.05 -53.72 27.34
CA LYS R 1 -32.43 -53.10 26.17
C LYS R 1 -33.04 -51.74 25.90
N GLU R 2 -34.26 -51.73 25.37
CA GLU R 2 -34.99 -50.49 25.19
C GLU R 2 -35.33 -49.91 26.55
N ILE R 3 -34.61 -48.86 26.93
CA ILE R 3 -34.64 -48.36 28.30
C ILE R 3 -35.98 -47.70 28.56
N ASP R 4 -36.38 -47.69 29.83
CA ASP R 4 -37.77 -47.50 30.17
C ASP R 4 -37.85 -46.80 31.51
N TYR R 5 -38.93 -46.02 31.69
CA TYR R 5 -39.14 -45.20 32.89
C TYR R 5 -39.27 -46.03 34.16
N LYS R 6 -39.61 -47.32 34.03
CA LYS R 6 -39.66 -48.19 35.20
C LYS R 6 -38.26 -48.54 35.69
N ASP R 7 -37.32 -48.70 34.77
CA ASP R 7 -35.99 -49.17 35.12
C ASP R 7 -35.23 -48.01 35.75
N LEU R 8 -35.43 -47.81 37.05
CA LEU R 8 -34.76 -46.70 37.69
C LEU R 8 -33.30 -46.96 37.99
N ASN R 9 -32.84 -48.20 37.99
CA ASN R 9 -31.42 -48.43 38.19
C ASN R 9 -30.62 -48.04 36.95
N THR R 10 -31.27 -47.97 35.80
CA THR R 10 -30.59 -47.48 34.61
C THR R 10 -30.71 -45.97 34.51
N LEU R 11 -31.87 -45.42 34.89
CA LEU R 11 -32.12 -43.99 34.73
C LEU R 11 -31.32 -43.16 35.71
N LYS R 12 -30.99 -43.72 36.88
CA LYS R 12 -30.26 -42.99 37.90
C LYS R 12 -28.78 -42.87 37.53
N ALA R 13 -28.34 -43.60 36.52
CA ALA R 13 -26.95 -43.50 36.09
C ALA R 13 -26.70 -42.31 35.18
N TYR R 14 -27.73 -41.65 34.68
CA TYR R 14 -27.57 -40.49 33.82
C TYR R 14 -28.21 -39.26 34.44
N VAL R 15 -28.76 -39.41 35.63
CA VAL R 15 -29.24 -38.29 36.43
C VAL R 15 -28.09 -37.80 37.29
N SER R 16 -27.79 -36.51 37.20
CA SER R 16 -26.75 -35.92 38.00
C SER R 16 -27.22 -35.76 39.45
N GLU R 17 -26.33 -35.28 40.32
CA GLU R 17 -26.66 -35.20 41.74
C GLU R 17 -27.73 -34.15 42.01
N THR R 18 -27.75 -33.10 41.19
CA THR R 18 -28.76 -32.06 41.33
C THR R 18 -30.06 -32.39 40.61
N GLY R 19 -30.19 -33.59 40.04
CA GLY R 19 -31.40 -34.00 39.38
C GLY R 19 -31.37 -33.90 37.87
N LYS R 20 -30.44 -33.12 37.32
CA LYS R 20 -30.34 -32.82 35.91
C LYS R 20 -29.88 -34.05 35.11
N ILE R 21 -30.29 -34.08 33.85
CA ILE R 21 -29.89 -35.13 32.91
C ILE R 21 -28.46 -34.84 32.49
N VAL R 22 -27.63 -35.86 32.38
CA VAL R 22 -26.24 -35.62 31.98
C VAL R 22 -26.18 -35.73 30.46
N PRO R 23 -25.37 -34.91 29.80
CA PRO R 23 -25.38 -34.84 28.34
C PRO R 23 -24.74 -36.05 27.69
N SER R 24 -24.65 -36.00 26.37
CA SER R 24 -23.97 -37.08 25.67
C SER R 24 -22.48 -36.84 25.53
N ARG R 25 -21.98 -35.68 25.90
CA ARG R 25 -20.55 -35.50 25.80
C ARG R 25 -19.87 -35.97 27.08
N ILE R 26 -20.64 -36.17 28.14
CA ILE R 26 -20.09 -36.72 29.37
C ILE R 26 -20.17 -38.23 29.38
N THR R 27 -21.38 -38.78 29.38
CA THR R 27 -21.50 -40.22 29.23
C THR R 27 -21.40 -40.60 27.77
N GLY R 28 -20.84 -41.77 27.51
CA GLY R 28 -20.70 -42.14 26.12
C GLY R 28 -21.94 -42.86 25.66
N THR R 29 -22.85 -42.12 25.06
CA THR R 29 -24.16 -42.65 24.71
C THR R 29 -24.52 -42.21 23.30
N LYS R 30 -25.24 -43.07 22.61
CA LYS R 30 -25.58 -42.77 21.23
C LYS R 30 -26.75 -41.82 21.20
N ALA R 31 -26.88 -41.09 20.10
CA ALA R 31 -27.83 -40.00 20.05
C ALA R 31 -29.27 -40.47 20.03
N LYS R 32 -29.52 -41.69 19.53
CA LYS R 32 -30.85 -42.26 19.61
C LYS R 32 -31.21 -42.63 21.03
N TYR R 33 -30.27 -43.19 21.77
CA TYR R 33 -30.59 -43.62 23.11
C TYR R 33 -30.62 -42.48 24.09
N GLN R 34 -29.86 -41.41 23.84
CA GLN R 34 -29.95 -40.23 24.69
C GLN R 34 -31.32 -39.59 24.61
N ARG R 35 -31.87 -39.44 23.40
CA ARG R 35 -33.15 -38.77 23.32
C ARG R 35 -34.29 -39.70 23.73
N GLN R 36 -33.99 -40.98 23.87
CA GLN R 36 -34.85 -41.98 24.45
C GLN R 36 -34.64 -42.08 25.94
N LEU R 37 -33.45 -41.68 26.40
CA LEU R 37 -33.17 -41.56 27.83
C LEU R 37 -33.92 -40.40 28.41
N ALA R 38 -33.85 -39.23 27.77
CA ALA R 38 -34.45 -38.03 28.34
C ALA R 38 -35.95 -37.97 28.11
N THR R 39 -36.54 -39.06 27.66
CA THR R 39 -37.99 -39.19 27.72
C THR R 39 -38.39 -40.08 28.88
N ALA R 40 -37.65 -41.17 29.09
CA ALA R 40 -37.91 -42.03 30.23
C ALA R 40 -37.55 -41.36 31.53
N ILE R 41 -36.58 -40.44 31.52
CA ILE R 41 -36.36 -39.58 32.67
C ILE R 41 -37.59 -38.74 32.93
N LYS R 42 -38.04 -38.00 31.91
CA LYS R 42 -39.15 -37.07 32.06
C LYS R 42 -40.49 -37.74 32.32
N ARG R 43 -40.59 -39.04 32.12
CA ARG R 43 -41.81 -39.75 32.51
C ARG R 43 -41.73 -40.19 33.96
N ALA R 44 -40.59 -40.74 34.35
CA ALA R 44 -40.38 -41.10 35.74
C ALA R 44 -40.28 -39.86 36.61
N ARG R 45 -39.81 -38.76 36.04
CA ARG R 45 -39.71 -37.51 36.78
C ARG R 45 -41.09 -36.95 37.08
N TYR R 46 -41.95 -36.91 36.06
CA TYR R 46 -43.37 -36.56 36.18
C TYR R 46 -44.11 -37.41 37.20
N LEU R 47 -43.86 -38.71 37.14
CA LEU R 47 -44.60 -39.69 37.92
C LEU R 47 -44.06 -39.81 39.33
N ALA R 48 -43.19 -38.89 39.73
CA ALA R 48 -42.63 -38.71 41.08
C ALA R 48 -41.71 -39.85 41.48
N LEU R 49 -41.30 -40.66 40.51
CA LEU R 49 -40.26 -41.64 40.70
C LEU R 49 -38.88 -41.02 40.72
N LEU R 50 -38.76 -39.75 40.33
CA LEU R 50 -37.52 -39.01 40.29
C LEU R 50 -37.85 -37.54 40.50
N PRO R 51 -37.00 -36.80 41.20
CA PRO R 51 -37.30 -35.39 41.47
C PRO R 51 -37.03 -34.57 40.22
N TYR R 52 -37.58 -33.36 40.18
CA TYR R 52 -37.13 -32.45 39.13
C TYR R 52 -35.91 -31.68 39.59
N THR R 53 -35.98 -31.06 40.75
CA THR R 53 -34.85 -30.39 41.35
C THR R 53 -34.35 -31.19 42.54
N ASP R 54 -33.11 -30.92 42.93
CA ASP R 54 -32.37 -31.66 43.95
C ASP R 54 -33.04 -31.72 45.31
N SER R 55 -33.78 -30.67 45.63
CA SER R 55 -34.13 -30.21 46.98
C SER R 55 -34.72 -31.28 47.90
N HIS R 56 -35.86 -31.84 47.52
CA HIS R 56 -36.50 -32.88 48.30
C HIS R 56 -35.97 -34.24 47.86
N PRO S 1 33.89 54.75 36.78
CA PRO S 1 35.02 55.67 36.63
C PRO S 1 34.62 57.14 36.68
N ARG S 2 35.21 57.93 35.79
CA ARG S 2 34.92 59.35 35.57
C ARG S 2 35.10 60.19 36.84
N SER S 3 36.32 60.11 37.37
CA SER S 3 36.76 60.95 38.46
C SER S 3 37.32 62.26 37.91
N LEU S 4 37.81 63.14 38.77
CA LEU S 4 38.12 64.52 38.36
C LEU S 4 39.61 64.67 38.04
N LYS S 5 40.15 63.64 37.38
CA LYS S 5 41.55 63.68 36.93
C LYS S 5 41.72 64.70 35.80
N LYS S 6 40.97 64.52 34.71
CA LYS S 6 40.94 65.48 33.61
C LYS S 6 40.13 66.70 34.06
N GLY S 7 40.82 67.70 34.63
CA GLY S 7 40.15 68.83 35.21
C GLY S 7 39.65 69.89 34.24
N PRO S 8 40.58 70.64 33.62
CA PRO S 8 40.15 71.75 32.77
C PRO S 8 39.85 71.32 31.34
N PHE S 9 38.90 72.03 30.72
CA PHE S 9 38.39 71.70 29.39
C PHE S 9 39.03 72.63 28.35
N ILE S 10 40.26 72.31 27.99
CA ILE S 10 40.96 73.03 26.91
C ILE S 10 40.96 72.12 25.69
N ASP S 11 40.14 72.46 24.69
CA ASP S 11 39.95 71.65 23.50
C ASP S 11 39.83 72.60 22.32
N LEU S 12 40.94 72.84 21.61
CA LEU S 12 41.04 73.99 20.71
C LEU S 12 40.13 73.88 19.49
N HIS S 13 39.83 72.66 19.02
CA HIS S 13 38.87 72.60 17.92
C HIS S 13 37.44 72.73 18.41
N LEU S 14 37.19 72.66 19.73
CA LEU S 14 35.87 72.93 20.27
C LEU S 14 35.85 74.20 21.14
N LEU S 15 37.00 74.84 21.32
CA LEU S 15 37.06 76.05 22.15
C LEU S 15 36.74 77.32 21.36
N LYS S 16 37.19 77.41 20.11
CA LYS S 16 37.48 78.69 19.48
C LYS S 16 36.27 79.43 18.94
N LYS S 17 35.03 78.97 19.19
CA LYS S 17 33.90 79.88 19.04
C LYS S 17 32.95 79.85 20.23
N VAL S 18 33.43 79.54 21.43
CA VAL S 18 32.63 79.63 22.64
C VAL S 18 33.26 80.59 23.64
N GLU S 19 34.58 80.47 23.86
CA GLU S 19 35.28 81.40 24.73
C GLU S 19 35.48 82.76 24.06
N VAL S 20 35.53 82.78 22.73
CA VAL S 20 35.73 84.02 21.98
C VAL S 20 34.48 84.89 22.03
N ALA S 21 33.31 84.29 22.31
CA ALA S 21 32.03 84.97 22.44
C ALA S 21 31.92 85.90 23.67
N VAL S 22 32.96 86.12 24.47
CA VAL S 22 32.91 87.11 25.55
C VAL S 22 32.89 88.54 24.99
N GLU S 23 33.71 88.80 23.97
CA GLU S 23 33.83 90.14 23.41
C GLU S 23 32.58 90.54 22.64
N LYS S 24 31.92 89.58 22.00
CA LYS S 24 30.72 89.85 21.22
C LYS S 24 29.47 89.67 22.07
N ASN S 25 28.46 90.47 21.79
CA ASN S 25 27.27 90.53 22.63
C ASN S 25 26.38 89.30 22.41
N ASP S 26 25.46 89.10 23.36
CA ASP S 26 24.59 87.93 23.37
C ASP S 26 23.34 88.22 22.54
N ARG S 27 23.40 87.88 21.25
CA ARG S 27 22.25 87.99 20.36
C ARG S 27 22.08 86.76 19.47
N LYS S 28 22.79 85.67 19.77
CA LYS S 28 22.91 84.53 18.87
C LYS S 28 23.45 83.35 19.67
N PRO S 29 23.14 82.10 19.27
CA PRO S 29 23.60 80.94 20.07
C PRO S 29 24.95 80.38 19.65
N ILE S 30 25.43 79.38 20.40
CA ILE S 30 26.57 78.58 20.02
C ILE S 30 26.03 77.30 19.38
N LYS S 31 26.38 77.07 18.12
CA LYS S 31 25.71 76.06 17.30
C LYS S 31 26.49 74.75 17.33
N THR S 32 25.77 73.67 17.62
CA THR S 32 26.32 72.43 18.18
C THR S 32 26.19 71.27 17.21
N TRP S 33 27.26 70.50 17.05
CA TRP S 33 27.23 69.29 16.22
C TRP S 33 27.73 68.06 16.95
N SER S 34 27.26 67.85 18.17
CA SER S 34 27.49 66.61 18.90
C SER S 34 26.35 66.41 19.88
N ARG S 35 26.18 65.16 20.31
CA ARG S 35 25.44 64.85 21.52
C ARG S 35 26.25 65.14 22.78
N ARG S 36 27.53 65.53 22.64
CA ARG S 36 28.46 65.70 23.74
C ARG S 36 29.26 66.99 23.67
N SER S 37 28.73 68.07 23.09
CA SER S 37 29.44 69.34 23.04
C SER S 37 29.32 70.04 24.39
N MET S 38 30.17 69.62 25.32
CA MET S 38 30.32 70.31 26.60
C MET S 38 31.24 71.50 26.42
N ILE S 39 31.20 72.44 27.36
CA ILE S 39 32.08 73.61 27.37
C ILE S 39 32.60 73.78 28.79
N LEU S 40 33.37 74.85 28.99
CA LEU S 40 33.96 75.16 30.29
C LEU S 40 32.89 75.49 31.34
N PRO S 41 33.18 75.23 32.63
CA PRO S 41 32.30 75.74 33.69
C PRO S 41 32.42 77.23 33.96
N HIS S 42 33.26 77.95 33.21
CA HIS S 42 33.29 79.40 33.25
C HIS S 42 32.28 80.05 32.31
N MET S 43 31.55 79.26 31.53
CA MET S 43 30.65 79.79 30.51
C MET S 43 29.21 79.35 30.73
N VAL S 44 28.75 79.44 31.98
CA VAL S 44 27.34 79.24 32.30
C VAL S 44 26.59 80.52 31.94
N GLY S 45 25.51 80.37 31.15
CA GLY S 45 24.72 81.50 30.73
C GLY S 45 24.61 81.58 29.22
N LEU S 46 24.80 80.45 28.55
CA LEU S 46 24.82 80.35 27.09
C LEU S 46 23.70 79.43 26.62
N THR S 47 23.74 79.08 25.34
CA THR S 47 22.77 78.18 24.73
C THR S 47 23.52 77.10 23.96
N ILE S 48 23.29 75.84 24.35
CA ILE S 48 23.74 74.68 23.59
C ILE S 48 22.55 73.76 23.35
N ALA S 49 22.11 73.70 22.10
CA ALA S 49 20.98 72.86 21.68
C ALA S 49 21.54 71.54 21.17
N VAL S 50 21.01 70.44 21.70
CA VAL S 50 21.60 69.11 21.52
C VAL S 50 21.43 68.63 20.09
N HIS S 51 22.52 68.58 19.33
CA HIS S 51 22.52 68.01 17.99
C HIS S 51 22.11 66.55 17.98
N ASN S 52 20.99 66.26 17.32
CA ASN S 52 20.71 64.87 16.97
C ASN S 52 20.08 64.68 15.59
N GLY S 53 19.57 65.74 14.94
CA GLY S 53 19.06 65.62 13.59
C GLY S 53 17.85 66.38 13.04
N ARG S 54 16.80 66.75 13.80
CA ARG S 54 15.74 67.49 13.09
C ARG S 54 15.11 68.72 13.76
N GLN S 55 15.11 68.88 15.09
CA GLN S 55 14.68 70.18 15.63
C GLN S 55 15.35 70.46 16.97
N HIS S 56 15.43 71.74 17.32
CA HIS S 56 16.18 72.11 18.51
C HIS S 56 15.26 72.30 19.71
N VAL S 57 15.88 72.36 20.89
CA VAL S 57 15.20 72.12 22.17
C VAL S 57 15.33 73.30 23.12
N PRO S 58 14.39 73.52 24.04
CA PRO S 58 14.55 74.60 25.04
C PRO S 58 15.51 74.21 26.16
N VAL S 59 16.66 74.88 26.18
CA VAL S 59 17.73 74.64 27.14
C VAL S 59 17.84 75.88 28.03
N LEU S 60 17.40 75.77 29.28
CA LEU S 60 17.42 76.90 30.21
C LEU S 60 18.66 76.77 31.10
N VAL S 61 19.77 77.29 30.62
CA VAL S 61 21.03 77.25 31.35
C VAL S 61 20.94 78.24 32.52
N ASN S 62 20.85 77.71 33.73
CA ASN S 62 20.79 78.54 34.92
C ASN S 62 22.05 78.37 35.75
N GLU S 63 22.10 79.09 36.86
CA GLU S 63 23.31 79.53 37.53
C GLU S 63 24.15 78.43 38.18
N ASP S 64 23.67 77.18 38.26
CA ASP S 64 24.32 76.14 39.06
C ASP S 64 24.43 74.86 38.25
N MET S 65 25.61 74.58 37.68
CA MET S 65 25.84 73.38 36.86
C MET S 65 27.24 72.86 37.11
N VAL S 66 27.40 71.54 37.37
CA VAL S 66 28.74 71.00 37.58
C VAL S 66 29.06 69.67 36.88
N GLY S 67 28.05 68.85 36.58
CA GLY S 67 28.24 67.41 36.49
C GLY S 67 28.56 66.61 35.23
N HIS S 68 27.70 66.64 34.20
CA HIS S 68 27.69 65.59 33.19
C HIS S 68 27.20 66.15 31.86
N LYS S 69 26.90 65.25 30.92
CA LYS S 69 26.58 65.60 29.53
C LYS S 69 25.23 66.30 29.42
N LEU S 70 24.85 66.55 28.17
CA LEU S 70 23.66 67.30 27.82
C LEU S 70 22.53 66.38 27.39
N GLY S 71 22.53 65.14 27.88
CA GLY S 71 21.52 64.13 27.60
C GLY S 71 20.25 64.26 28.39
N GLU S 72 20.04 65.38 29.08
CA GLU S 72 18.82 65.65 29.82
C GLU S 72 17.98 66.76 29.23
N PHE S 73 18.59 67.69 28.48
CA PHE S 73 17.83 68.75 27.85
C PHE S 73 17.00 68.21 26.69
N ALA S 74 17.67 67.69 25.67
CA ALA S 74 17.04 66.73 24.79
C ALA S 74 17.44 65.34 25.24
N ALA S 75 16.48 64.60 25.79
CA ALA S 75 16.77 63.34 26.45
C ALA S 75 17.15 62.26 25.43
N THR S 76 17.66 61.15 25.94
CA THR S 76 18.02 60.02 25.11
C THR S 76 16.77 59.41 24.49
N ARG S 77 15.89 58.87 25.33
CA ARG S 77 14.54 58.51 24.93
C ARG S 77 13.66 59.75 25.08
N THR S 78 12.96 60.10 24.01
CA THR S 78 12.22 61.36 23.99
C THR S 78 10.73 61.18 24.21
N TYR S 79 10.23 59.95 24.40
CA TYR S 79 8.82 59.63 24.60
C TYR S 79 7.99 60.11 23.39
N ARG S 80 8.25 59.45 22.27
CA ARG S 80 7.63 59.79 20.98
C ARG S 80 6.12 59.55 20.93
N ASN T 2 -64.14 26.25 -65.87
CA ASN T 2 -63.54 27.55 -66.15
C ASN T 2 -62.60 27.54 -67.34
N THR T 3 -62.96 26.77 -68.36
CA THR T 3 -62.34 26.84 -69.67
C THR T 3 -63.50 26.51 -70.58
N PRO T 4 -63.54 27.02 -71.81
CA PRO T 4 -64.69 26.74 -72.68
C PRO T 4 -64.86 25.28 -73.08
N SER T 5 -63.88 24.43 -72.84
CA SER T 5 -64.05 23.01 -73.11
C SER T 5 -64.70 22.30 -71.95
N ALA T 6 -64.49 22.77 -70.74
CA ALA T 6 -65.12 22.17 -69.58
C ALA T 6 -66.49 22.74 -69.34
N LYS T 7 -66.73 23.97 -69.78
CA LYS T 7 -68.08 24.51 -69.77
C LYS T 7 -68.96 23.77 -70.75
N LYS T 8 -68.38 23.27 -71.83
CA LYS T 8 -69.17 22.52 -72.80
C LYS T 8 -69.46 21.11 -72.31
N ARG T 9 -68.58 20.49 -71.53
CA ARG T 9 -68.86 19.14 -71.08
C ARG T 9 -69.89 19.12 -69.96
N ALA T 10 -69.84 20.10 -69.07
CA ALA T 10 -70.83 20.17 -68.00
C ALA T 10 -72.20 20.50 -68.56
N LYS T 11 -72.24 21.32 -69.60
CA LYS T 11 -73.49 21.68 -70.26
C LYS T 11 -74.11 20.51 -71.00
N GLN T 12 -73.31 19.64 -71.62
CA GLN T 12 -73.84 18.52 -72.36
C GLN T 12 -73.83 17.22 -71.57
N ALA T 13 -73.45 17.27 -70.30
CA ALA T 13 -73.69 16.10 -69.47
C ALA T 13 -75.02 16.20 -68.78
N GLU T 14 -75.54 17.42 -68.61
CA GLU T 14 -76.90 17.58 -68.13
C GLU T 14 -77.94 17.20 -69.17
N LYS T 15 -77.67 17.49 -70.45
CA LYS T 15 -78.53 17.04 -71.52
C LYS T 15 -78.55 15.51 -71.57
N ARG T 16 -77.42 14.89 -71.30
CA ARG T 16 -77.38 13.44 -71.28
C ARG T 16 -77.85 12.88 -69.96
N ARG T 17 -77.85 13.69 -68.91
CA ARG T 17 -78.44 13.22 -67.66
C ARG T 17 -79.94 13.25 -67.76
N SER T 18 -80.49 14.26 -68.41
CA SER T 18 -81.93 14.37 -68.58
C SER T 18 -82.45 13.31 -69.51
N HIS T 19 -81.77 13.10 -70.62
CA HIS T 19 -82.14 12.06 -71.56
C HIS T 19 -82.01 10.66 -70.97
N ASN T 20 -80.89 10.34 -70.33
CA ASN T 20 -80.72 8.98 -69.82
C ASN T 20 -81.56 8.69 -68.59
N ALA T 21 -82.04 9.70 -67.88
CA ALA T 21 -82.92 9.45 -66.75
C ALA T 21 -84.27 8.98 -67.23
N SER T 22 -84.73 9.48 -68.38
CA SER T 22 -85.94 9.00 -69.02
C SER T 22 -85.82 7.52 -69.37
N LEU T 23 -84.73 7.13 -70.00
CA LEU T 23 -84.62 5.77 -70.49
C LEU T 23 -84.30 4.79 -69.38
N ARG T 24 -83.72 5.24 -68.26
CA ARG T 24 -83.64 4.35 -67.11
C ARG T 24 -84.96 4.24 -66.39
N SER T 25 -85.72 5.33 -66.34
CA SER T 25 -87.00 5.30 -65.65
C SER T 25 -87.98 4.37 -66.35
N MET T 26 -87.93 4.33 -67.68
CA MET T 26 -88.82 3.49 -68.46
C MET T 26 -88.49 2.01 -68.35
N VAL T 27 -87.31 1.68 -67.83
CA VAL T 27 -86.92 0.29 -67.62
C VAL T 27 -87.36 -0.20 -66.26
N ARG T 28 -87.28 0.66 -65.24
CA ARG T 28 -87.75 0.28 -63.92
C ARG T 28 -89.24 -0.01 -63.90
N THR T 29 -90.02 0.79 -64.63
CA THR T 29 -91.47 0.58 -64.64
C THR T 29 -91.86 -0.65 -65.43
N TYR T 30 -91.11 -1.01 -66.46
CA TYR T 30 -91.40 -2.26 -67.14
C TYR T 30 -91.06 -3.47 -66.29
N ILE T 31 -90.17 -3.33 -65.32
CA ILE T 31 -89.86 -4.43 -64.41
C ILE T 31 -90.76 -4.37 -63.19
N LYS T 32 -91.40 -3.23 -62.91
CA LYS T 32 -92.40 -3.22 -61.84
C LYS T 32 -93.62 -4.04 -62.23
N ASN T 33 -94.07 -3.86 -63.45
CA ASN T 33 -95.30 -4.44 -63.93
C ASN T 33 -95.16 -5.95 -64.05
N VAL T 34 -93.94 -6.42 -64.28
CA VAL T 34 -93.70 -7.85 -64.23
C VAL T 34 -93.67 -8.30 -62.79
N VAL T 35 -93.07 -7.53 -61.89
CA VAL T 35 -92.96 -7.96 -60.51
C VAL T 35 -94.31 -7.84 -59.79
N LYS T 36 -95.08 -6.79 -60.10
CA LYS T 36 -96.41 -6.68 -59.53
C LYS T 36 -97.36 -7.75 -60.05
N ALA T 37 -97.13 -8.25 -61.27
CA ALA T 37 -97.95 -9.35 -61.76
C ALA T 37 -97.43 -10.69 -61.27
N ILE T 38 -96.22 -10.73 -60.71
CA ILE T 38 -95.75 -11.96 -60.08
C ILE T 38 -96.17 -11.99 -58.62
N ASP T 39 -96.25 -10.82 -58.00
CA ASP T 39 -96.75 -10.76 -56.63
C ASP T 39 -98.25 -10.99 -56.56
N ALA T 40 -99.02 -10.35 -57.42
CA ALA T 40 -100.47 -10.49 -57.40
C ALA T 40 -100.97 -11.76 -58.09
N LYS T 41 -100.08 -12.70 -58.37
CA LYS T 41 -100.40 -14.05 -58.87
C LYS T 41 -101.12 -14.06 -60.20
N ASP T 42 -101.03 -12.99 -60.98
CA ASP T 42 -101.65 -12.93 -62.30
C ASP T 42 -100.68 -13.51 -63.31
N LEU T 43 -100.74 -14.82 -63.51
CA LEU T 43 -99.90 -15.46 -64.52
C LEU T 43 -100.22 -14.99 -65.92
N GLU T 44 -101.49 -14.69 -66.20
CA GLU T 44 -101.85 -14.28 -67.54
C GLU T 44 -101.47 -12.82 -67.79
N LYS T 45 -101.26 -12.04 -66.73
CA LYS T 45 -100.72 -10.70 -66.93
C LYS T 45 -99.23 -10.63 -66.64
N ALA T 46 -98.66 -11.71 -66.11
CA ALA T 46 -97.21 -11.77 -66.02
C ALA T 46 -96.59 -11.85 -67.39
N GLN T 47 -97.11 -12.74 -68.25
CA GLN T 47 -96.59 -12.77 -69.62
C GLN T 47 -97.08 -11.58 -70.43
N ALA T 48 -98.10 -10.87 -69.98
CA ALA T 48 -98.53 -9.68 -70.71
C ALA T 48 -97.56 -8.54 -70.47
N ALA T 49 -96.93 -8.51 -69.29
CA ALA T 49 -95.96 -7.47 -68.99
C ALA T 49 -94.56 -7.91 -69.36
N PHE T 50 -94.26 -9.20 -69.23
CA PHE T 50 -92.93 -9.70 -69.55
C PHE T 50 -92.67 -9.68 -71.05
N THR T 51 -93.71 -9.82 -71.85
CA THR T 51 -93.52 -9.68 -73.28
C THR T 51 -93.53 -8.21 -73.66
N ALA T 52 -94.00 -7.34 -72.77
CA ALA T 52 -93.81 -5.93 -72.98
C ALA T 52 -92.44 -5.47 -72.53
N ALA T 53 -91.91 -6.06 -71.45
CA ALA T 53 -90.71 -5.55 -70.81
C ALA T 53 -89.42 -6.01 -71.47
N VAL T 54 -89.37 -7.26 -71.93
CA VAL T 54 -88.16 -7.78 -72.55
C VAL T 54 -87.71 -7.00 -73.78
N PRO T 55 -88.59 -6.56 -74.72
CA PRO T 55 -88.09 -5.66 -75.76
C PRO T 55 -87.60 -4.32 -75.28
N VAL T 56 -88.00 -3.85 -74.10
CA VAL T 56 -87.57 -2.57 -73.60
C VAL T 56 -86.31 -2.68 -72.75
N ILE T 57 -86.16 -3.78 -72.02
CA ILE T 57 -84.92 -4.07 -71.32
C ILE T 57 -83.76 -4.18 -72.30
N ASP T 58 -83.97 -4.87 -73.40
CA ASP T 58 -82.87 -5.08 -74.33
C ASP T 58 -82.60 -3.87 -75.21
N ARG T 59 -83.64 -3.15 -75.63
CA ARG T 59 -83.44 -2.00 -76.50
C ARG T 59 -82.70 -0.90 -75.78
N MET T 60 -82.86 -0.79 -74.46
CA MET T 60 -82.13 0.20 -73.70
C MET T 60 -80.74 -0.27 -73.31
N ALA T 61 -80.55 -1.58 -73.19
CA ALA T 61 -79.24 -2.08 -72.80
C ALA T 61 -78.26 -2.01 -73.95
N ASP T 62 -78.76 -1.86 -75.16
CA ASP T 62 -77.89 -1.78 -76.30
C ASP T 62 -77.37 -0.37 -76.52
N LYS T 63 -78.15 0.64 -76.16
CA LYS T 63 -77.63 2.00 -76.17
C LYS T 63 -76.88 2.35 -74.90
N GLY T 64 -76.63 1.39 -74.04
CA GLY T 64 -75.77 1.59 -72.90
C GLY T 64 -76.39 2.31 -71.74
N ILE T 65 -77.72 2.33 -71.64
CA ILE T 65 -78.35 3.00 -70.52
C ILE T 65 -78.23 2.13 -69.27
N ILE T 66 -78.47 0.84 -69.41
CA ILE T 66 -78.09 -0.12 -68.37
C ILE T 66 -77.09 -1.06 -69.00
N HIS T 67 -76.55 -2.01 -68.25
CA HIS T 67 -75.53 -2.86 -68.80
C HIS T 67 -76.15 -4.15 -69.32
N LYS T 68 -75.50 -4.76 -70.31
CA LYS T 68 -76.04 -5.97 -70.93
C LYS T 68 -75.93 -7.19 -70.03
N ASN T 69 -75.23 -7.09 -68.91
CA ASN T 69 -75.34 -8.13 -67.90
C ASN T 69 -76.43 -7.82 -66.90
N LYS T 70 -76.72 -6.54 -66.71
CA LYS T 70 -77.90 -6.17 -65.93
C LYS T 70 -79.17 -6.56 -66.67
N ALA T 71 -79.16 -6.47 -67.99
CA ALA T 71 -80.34 -6.81 -68.78
C ALA T 71 -80.61 -8.29 -68.75
N ALA T 72 -79.58 -9.10 -68.95
CA ALA T 72 -79.73 -10.55 -68.87
C ALA T 72 -80.09 -11.00 -67.48
N ARG T 73 -79.74 -10.24 -66.46
CA ARG T 73 -80.04 -10.66 -65.11
C ARG T 73 -81.52 -10.53 -64.80
N HIS T 74 -82.17 -9.46 -65.28
CA HIS T 74 -83.61 -9.33 -65.09
C HIS T 74 -84.38 -10.38 -65.86
N LYS T 75 -84.04 -10.59 -67.12
CA LYS T 75 -84.77 -11.56 -67.94
C LYS T 75 -84.55 -12.97 -67.45
N SER T 76 -83.41 -13.25 -66.85
CA SER T 76 -83.25 -14.56 -66.26
C SER T 76 -84.00 -14.70 -64.96
N ARG T 77 -84.12 -13.62 -64.18
CA ARG T 77 -84.77 -13.76 -62.90
C ARG T 77 -86.28 -13.65 -63.02
N LEU T 78 -86.76 -12.79 -63.90
CA LEU T 78 -88.21 -12.64 -64.04
C LEU T 78 -88.82 -13.86 -64.71
N SER T 79 -88.19 -14.37 -65.76
CA SER T 79 -88.68 -15.61 -66.34
C SER T 79 -88.30 -16.84 -65.54
N GLY T 80 -87.62 -16.68 -64.40
CA GLY T 80 -87.52 -17.77 -63.45
C GLY T 80 -88.63 -17.72 -62.42
N HIS T 81 -89.26 -16.57 -62.27
CA HIS T 81 -90.43 -16.49 -61.38
C HIS T 81 -91.72 -16.85 -62.09
N ILE T 82 -91.77 -16.68 -63.40
CA ILE T 82 -92.99 -16.99 -64.13
C ILE T 82 -93.14 -18.51 -64.29
N LYS T 83 -92.02 -19.21 -64.45
CA LYS T 83 -92.07 -20.67 -64.35
C LYS T 83 -92.29 -21.13 -62.92
N ALA T 84 -92.07 -20.26 -61.94
CA ALA T 84 -92.41 -20.63 -60.58
C ALA T 84 -93.90 -20.43 -60.30
N LEU T 85 -94.60 -19.70 -61.18
CA LEU T 85 -96.06 -19.63 -61.14
C LEU T 85 -96.62 -20.79 -61.95
N SER T 86 -96.46 -21.99 -61.41
CA SER T 86 -97.06 -23.20 -61.92
C SER T 86 -97.15 -24.23 -60.80
N SER U 1 -25.72 -15.01 33.70
CA SER U 1 -26.87 -15.74 34.19
C SER U 1 -28.06 -15.61 33.23
N ARG U 2 -29.26 -15.51 33.80
CA ARG U 2 -30.48 -15.23 33.05
C ARG U 2 -30.93 -13.82 33.37
N GLU U 3 -29.98 -12.90 33.42
CA GLU U 3 -30.21 -11.55 33.89
C GLU U 3 -31.03 -10.75 32.90
N PHE U 4 -30.65 -10.77 31.63
CA PHE U 4 -31.29 -10.02 30.59
C PHE U 4 -31.91 -10.97 29.57
N TYR U 5 -32.85 -10.47 28.78
CA TYR U 5 -33.42 -11.29 27.73
C TYR U 5 -32.44 -11.35 26.57
N GLU U 6 -32.12 -12.56 26.16
CA GLU U 6 -31.25 -12.78 25.01
C GLU U 6 -32.18 -13.05 23.84
N LYS U 7 -32.28 -12.05 22.94
CA LYS U 7 -33.11 -12.10 21.74
C LYS U 7 -32.64 -13.29 20.92
N PRO U 8 -33.55 -14.16 20.47
CA PRO U 8 -33.13 -15.46 19.92
C PRO U 8 -32.42 -15.43 18.58
N THR U 9 -32.10 -14.27 18.01
CA THR U 9 -31.05 -14.21 17.01
C THR U 9 -29.68 -14.31 17.62
N ALA U 10 -29.40 -13.53 18.66
CA ALA U 10 -28.10 -13.58 19.31
C ALA U 10 -27.94 -14.76 20.26
N GLU U 11 -29.03 -15.47 20.55
CA GLU U 11 -28.95 -16.71 21.29
C GLU U 11 -28.77 -17.91 20.38
N ARG U 12 -29.23 -17.83 19.13
CA ARG U 12 -28.92 -18.83 18.12
C ARG U 12 -27.55 -18.64 17.48
N ARG U 13 -26.66 -17.86 18.09
CA ARG U 13 -25.27 -17.80 17.66
C ARG U 13 -24.45 -18.62 18.65
N ARG U 14 -24.21 -19.88 18.30
CA ARG U 14 -23.54 -20.86 19.13
C ARG U 14 -22.32 -21.41 18.41
N LYS U 15 -21.61 -22.33 19.08
CA LYS U 15 -20.32 -22.88 18.65
C LYS U 15 -19.29 -21.76 18.53
N ALA U 16 -18.74 -21.39 19.68
CA ALA U 16 -17.56 -20.52 19.70
C ALA U 16 -16.41 -21.11 18.88
N ALA U 17 -15.83 -22.22 19.32
CA ALA U 17 -14.76 -22.84 18.54
C ALA U 17 -14.74 -24.36 18.65
N ALA U 18 -15.90 -25.00 18.87
CA ALA U 18 -15.88 -26.38 19.34
C ALA U 18 -15.61 -27.37 18.21
N ALA U 19 -15.66 -26.93 16.95
CA ALA U 19 -15.16 -27.73 15.84
C ALA U 19 -13.78 -27.28 15.41
N VAL U 20 -13.06 -26.61 16.31
CA VAL U 20 -11.66 -26.25 16.16
C VAL U 20 -10.93 -26.80 17.38
N LYS U 21 -11.39 -26.39 18.56
CA LYS U 21 -10.73 -26.76 19.80
C LYS U 21 -11.03 -28.20 20.23
N ARG U 22 -11.90 -28.91 19.51
CA ARG U 22 -12.20 -30.31 19.76
C ARG U 22 -12.18 -31.15 18.50
N HIS U 23 -11.99 -30.53 17.33
CA HIS U 23 -11.87 -31.21 16.05
C HIS U 23 -10.50 -31.03 15.45
N ALA U 24 -9.93 -29.83 15.50
CA ALA U 24 -8.56 -29.62 15.09
C ALA U 24 -7.58 -29.76 16.25
N LYS U 25 -8.05 -30.27 17.38
CA LYS U 25 -7.16 -30.58 18.50
C LYS U 25 -6.25 -31.76 18.15
N LYS U 26 -6.78 -32.72 17.38
CA LYS U 26 -6.01 -33.85 16.88
C LYS U 26 -5.49 -33.61 15.47
N VAL U 27 -5.36 -32.35 15.05
CA VAL U 27 -4.83 -31.99 13.76
C VAL U 27 -3.60 -31.10 13.88
N GLN U 28 -3.69 -30.05 14.69
CA GLN U 28 -2.61 -29.08 14.82
C GLN U 28 -1.51 -29.61 15.73
N ARG U 29 -1.82 -30.61 16.55
CA ARG U 29 -0.83 -31.30 17.37
C ARG U 29 -0.16 -32.46 16.67
N GLU U 30 -0.37 -32.61 15.36
CA GLU U 30 0.24 -33.68 14.58
C GLU U 30 1.58 -33.28 13.97
N GLN U 31 2.15 -32.16 14.39
CA GLN U 31 3.52 -31.82 14.03
C GLN U 31 4.53 -32.59 14.86
N ARG U 32 4.11 -33.09 16.02
CA ARG U 32 4.95 -33.87 16.92
C ARG U 32 4.54 -35.33 17.03
N ARG U 33 3.24 -35.62 16.92
CA ARG U 33 2.71 -36.96 17.18
C ARG U 33 2.72 -37.86 15.96
N ARG U 34 3.59 -37.59 14.98
CA ARG U 34 3.77 -38.52 13.86
C ARG U 34 5.05 -39.33 14.05
#